data_9DQI
#
_entry.id   9DQI
#
_cell.length_a   101.565
_cell.length_b   139.978
_cell.length_c   183.859
_cell.angle_alpha   90.00
_cell.angle_beta   90.00
_cell.angle_gamma   90.00
#
_symmetry.space_group_name_H-M   'P 21 21 21'
#
loop_
_entity.id
_entity.type
_entity.pdbx_description
1 polymer '2-succinyl-5-enolpyruvyl-6-hydroxy-3-cyclohexene-1-carboxylate synthase'
2 non-polymer 1,2-ETHANEDIOL
3 non-polymer 'CHLORIDE ION'
4 non-polymer 'THIAMINE DIPHOSPHATE'
5 non-polymer '1,4-dihydroxy-2-naphthoic acid'
6 non-polymer 'MAGNESIUM ION'
7 water water
#
_entity_poly.entity_id   1
_entity_poly.type   'polypeptide(L)'
_entity_poly.pdbx_seq_one_letter_code
;MGSSHHHHHHSSGLVPRGSHMNPSTTQARVVVDELIRGGVRDVVLCPGSRNAPLAFALQDADRSGRIRLHVRIDERTAGY
LAIGLAIGAGAPVCVAMTSGTAVANLGPAVVEANYARVPLIVLSANRPYELLGTGANQTMEQLGYFGTQVRASISLGLAE
DAPERTSALNATWRSATCRVLAAATGARTANAGPVHFDIPLREPLVPDPEPLGAVTPPGRPAGKPWTYTPPVTFDQPLDI
DLSVDTVVISGHGAGVHPNLAALPTVAEPTAPRSGDNPLHPLALPLLRPQQVIMLGRPTLHRPVSVLLADAEVPVFALTT
GPRWPNVSGNSQATGTRAVTTGAPRPAWLDRCAAMNRHAIAAVREQLAAHPLTTGLHVAAAVSHALRPGDQLVLGASNPV
RDVALAGLDTRGIRVRSNRGVAGIDGTVSTAIGAALAYEGAHERTGSPDSPPRTIALIGDLTFVHDSSGLLIGPTEPIPR
SLTIVVSNDNGGGIFELLEQGDPRFSDVSSRIFGTPHDVDVGALCRAYHVESRQIEVDELGPTLDQPGAGMRVLEVKADR
SSLRQLHAAIKAAL
;
_entity_poly.pdbx_strand_id   A,D,B,C
#
loop_
_chem_comp.id
_chem_comp.type
_chem_comp.name
_chem_comp.formula
CL non-polymer 'CHLORIDE ION' 'Cl -1'
DNA non-polymer '1,4-dihydroxy-2-naphthoic acid' 'C11 H8 O4'
EDO non-polymer 1,2-ETHANEDIOL 'C2 H6 O2'
MG non-polymer 'MAGNESIUM ION' 'Mg 2'
TPP non-polymer 'THIAMINE DIPHOSPHATE' 'C12 H19 N4 O7 P2 S 1'
#
# COMPACT_ATOMS: atom_id res chain seq x y z
N HIS A 20 38.72 -1.00 10.67
CA HIS A 20 37.29 -0.74 10.82
C HIS A 20 36.72 0.05 9.63
N MET A 21 35.54 -0.36 9.17
CA MET A 21 34.83 0.31 8.10
C MET A 21 33.50 0.83 8.63
N ASN A 22 33.11 2.05 8.21
CA ASN A 22 31.85 2.59 8.67
C ASN A 22 30.70 1.70 8.18
N PRO A 23 29.55 1.74 8.87
CA PRO A 23 28.49 0.76 8.53
C PRO A 23 27.97 0.89 7.11
N SER A 24 27.81 2.11 6.59
CA SER A 24 27.24 2.27 5.25
C SER A 24 28.18 1.72 4.19
N THR A 25 29.49 1.90 4.37
CA THR A 25 30.46 1.38 3.40
C THR A 25 30.46 -0.14 3.43
N THR A 26 30.41 -0.73 4.62
CA THR A 26 30.43 -2.18 4.73
C THR A 26 29.20 -2.78 4.06
N GLN A 27 28.01 -2.28 4.42
CA GLN A 27 26.77 -2.79 3.84
C GLN A 27 26.79 -2.68 2.33
N ALA A 28 27.24 -1.56 1.78
CA ALA A 28 27.26 -1.39 0.33
C ALA A 28 28.22 -2.36 -0.35
N ARG A 29 29.38 -2.62 0.27
CA ARG A 29 30.34 -3.52 -0.36
C ARG A 29 29.86 -4.96 -0.30
N VAL A 30 29.17 -5.34 0.78
CA VAL A 30 28.59 -6.68 0.87
C VAL A 30 27.51 -6.87 -0.20
N VAL A 31 26.60 -5.89 -0.32
CA VAL A 31 25.49 -6.00 -1.27
C VAL A 31 26.02 -6.11 -2.70
N VAL A 32 26.97 -5.24 -3.07
CA VAL A 32 27.54 -5.26 -4.41
C VAL A 32 28.22 -6.59 -4.69
N ASP A 33 28.90 -7.14 -3.67
CA ASP A 33 29.56 -8.43 -3.84
C ASP A 33 28.57 -9.56 -4.07
N GLU A 34 27.48 -9.59 -3.30
CA GLU A 34 26.48 -10.62 -3.48
C GLU A 34 25.75 -10.50 -4.81
N LEU A 35 25.53 -9.26 -5.28
CA LEU A 35 24.90 -9.07 -6.58
C LEU A 35 25.77 -9.62 -7.70
N ILE A 36 27.09 -9.41 -7.60
CA ILE A 36 28.01 -9.94 -8.60
C ILE A 36 27.95 -11.46 -8.62
N ARG A 37 27.95 -12.09 -7.43
CA ARG A 37 27.90 -13.54 -7.35
C ARG A 37 26.61 -14.12 -7.89
N GLY A 38 25.57 -13.31 -8.03
CA GLY A 38 24.29 -13.74 -8.58
C GLY A 38 24.16 -13.59 -10.07
N GLY A 39 25.23 -13.22 -10.77
CA GLY A 39 25.19 -13.10 -12.21
C GLY A 39 25.01 -11.68 -12.72
N VAL A 40 24.95 -10.69 -11.84
CA VAL A 40 24.82 -9.31 -12.28
C VAL A 40 26.13 -8.86 -12.92
N ARG A 41 26.09 -8.57 -14.21
CA ARG A 41 27.27 -8.15 -14.95
C ARG A 41 27.27 -6.67 -15.29
N ASP A 42 26.11 -6.04 -15.38
CA ASP A 42 26.00 -4.62 -15.72
C ASP A 42 25.14 -3.93 -14.68
N VAL A 43 25.57 -2.75 -14.25
CA VAL A 43 24.81 -1.93 -13.31
C VAL A 43 24.71 -0.53 -13.90
N VAL A 44 23.50 0.01 -13.92
CA VAL A 44 23.26 1.40 -14.31
C VAL A 44 23.21 2.22 -13.04
N LEU A 45 23.95 3.33 -13.00
CA LEU A 45 24.01 4.18 -11.83
C LEU A 45 23.62 5.61 -12.21
N CYS A 46 22.79 6.22 -11.36
CA CYS A 46 22.45 7.63 -11.53
C CYS A 46 22.99 8.44 -10.36
N PRO A 47 23.54 9.62 -10.61
CA PRO A 47 24.27 10.34 -9.56
C PRO A 47 23.36 10.86 -8.47
N GLY A 48 23.90 10.87 -7.25
CA GLY A 48 23.22 11.45 -6.10
C GLY A 48 24.15 11.40 -4.90
N SER A 49 23.69 12.02 -3.82
CA SER A 49 24.48 12.03 -2.59
C SER A 49 24.09 10.90 -1.64
N ARG A 50 22.79 10.61 -1.52
CA ARG A 50 22.34 9.58 -0.60
C ARG A 50 22.79 8.19 -1.03
N ASN A 51 22.98 7.97 -2.33
CA ASN A 51 23.44 6.68 -2.83
C ASN A 51 24.94 6.60 -3.02
N ALA A 52 25.69 7.56 -2.45
CA ALA A 52 27.15 7.51 -2.52
C ALA A 52 27.75 6.18 -2.06
N PRO A 53 27.32 5.56 -0.95
CA PRO A 53 27.92 4.27 -0.59
C PRO A 53 27.83 3.24 -1.71
N LEU A 54 26.64 3.10 -2.32
CA LEU A 54 26.49 2.19 -3.46
C LEU A 54 27.37 2.64 -4.62
N ALA A 55 27.42 3.94 -4.89
CA ALA A 55 28.24 4.45 -5.98
C ALA A 55 29.70 4.07 -5.80
N PHE A 56 30.24 4.30 -4.59
CA PHE A 56 31.64 3.97 -4.34
C PHE A 56 31.91 2.49 -4.53
N ALA A 57 31.03 1.64 -3.98
CA ALA A 57 31.28 0.20 -4.07
C ALA A 57 31.11 -0.29 -5.51
N LEU A 58 30.18 0.30 -6.26
CA LEU A 58 30.01 -0.11 -7.65
C LEU A 58 31.19 0.34 -8.50
N GLN A 59 31.71 1.55 -8.24
CA GLN A 59 32.85 2.04 -9.01
C GLN A 59 34.08 1.18 -8.79
N ASP A 60 34.28 0.70 -7.57
CA ASP A 60 35.47 -0.11 -7.29
C ASP A 60 35.36 -1.49 -7.95
N ALA A 61 34.17 -2.08 -7.94
CA ALA A 61 33.97 -3.34 -8.65
C ALA A 61 34.18 -3.18 -10.15
N ASP A 62 33.86 -2.01 -10.70
CA ASP A 62 34.11 -1.78 -12.13
C ASP A 62 35.60 -1.56 -12.40
N ARG A 63 36.32 -0.97 -11.45
CA ARG A 63 37.75 -0.80 -11.63
C ARG A 63 38.50 -2.14 -11.61
N SER A 64 38.01 -3.11 -10.84
CA SER A 64 38.59 -4.43 -10.81
C SER A 64 38.02 -5.37 -11.86
N GLY A 65 37.15 -4.88 -12.74
CA GLY A 65 36.64 -5.66 -13.84
C GLY A 65 35.61 -6.71 -13.48
N ARG A 66 34.98 -6.62 -12.31
CA ARG A 66 33.97 -7.61 -11.94
C ARG A 66 32.60 -7.27 -12.54
N ILE A 67 32.33 -5.99 -12.78
CA ILE A 67 31.10 -5.54 -13.44
C ILE A 67 31.46 -4.38 -14.35
N ARG A 68 30.54 -4.09 -15.27
CA ARG A 68 30.61 -2.90 -16.11
C ARG A 68 29.58 -1.91 -15.61
N LEU A 69 30.02 -0.70 -15.30
CA LEU A 69 29.17 0.34 -14.74
C LEU A 69 28.77 1.31 -15.84
N HIS A 70 27.48 1.67 -15.89
CA HIS A 70 26.95 2.59 -16.88
C HIS A 70 26.28 3.75 -16.14
N VAL A 71 26.85 4.94 -16.27
CA VAL A 71 26.35 6.12 -15.58
C VAL A 71 25.42 6.88 -16.53
N ARG A 72 24.25 7.28 -16.03
CA ARG A 72 23.33 8.11 -16.77
C ARG A 72 22.77 9.18 -15.84
N ILE A 73 22.27 10.25 -16.45
CA ILE A 73 21.76 11.41 -15.72
C ILE A 73 20.24 11.34 -15.53
N ASP A 74 19.51 10.85 -16.52
CA ASP A 74 18.05 10.80 -16.48
C ASP A 74 17.63 9.39 -16.05
N GLU A 75 17.06 9.28 -14.84
CA GLU A 75 16.71 7.97 -14.29
C GLU A 75 15.66 7.25 -15.13
N ARG A 76 14.74 7.97 -15.78
CA ARG A 76 13.70 7.29 -16.53
C ARG A 76 14.29 6.53 -17.71
N THR A 77 15.12 7.20 -18.50
CA THR A 77 15.75 6.50 -19.62
C THR A 77 16.82 5.53 -19.14
N ALA A 78 17.40 5.77 -17.96
CA ALA A 78 18.36 4.81 -17.42
C ALA A 78 17.67 3.50 -17.03
N GLY A 79 16.39 3.55 -16.67
CA GLY A 79 15.66 2.32 -16.44
C GLY A 79 15.49 1.51 -17.71
N TYR A 80 15.24 2.18 -18.83
CA TYR A 80 15.12 1.46 -20.10
C TYR A 80 16.48 1.00 -20.62
N LEU A 81 17.54 1.73 -20.30
CA LEU A 81 18.87 1.21 -20.59
C LEU A 81 19.09 -0.13 -19.89
N ALA A 82 18.65 -0.24 -18.64
CA ALA A 82 18.83 -1.46 -17.87
C ALA A 82 17.99 -2.60 -18.44
N ILE A 83 16.79 -2.30 -18.91
CA ILE A 83 15.98 -3.30 -19.60
C ILE A 83 16.75 -3.83 -20.82
N GLY A 84 17.34 -2.91 -21.59
CA GLY A 84 18.16 -3.33 -22.71
C GLY A 84 19.31 -4.23 -22.29
N LEU A 85 20.02 -3.83 -21.23
CA LEU A 85 21.13 -4.64 -20.74
C LEU A 85 20.69 -6.01 -20.25
N ALA A 86 19.40 -6.19 -19.94
CA ALA A 86 18.88 -7.46 -19.47
C ALA A 86 18.35 -8.34 -20.59
N ILE A 87 17.64 -7.76 -21.57
CA ILE A 87 17.14 -8.58 -22.67
C ILE A 87 18.23 -8.86 -23.71
N GLY A 88 19.34 -8.12 -23.67
CA GLY A 88 20.40 -8.35 -24.64
C GLY A 88 21.05 -9.72 -24.49
N ALA A 89 21.16 -10.21 -23.26
CA ALA A 89 21.77 -11.51 -23.03
C ALA A 89 21.07 -12.35 -21.97
N GLY A 90 20.10 -11.83 -21.24
CA GLY A 90 19.34 -12.63 -20.29
C GLY A 90 19.82 -12.58 -18.85
N ALA A 91 20.57 -11.56 -18.46
CA ALA A 91 21.12 -11.50 -17.11
C ALA A 91 20.36 -10.47 -16.28
N PRO A 92 20.28 -10.67 -14.95
CA PRO A 92 19.71 -9.63 -14.10
C PRO A 92 20.57 -8.37 -14.12
N VAL A 93 19.91 -7.22 -14.14
CA VAL A 93 20.58 -5.93 -14.22
C VAL A 93 20.03 -5.05 -13.12
N CYS A 94 20.93 -4.34 -12.43
CA CYS A 94 20.56 -3.41 -11.39
C CYS A 94 20.63 -1.98 -11.91
N VAL A 95 19.74 -1.15 -11.42
CA VAL A 95 19.82 0.29 -11.62
C VAL A 95 19.76 0.94 -10.25
N ALA A 96 20.76 1.77 -9.94
CA ALA A 96 20.93 2.35 -8.62
C ALA A 96 20.74 3.86 -8.71
N MET A 97 19.92 4.42 -7.82
CA MET A 97 19.73 5.86 -7.80
C MET A 97 19.51 6.32 -6.38
N THR A 98 19.44 7.64 -6.21
CA THR A 98 19.28 8.28 -4.92
C THR A 98 17.80 8.34 -4.51
N SER A 99 17.52 8.98 -3.39
CA SER A 99 16.16 9.04 -2.87
C SER A 99 15.36 10.15 -3.55
N GLY A 100 14.04 10.06 -3.41
CA GLY A 100 13.16 11.09 -3.93
C GLY A 100 12.57 10.76 -5.28
N THR A 101 12.38 11.79 -6.13
CA THR A 101 11.75 11.56 -7.43
C THR A 101 12.61 10.71 -8.34
N ALA A 102 13.91 10.56 -8.04
CA ALA A 102 14.75 9.64 -8.78
C ALA A 102 14.14 8.25 -8.82
N VAL A 103 13.63 7.77 -7.67
CA VAL A 103 13.00 6.46 -7.63
C VAL A 103 11.70 6.45 -8.42
N ALA A 104 10.91 7.52 -8.33
CA ALA A 104 9.64 7.58 -9.06
C ALA A 104 9.85 7.55 -10.56
N ASN A 105 10.98 8.08 -11.03
CA ASN A 105 11.27 8.08 -12.46
C ASN A 105 11.50 6.69 -13.03
N LEU A 106 11.67 5.68 -12.18
CA LEU A 106 11.77 4.30 -12.63
C LEU A 106 10.41 3.67 -12.89
N GLY A 107 9.32 4.39 -12.63
CA GLY A 107 7.98 3.89 -12.83
C GLY A 107 7.75 3.27 -14.20
N PRO A 108 8.00 4.02 -15.28
CA PRO A 108 7.75 3.47 -16.63
C PRO A 108 8.55 2.21 -16.93
N ALA A 109 9.83 2.17 -16.58
CA ALA A 109 10.61 0.96 -16.84
C ALA A 109 10.11 -0.22 -16.02
N VAL A 110 9.66 0.04 -14.79
CA VAL A 110 9.18 -1.05 -13.95
C VAL A 110 7.90 -1.65 -14.53
N VAL A 111 7.01 -0.81 -15.06
CA VAL A 111 5.79 -1.33 -15.69
C VAL A 111 6.14 -2.18 -16.90
N GLU A 112 7.06 -1.69 -17.73
CA GLU A 112 7.50 -2.46 -18.90
C GLU A 112 8.12 -3.79 -18.48
N ALA A 113 9.02 -3.77 -17.49
CA ALA A 113 9.70 -4.99 -17.08
C ALA A 113 8.73 -5.99 -16.44
N ASN A 114 7.65 -5.49 -15.85
CA ASN A 114 6.65 -6.36 -15.27
C ASN A 114 5.97 -7.18 -16.36
N TYR A 115 5.43 -6.50 -17.37
CA TYR A 115 4.67 -7.20 -18.40
C TYR A 115 5.56 -7.94 -19.39
N ALA A 116 6.81 -7.51 -19.57
CA ALA A 116 7.76 -8.23 -20.41
C ALA A 116 8.58 -9.25 -19.63
N ARG A 117 8.41 -9.33 -18.31
CA ARG A 117 9.10 -10.30 -17.46
C ARG A 117 10.62 -10.17 -17.58
N VAL A 118 11.10 -8.97 -17.27
CA VAL A 118 12.51 -8.60 -17.39
C VAL A 118 13.10 -8.51 -15.98
N PRO A 119 14.24 -9.18 -15.71
CA PRO A 119 14.80 -9.14 -14.34
C PRO A 119 15.47 -7.82 -13.99
N LEU A 120 14.68 -6.85 -13.54
CA LEU A 120 15.16 -5.49 -13.28
C LEU A 120 15.17 -5.22 -11.79
N ILE A 121 16.34 -4.96 -11.23
CA ILE A 121 16.51 -4.69 -9.81
C ILE A 121 16.64 -3.18 -9.63
N VAL A 122 15.66 -2.58 -8.97
CA VAL A 122 15.68 -1.16 -8.67
C VAL A 122 16.30 -0.99 -7.29
N LEU A 123 17.54 -0.52 -7.25
CA LEU A 123 18.33 -0.44 -6.03
C LEU A 123 18.33 1.01 -5.57
N SER A 124 17.38 1.38 -4.72
CA SER A 124 17.20 2.77 -4.31
C SER A 124 17.84 2.99 -2.95
N ALA A 125 18.67 4.02 -2.85
CA ALA A 125 19.08 4.54 -1.57
C ALA A 125 17.96 5.36 -0.96
N ASN A 126 17.92 5.38 0.37
CA ASN A 126 16.87 6.10 1.09
C ASN A 126 17.47 6.75 2.33
N ARG A 127 16.78 7.80 2.80
CA ARG A 127 16.96 8.26 4.16
C ARG A 127 16.50 7.15 5.12
N PRO A 128 16.96 7.18 6.37
CA PRO A 128 16.40 6.25 7.37
C PRO A 128 14.90 6.46 7.49
N TYR A 129 14.17 5.35 7.62
CA TYR A 129 12.71 5.40 7.66
C TYR A 129 12.19 6.28 8.79
N GLU A 130 12.97 6.46 9.86
CA GLU A 130 12.55 7.30 10.98
C GLU A 130 12.32 8.75 10.56
N LEU A 131 12.90 9.17 9.43
CA LEU A 131 12.75 10.54 8.95
C LEU A 131 11.49 10.75 8.13
N LEU A 132 10.85 9.68 7.66
CA LEU A 132 9.59 9.79 6.92
C LEU A 132 8.54 10.41 7.82
N GLY A 133 8.00 11.55 7.39
CA GLY A 133 7.03 12.31 8.17
C GLY A 133 7.59 13.50 8.89
N THR A 134 8.92 13.64 8.92
CA THR A 134 9.57 14.75 9.62
C THR A 134 9.72 16.00 8.77
N GLY A 135 9.48 15.91 7.47
CA GLY A 135 9.77 17.01 6.57
C GLY A 135 11.19 17.06 6.07
N ALA A 136 11.95 15.98 6.25
CA ALA A 136 13.36 15.97 5.84
C ALA A 136 13.49 16.18 4.34
N ASN A 137 14.63 16.72 3.93
CA ASN A 137 14.86 17.00 2.52
C ASN A 137 14.90 15.70 1.71
N GLN A 138 14.26 15.75 0.52
CA GLN A 138 14.44 14.73 -0.51
C GLN A 138 13.99 13.35 -0.05
N THR A 139 12.92 13.31 0.74
CA THR A 139 12.46 12.08 1.37
C THR A 139 10.98 11.88 1.10
N MET A 140 10.63 10.70 0.59
CA MET A 140 9.26 10.38 0.24
C MET A 140 8.97 8.93 0.64
N GLU A 141 7.73 8.50 0.43
CA GLU A 141 7.28 7.13 0.68
C GLU A 141 7.78 6.21 -0.42
N GLN A 142 9.02 5.77 -0.28
CA GLN A 142 9.70 4.99 -1.31
C GLN A 142 9.32 3.53 -1.29
N LEU A 143 9.45 2.88 -0.14
CA LEU A 143 9.11 1.47 -0.05
C LEU A 143 7.61 1.27 -0.28
N GLY A 144 7.26 0.47 -1.28
CA GLY A 144 5.88 0.30 -1.69
C GLY A 144 5.43 1.19 -2.83
N TYR A 145 6.31 2.10 -3.30
CA TYR A 145 5.90 3.05 -4.35
C TYR A 145 5.42 2.34 -5.60
N PHE A 146 5.96 1.17 -5.89
CA PHE A 146 5.68 0.48 -7.15
C PHE A 146 4.49 -0.46 -7.07
N GLY A 147 3.95 -0.69 -5.87
CA GLY A 147 2.74 -1.49 -5.74
C GLY A 147 2.93 -2.91 -6.24
N THR A 148 1.93 -3.39 -6.98
CA THR A 148 1.94 -4.76 -7.48
C THR A 148 2.72 -4.91 -8.78
N GLN A 149 3.28 -3.82 -9.31
CA GLN A 149 4.10 -3.94 -10.51
C GLN A 149 5.36 -4.77 -10.27
N VAL A 150 5.88 -4.79 -9.03
CA VAL A 150 7.14 -5.49 -8.74
C VAL A 150 6.85 -6.88 -8.19
N ARG A 151 7.78 -7.81 -8.44
CA ARG A 151 7.68 -9.14 -7.86
C ARG A 151 7.94 -9.15 -6.36
N ALA A 152 8.58 -8.10 -5.83
CA ALA A 152 8.87 -8.01 -4.40
C ALA A 152 9.36 -6.60 -4.10
N SER A 153 9.02 -6.10 -2.92
CA SER A 153 9.53 -4.85 -2.40
C SER A 153 10.29 -5.20 -1.13
N ILE A 154 11.62 -5.21 -1.19
CA ILE A 154 12.46 -5.69 -0.11
C ILE A 154 13.28 -4.53 0.42
N SER A 155 13.31 -4.36 1.74
CA SER A 155 14.11 -3.35 2.40
C SER A 155 15.21 -4.00 3.22
N LEU A 156 16.43 -3.52 3.06
CA LEU A 156 17.48 -3.85 4.02
C LEU A 156 17.32 -3.00 5.27
N GLY A 157 17.70 -3.57 6.40
CA GLY A 157 17.71 -2.78 7.61
C GLY A 157 18.78 -1.69 7.56
N LEU A 158 18.55 -0.64 8.33
CA LEU A 158 19.59 0.36 8.54
C LEU A 158 20.80 -0.31 9.18
N ALA A 159 21.97 -0.11 8.59
CA ALA A 159 23.19 -0.79 9.05
C ALA A 159 23.58 -0.30 10.43
N GLU A 160 23.72 -1.23 11.38
CA GLU A 160 24.14 -0.90 12.72
C GLU A 160 25.67 -0.90 12.83
N ASP A 161 26.18 -0.15 13.79
CA ASP A 161 27.61 -0.14 14.12
C ASP A 161 27.84 -1.13 15.25
N ALA A 162 27.97 -2.41 14.89
CA ALA A 162 28.16 -3.49 15.84
C ALA A 162 29.21 -4.44 15.32
N PRO A 163 30.50 -4.15 15.55
CA PRO A 163 31.56 -5.05 15.09
C PRO A 163 31.46 -6.45 15.67
N GLU A 164 30.82 -6.62 16.84
CA GLU A 164 30.63 -7.95 17.39
C GLU A 164 29.58 -8.74 16.61
N ARG A 165 28.70 -8.06 15.88
CA ARG A 165 27.66 -8.70 15.09
C ARG A 165 27.98 -8.70 13.60
N THR A 166 29.23 -8.40 13.22
CA THR A 166 29.60 -8.30 11.81
C THR A 166 29.24 -9.55 11.04
N SER A 167 29.52 -10.73 11.61
CA SER A 167 29.25 -11.98 10.91
C SER A 167 27.76 -12.18 10.70
N ALA A 168 26.93 -11.81 11.69
CA ALA A 168 25.50 -12.04 11.57
C ALA A 168 24.86 -11.09 10.58
N LEU A 169 25.31 -9.82 10.59
CA LEU A 169 24.78 -8.85 9.64
C LEU A 169 25.18 -9.20 8.20
N ASN A 170 26.35 -9.79 8.02
CA ASN A 170 26.76 -10.23 6.68
C ASN A 170 25.84 -11.31 6.16
N ALA A 171 25.46 -12.26 7.02
CA ALA A 171 24.56 -13.33 6.60
C ALA A 171 23.17 -12.78 6.27
N THR A 172 22.71 -11.76 6.99
CA THR A 172 21.37 -11.23 6.72
C THR A 172 21.35 -10.37 5.46
N TRP A 173 22.43 -9.61 5.21
CA TRP A 173 22.48 -8.79 4.00
C TRP A 173 22.60 -9.66 2.75
N ARG A 174 23.47 -10.67 2.78
CA ARG A 174 23.64 -11.53 1.62
C ARG A 174 22.42 -12.41 1.39
N SER A 175 21.67 -12.74 2.44
CA SER A 175 20.47 -13.53 2.25
C SER A 175 19.36 -12.70 1.63
N ALA A 176 19.21 -11.46 2.07
CA ALA A 176 18.21 -10.57 1.47
C ALA A 176 18.55 -10.30 0.01
N THR A 177 19.84 -10.09 -0.29
CA THR A 177 20.25 -9.87 -1.67
C THR A 177 19.91 -11.07 -2.55
N CYS A 178 20.11 -12.29 -2.03
CA CYS A 178 19.77 -13.47 -2.82
C CYS A 178 18.27 -13.58 -3.03
N ARG A 179 17.46 -13.18 -2.05
N ARG A 179 17.46 -13.18 -2.06
CA ARG A 179 16.01 -13.15 -2.25
CA ARG A 179 16.02 -13.16 -2.26
C ARG A 179 15.64 -12.15 -3.34
C ARG A 179 15.63 -12.15 -3.33
N VAL A 180 16.30 -11.00 -3.35
CA VAL A 180 16.07 -10.00 -4.40
C VAL A 180 16.39 -10.60 -5.76
N LEU A 181 17.54 -11.28 -5.87
CA LEU A 181 17.96 -11.87 -7.14
C LEU A 181 17.02 -12.98 -7.57
N ALA A 182 16.63 -13.85 -6.63
CA ALA A 182 15.75 -14.97 -6.96
C ALA A 182 14.40 -14.49 -7.47
N ALA A 183 13.81 -13.49 -6.80
CA ALA A 183 12.51 -12.99 -7.21
C ALA A 183 12.58 -12.33 -8.58
N ALA A 184 13.69 -11.63 -8.88
CA ALA A 184 13.82 -10.91 -10.14
C ALA A 184 14.03 -11.85 -11.31
N THR A 185 14.93 -12.84 -11.17
CA THR A 185 15.16 -13.81 -12.23
C THR A 185 14.08 -14.89 -12.28
N GLY A 186 13.15 -14.91 -11.35
CA GLY A 186 12.17 -15.98 -11.28
C GLY A 186 12.77 -17.34 -10.98
N ALA A 187 13.84 -17.39 -10.18
CA ALA A 187 14.58 -18.64 -9.98
C ALA A 187 13.74 -19.73 -9.33
N ARG A 188 12.73 -19.37 -8.55
CA ARG A 188 11.83 -20.34 -7.94
C ARG A 188 10.38 -20.17 -8.37
N THR A 189 10.04 -19.10 -9.08
CA THR A 189 8.66 -18.88 -9.52
C THR A 189 8.49 -19.01 -11.02
N ALA A 190 9.58 -19.05 -11.79
CA ALA A 190 9.54 -19.04 -13.25
C ALA A 190 8.79 -17.82 -13.80
N ASN A 191 8.71 -16.75 -13.01
CA ASN A 191 8.01 -15.53 -13.37
C ASN A 191 8.92 -14.35 -13.07
N ALA A 192 9.95 -14.17 -13.90
CA ALA A 192 10.90 -13.08 -13.72
C ALA A 192 10.19 -11.73 -13.83
N GLY A 193 10.82 -10.70 -13.26
CA GLY A 193 10.26 -9.38 -13.26
C GLY A 193 11.04 -8.41 -12.40
N PRO A 194 10.53 -7.19 -12.27
CA PRO A 194 11.27 -6.16 -11.53
C PRO A 194 11.09 -6.33 -10.03
N VAL A 195 12.11 -5.89 -9.29
CA VAL A 195 12.15 -5.99 -7.84
C VAL A 195 12.64 -4.67 -7.28
N HIS A 196 11.95 -4.16 -6.26
CA HIS A 196 12.39 -2.95 -5.58
C HIS A 196 13.21 -3.33 -4.36
N PHE A 197 14.49 -2.95 -4.37
CA PHE A 197 15.45 -3.21 -3.29
C PHE A 197 15.81 -1.85 -2.69
N ASP A 198 15.19 -1.51 -1.57
CA ASP A 198 15.35 -0.20 -0.95
C ASP A 198 16.33 -0.31 0.21
N ILE A 199 17.29 0.60 0.25
CA ILE A 199 18.36 0.53 1.25
C ILE A 199 18.47 1.85 2.01
N PRO A 200 17.96 1.93 3.24
CA PRO A 200 18.15 3.14 4.04
C PRO A 200 19.59 3.30 4.45
N LEU A 201 20.11 4.52 4.32
CA LEU A 201 21.51 4.82 4.52
C LEU A 201 21.64 6.10 5.33
N ARG A 202 22.60 6.13 6.25
CA ARG A 202 22.85 7.32 7.06
C ARG A 202 24.34 7.63 7.11
N GLU A 203 24.64 8.87 7.48
CA GLU A 203 26.01 9.35 7.52
C GLU A 203 26.81 8.59 8.58
N PRO A 204 28.12 8.39 8.36
CA PRO A 204 28.93 8.80 7.20
C PRO A 204 28.64 8.01 5.93
N LEU A 205 28.59 8.69 4.80
CA LEU A 205 28.21 8.07 3.52
C LEU A 205 29.39 7.76 2.62
N VAL A 206 30.55 8.37 2.87
CA VAL A 206 31.75 8.15 2.06
C VAL A 206 32.70 7.23 2.83
N PRO A 207 33.56 6.47 2.16
CA PRO A 207 34.47 5.58 2.88
C PRO A 207 35.44 6.36 3.76
N ASP A 208 35.84 5.75 4.86
CA ASP A 208 36.83 6.34 5.74
C ASP A 208 38.23 6.15 5.16
N PRO A 209 39.22 6.90 5.68
CA PRO A 209 40.62 6.70 5.25
C PRO A 209 41.05 5.25 5.09
N GLU A 210 41.48 4.90 3.88
CA GLU A 210 41.83 3.52 3.56
C GLU A 210 43.02 2.97 4.35
N PRO A 211 44.06 3.75 4.68
CA PRO A 211 45.09 3.20 5.58
C PRO A 211 44.52 2.66 6.89
N LEU A 212 43.54 3.35 7.45
CA LEU A 212 42.82 2.88 8.63
C LEU A 212 41.49 2.25 8.22
N GLY A 213 41.59 1.25 7.33
CA GLY A 213 40.42 0.60 6.78
C GLY A 213 40.31 -0.87 7.13
N ALA A 214 39.50 -1.61 6.39
CA ALA A 214 39.24 -3.01 6.71
C ALA A 214 38.80 -3.74 5.45
N VAL A 215 38.70 -5.07 5.58
CA VAL A 215 38.33 -5.97 4.50
C VAL A 215 36.83 -6.26 4.60
N THR A 216 36.20 -6.44 3.44
CA THR A 216 34.77 -6.73 3.39
C THR A 216 34.49 -8.12 3.96
N PRO A 217 33.45 -8.28 4.77
CA PRO A 217 33.03 -9.61 5.22
C PRO A 217 32.82 -10.54 4.05
N PRO A 218 33.41 -11.74 4.07
CA PRO A 218 33.40 -12.59 2.89
C PRO A 218 32.10 -13.37 2.74
N GLY A 219 31.85 -13.79 1.50
CA GLY A 219 30.76 -14.69 1.19
C GLY A 219 31.19 -16.14 1.22
N ARG A 220 30.34 -16.99 0.66
CA ARG A 220 30.66 -18.41 0.56
C ARG A 220 31.90 -18.60 -0.33
N PRO A 221 32.63 -19.68 -0.15
CA PRO A 221 33.83 -19.90 -0.97
C PRO A 221 33.47 -20.29 -2.40
N ALA A 222 34.43 -20.04 -3.30
CA ALA A 222 34.32 -20.35 -4.73
C ALA A 222 33.27 -19.50 -5.42
N GLY A 223 33.21 -18.22 -5.07
CA GLY A 223 32.32 -17.26 -5.72
C GLY A 223 30.86 -17.64 -5.76
N LYS A 224 30.44 -18.50 -4.83
CA LYS A 224 29.10 -19.05 -4.84
C LYS A 224 28.11 -18.08 -4.21
N PRO A 225 26.85 -18.11 -4.64
CA PRO A 225 25.82 -17.30 -3.98
C PRO A 225 25.64 -17.74 -2.54
N TRP A 226 25.21 -16.81 -1.69
CA TRP A 226 25.00 -17.12 -0.28
C TRP A 226 23.94 -18.20 -0.12
N THR A 227 22.80 -18.04 -0.78
CA THR A 227 21.75 -19.06 -0.83
C THR A 227 21.66 -19.55 -2.27
N TYR A 228 22.31 -20.67 -2.55
CA TYR A 228 22.28 -21.24 -3.89
C TYR A 228 20.88 -21.73 -4.22
N THR A 229 20.36 -21.33 -5.36
CA THR A 229 19.07 -21.83 -5.84
C THR A 229 19.25 -22.40 -7.23
N PRO A 230 19.13 -23.71 -7.40
CA PRO A 230 19.49 -24.35 -8.67
C PRO A 230 18.41 -24.14 -9.72
N PRO A 231 18.64 -24.58 -10.97
CA PRO A 231 17.63 -24.32 -12.02
C PRO A 231 16.31 -25.00 -11.71
N VAL A 232 15.23 -24.22 -11.81
CA VAL A 232 13.89 -24.72 -11.52
C VAL A 232 13.24 -25.20 -12.82
N THR A 233 12.43 -26.24 -12.70
CA THR A 233 11.61 -26.72 -13.81
C THR A 233 10.15 -26.61 -13.42
N PHE A 234 9.37 -25.98 -14.29
N PHE A 234 9.40 -25.84 -14.19
CA PHE A 234 7.93 -25.74 -14.10
CA PHE A 234 7.95 -25.79 -14.08
C PHE A 234 7.21 -26.42 -15.25
C PHE A 234 7.38 -26.56 -15.27
N ASP A 235 6.55 -27.55 -14.97
CA ASP A 235 6.09 -28.47 -16.00
C ASP A 235 4.60 -28.74 -15.84
N GLN A 236 3.88 -28.60 -16.95
CA GLN A 236 2.42 -28.72 -16.95
C GLN A 236 2.00 -29.27 -18.30
N PRO A 237 1.97 -30.60 -18.45
CA PRO A 237 1.72 -31.19 -19.76
C PRO A 237 0.28 -31.04 -20.21
N LEU A 238 0.09 -31.02 -21.53
CA LEU A 238 -1.21 -30.80 -22.13
C LEU A 238 -1.38 -31.68 -23.35
N ASP A 239 -2.48 -32.41 -23.41
CA ASP A 239 -2.77 -33.29 -24.54
C ASP A 239 -3.42 -32.49 -25.66
N ILE A 240 -2.87 -32.60 -26.86
CA ILE A 240 -3.39 -31.90 -28.03
C ILE A 240 -3.39 -32.85 -29.23
N ASP A 241 -4.53 -32.93 -29.94
CA ASP A 241 -4.69 -33.76 -31.12
C ASP A 241 -4.39 -32.91 -32.35
N LEU A 242 -3.25 -33.17 -32.99
CA LEU A 242 -2.78 -32.33 -34.10
C LEU A 242 -3.45 -32.66 -35.43
N SER A 243 -4.19 -33.77 -35.52
CA SER A 243 -4.89 -34.08 -36.76
C SER A 243 -6.03 -33.09 -37.02
N VAL A 244 -6.63 -32.55 -35.95
CA VAL A 244 -7.54 -31.43 -36.11
C VAL A 244 -6.77 -30.24 -36.67
N ASP A 245 -7.40 -29.51 -37.59
CA ASP A 245 -6.73 -28.42 -38.28
C ASP A 245 -6.27 -27.35 -37.29
N THR A 246 -4.96 -27.16 -37.20
CA THR A 246 -4.34 -26.38 -36.13
C THR A 246 -3.47 -25.28 -36.71
N VAL A 247 -3.57 -24.09 -36.14
CA VAL A 247 -2.62 -23.02 -36.38
C VAL A 247 -1.96 -22.67 -35.05
N VAL A 248 -0.67 -22.33 -35.10
CA VAL A 248 0.09 -21.93 -33.94
C VAL A 248 0.29 -20.42 -34.00
N ILE A 249 -0.05 -19.72 -32.93
CA ILE A 249 0.15 -18.29 -32.82
C ILE A 249 1.13 -18.04 -31.68
N SER A 250 2.30 -17.50 -32.00
CA SER A 250 3.37 -17.35 -31.02
C SER A 250 3.65 -15.86 -30.80
N GLY A 251 3.61 -15.43 -29.54
CA GLY A 251 3.82 -14.05 -29.19
C GLY A 251 5.03 -13.82 -28.30
N HIS A 252 5.09 -12.65 -27.67
CA HIS A 252 6.22 -12.31 -26.81
C HIS A 252 6.32 -13.29 -25.64
N GLY A 253 7.54 -13.72 -25.35
CA GLY A 253 7.78 -14.65 -24.28
C GLY A 253 7.53 -16.10 -24.60
N ALA A 254 7.27 -16.43 -25.86
CA ALA A 254 6.98 -17.82 -26.23
C ALA A 254 8.21 -18.69 -26.04
N GLY A 255 7.97 -19.98 -25.82
CA GLY A 255 9.04 -20.96 -25.75
C GLY A 255 9.18 -21.73 -27.06
N VAL A 256 10.23 -22.54 -27.10
CA VAL A 256 10.53 -23.38 -28.27
C VAL A 256 9.91 -24.75 -28.04
N HIS A 257 9.04 -25.16 -28.96
CA HIS A 257 8.39 -26.48 -28.88
C HIS A 257 8.72 -27.28 -30.13
N PRO A 258 9.69 -28.18 -30.08
CA PRO A 258 10.08 -28.92 -31.29
C PRO A 258 8.98 -29.82 -31.84
N ASN A 259 8.06 -30.30 -31.01
CA ASN A 259 6.99 -31.17 -31.46
C ASN A 259 5.87 -30.41 -32.16
N LEU A 260 6.00 -29.10 -32.31
CA LEU A 260 5.03 -28.27 -33.02
C LEU A 260 5.66 -27.58 -34.22
N ALA A 261 6.90 -27.90 -34.55
CA ALA A 261 7.66 -27.20 -35.58
C ALA A 261 7.07 -27.36 -36.97
N ALA A 262 6.26 -28.39 -37.21
CA ALA A 262 5.72 -28.64 -38.53
C ALA A 262 4.43 -27.88 -38.81
N LEU A 263 3.77 -27.36 -37.76
CA LEU A 263 2.46 -26.74 -37.91
C LEU A 263 2.59 -25.32 -38.47
N PRO A 264 1.60 -24.87 -39.26
CA PRO A 264 1.60 -23.48 -39.72
C PRO A 264 1.54 -22.52 -38.55
N THR A 265 2.46 -21.55 -38.52
CA THR A 265 2.70 -20.73 -37.34
C THR A 265 2.72 -19.26 -37.72
N VAL A 266 1.85 -18.48 -37.10
CA VAL A 266 1.90 -17.02 -37.17
C VAL A 266 2.72 -16.53 -35.99
N ALA A 267 3.93 -16.03 -36.27
CA ALA A 267 4.89 -15.70 -35.22
C ALA A 267 5.15 -14.21 -35.21
N GLU A 268 5.00 -13.59 -34.04
CA GLU A 268 5.41 -12.20 -33.88
C GLU A 268 6.94 -12.10 -34.01
N PRO A 269 7.44 -10.93 -34.42
CA PRO A 269 8.89 -10.81 -34.63
C PRO A 269 9.75 -11.18 -33.42
N THR A 270 9.29 -10.91 -32.21
CA THR A 270 10.10 -11.22 -31.03
C THR A 270 9.95 -12.66 -30.56
N ALA A 271 9.07 -13.43 -31.17
CA ALA A 271 8.85 -14.79 -30.74
C ALA A 271 9.93 -15.70 -31.32
N PRO A 272 10.52 -16.59 -30.51
CA PRO A 272 11.46 -17.57 -31.07
C PRO A 272 10.71 -18.56 -31.94
N ARG A 273 11.31 -18.89 -33.08
CA ARG A 273 10.68 -19.77 -34.07
C ARG A 273 11.02 -21.22 -33.78
N SER A 274 10.00 -22.08 -33.81
CA SER A 274 10.17 -23.50 -33.56
C SER A 274 10.42 -24.30 -34.82
N GLY A 275 9.91 -23.86 -35.96
CA GLY A 275 9.99 -24.66 -37.18
C GLY A 275 10.22 -23.89 -38.46
N ASP A 276 9.79 -24.47 -39.58
CA ASP A 276 10.06 -23.95 -40.91
C ASP A 276 8.79 -23.84 -41.74
N ASN A 277 7.63 -23.68 -41.08
CA ASN A 277 6.35 -23.60 -41.77
C ASN A 277 5.64 -22.29 -41.41
N PRO A 278 6.17 -21.17 -41.88
CA PRO A 278 5.58 -19.87 -41.52
C PRO A 278 4.22 -19.67 -42.18
N LEU A 279 3.42 -18.83 -41.53
CA LEU A 279 2.11 -18.42 -42.05
C LEU A 279 1.96 -16.92 -41.84
N HIS A 280 1.88 -16.17 -42.94
CA HIS A 280 1.80 -14.73 -42.86
C HIS A 280 0.57 -14.30 -42.05
N PRO A 281 0.69 -13.27 -41.21
CA PRO A 281 -0.49 -12.84 -40.43
C PRO A 281 -1.68 -12.41 -41.27
N LEU A 282 -1.46 -11.84 -42.46
CA LEU A 282 -2.58 -11.47 -43.33
C LEU A 282 -3.30 -12.68 -43.89
N ALA A 283 -2.66 -13.85 -43.86
CA ALA A 283 -3.29 -15.05 -44.40
C ALA A 283 -4.29 -15.67 -43.42
N LEU A 284 -4.10 -15.42 -42.12
CA LEU A 284 -4.97 -16.02 -41.12
C LEU A 284 -6.45 -15.72 -41.31
N PRO A 285 -6.89 -14.49 -41.62
CA PRO A 285 -8.34 -14.26 -41.81
C PRO A 285 -8.93 -15.03 -42.97
N LEU A 286 -8.13 -15.40 -43.96
CA LEU A 286 -8.63 -16.11 -45.13
C LEU A 286 -8.62 -17.62 -44.96
N LEU A 287 -8.23 -18.12 -43.79
CA LEU A 287 -8.23 -19.54 -43.48
C LEU A 287 -9.24 -19.81 -42.36
N ARG A 288 -9.56 -21.10 -42.18
CA ARG A 288 -10.53 -21.54 -41.19
C ARG A 288 -9.92 -22.61 -40.32
N PRO A 289 -9.05 -22.24 -39.38
CA PRO A 289 -8.51 -23.23 -38.44
C PRO A 289 -9.60 -23.74 -37.51
N GLN A 290 -9.51 -25.03 -37.17
CA GLN A 290 -10.44 -25.66 -36.26
C GLN A 290 -9.97 -25.65 -34.81
N GLN A 291 -8.71 -25.34 -34.55
CA GLN A 291 -8.20 -25.22 -33.20
C GLN A 291 -6.87 -24.45 -33.24
N VAL A 292 -6.58 -23.75 -32.15
CA VAL A 292 -5.45 -22.83 -32.10
C VAL A 292 -4.58 -23.16 -30.89
N ILE A 293 -3.27 -23.11 -31.09
CA ILE A 293 -2.30 -23.24 -30.01
C ILE A 293 -1.63 -21.89 -29.84
N MET A 294 -1.85 -21.27 -28.69
CA MET A 294 -1.29 -19.96 -28.37
C MET A 294 -0.02 -20.14 -27.55
N LEU A 295 1.12 -19.68 -28.07
CA LEU A 295 2.39 -19.70 -27.36
C LEU A 295 2.73 -18.27 -26.93
N GLY A 296 3.09 -18.11 -25.65
CA GLY A 296 3.48 -16.80 -25.18
C GLY A 296 2.29 -15.86 -25.08
N ARG A 297 2.57 -14.56 -25.22
CA ARG A 297 1.58 -13.50 -25.03
C ARG A 297 1.43 -12.71 -26.33
N PRO A 298 0.57 -13.15 -27.25
CA PRO A 298 0.42 -12.44 -28.53
C PRO A 298 -0.45 -11.20 -28.36
N THR A 299 0.03 -10.07 -28.87
CA THR A 299 -0.71 -8.82 -28.82
C THR A 299 -0.62 -7.99 -30.09
N LEU A 300 0.28 -8.31 -31.01
CA LEU A 300 0.58 -7.42 -32.13
C LEU A 300 -0.56 -7.39 -33.14
N HIS A 301 -0.86 -8.53 -33.76
CA HIS A 301 -1.75 -8.55 -34.91
C HIS A 301 -3.21 -8.49 -34.49
N ARG A 302 -3.99 -7.71 -35.23
CA ARG A 302 -5.41 -7.53 -34.98
C ARG A 302 -6.25 -8.71 -35.49
N PRO A 303 -5.99 -9.24 -36.69
CA PRO A 303 -6.70 -10.46 -37.09
C PRO A 303 -6.45 -11.63 -36.16
N VAL A 304 -5.24 -11.72 -35.58
CA VAL A 304 -4.98 -12.69 -34.52
C VAL A 304 -5.96 -12.48 -33.37
N SER A 305 -6.12 -11.23 -32.94
CA SER A 305 -7.08 -10.92 -31.88
C SER A 305 -8.51 -11.28 -32.29
N VAL A 306 -8.84 -11.15 -33.57
CA VAL A 306 -10.18 -11.49 -34.04
C VAL A 306 -10.43 -12.98 -33.87
N LEU A 307 -9.45 -13.80 -34.25
CA LEU A 307 -9.62 -15.25 -34.17
C LEU A 307 -9.70 -15.73 -32.72
N LEU A 308 -8.93 -15.10 -31.83
CA LEU A 308 -8.95 -15.49 -30.43
C LEU A 308 -10.24 -15.05 -29.73
N ALA A 309 -10.95 -14.08 -30.30
CA ALA A 309 -12.28 -13.71 -29.79
C ALA A 309 -13.36 -14.64 -30.32
N ASP A 310 -13.14 -15.29 -31.45
CA ASP A 310 -14.07 -16.29 -31.96
C ASP A 310 -14.27 -17.39 -30.92
N ALA A 311 -15.52 -17.56 -30.49
CA ALA A 311 -15.84 -18.51 -29.42
C ALA A 311 -15.90 -19.96 -29.90
N GLU A 312 -15.96 -20.19 -31.21
CA GLU A 312 -16.10 -21.55 -31.72
C GLU A 312 -14.77 -22.26 -31.90
N VAL A 313 -13.65 -21.57 -31.82
CA VAL A 313 -12.34 -22.16 -32.08
C VAL A 313 -11.65 -22.43 -30.75
N PRO A 314 -11.41 -23.69 -30.39
CA PRO A 314 -10.70 -23.98 -29.13
C PRO A 314 -9.28 -23.45 -29.15
N VAL A 315 -8.86 -22.88 -28.03
CA VAL A 315 -7.54 -22.30 -27.87
C VAL A 315 -6.80 -23.05 -26.76
N PHE A 316 -5.58 -23.48 -27.05
CA PHE A 316 -4.71 -24.13 -26.07
C PHE A 316 -3.51 -23.22 -25.85
N ALA A 317 -3.33 -22.74 -24.62
CA ALA A 317 -2.27 -21.80 -24.28
C ALA A 317 -1.09 -22.51 -23.65
N LEU A 318 0.11 -22.24 -24.17
CA LEU A 318 1.35 -22.81 -23.66
C LEU A 318 2.29 -21.67 -23.30
N THR A 319 2.57 -21.52 -22.01
CA THR A 319 3.42 -20.46 -21.51
C THR A 319 4.66 -21.05 -20.82
N THR A 320 5.71 -20.23 -20.73
CA THR A 320 6.91 -20.64 -20.02
C THR A 320 6.80 -20.44 -18.52
N GLY A 321 5.87 -19.60 -18.06
CA GLY A 321 5.71 -19.30 -16.66
C GLY A 321 4.27 -19.44 -16.20
N PRO A 322 4.03 -19.15 -14.92
CA PRO A 322 2.68 -19.34 -14.37
C PRO A 322 1.65 -18.37 -14.91
N ARG A 323 2.05 -17.17 -15.32
CA ARG A 323 1.11 -16.27 -15.96
C ARG A 323 0.62 -16.88 -17.27
N TRP A 324 -0.67 -16.69 -17.56
CA TRP A 324 -1.18 -17.13 -18.86
C TRP A 324 -2.08 -16.06 -19.44
N PRO A 325 -2.02 -15.84 -20.76
CA PRO A 325 -2.65 -14.66 -21.35
C PRO A 325 -4.16 -14.69 -21.24
N ASN A 326 -4.73 -13.48 -21.18
CA ASN A 326 -6.17 -13.29 -21.17
C ASN A 326 -6.70 -12.93 -22.56
N VAL A 327 -5.88 -13.10 -23.60
CA VAL A 327 -6.26 -12.67 -24.94
C VAL A 327 -7.45 -13.45 -25.48
N SER A 328 -7.73 -14.64 -24.93
CA SER A 328 -8.81 -15.47 -25.42
C SER A 328 -9.77 -15.80 -24.27
N GLY A 329 -11.05 -15.90 -24.61
CA GLY A 329 -12.07 -16.28 -23.66
C GLY A 329 -12.48 -17.73 -23.79
N ASN A 330 -12.17 -18.33 -24.94
CA ASN A 330 -12.42 -19.75 -25.18
C ASN A 330 -11.14 -20.56 -25.02
N SER A 331 -10.34 -20.22 -24.01
CA SER A 331 -9.17 -21.02 -23.69
C SER A 331 -9.65 -22.35 -23.11
N GLN A 332 -9.37 -23.45 -23.82
CA GLN A 332 -9.79 -24.76 -23.35
C GLN A 332 -8.85 -25.33 -22.31
N ALA A 333 -7.56 -24.98 -22.38
CA ALA A 333 -6.59 -25.49 -21.43
C ALA A 333 -5.32 -24.65 -21.51
N THR A 334 -4.59 -24.60 -20.40
CA THR A 334 -3.33 -23.88 -20.32
C THR A 334 -2.25 -24.81 -19.76
N GLY A 335 -1.10 -24.86 -20.43
CA GLY A 335 0.01 -25.66 -19.98
C GLY A 335 1.35 -25.04 -20.34
N THR A 336 2.41 -25.84 -20.30
CA THR A 336 3.74 -25.39 -20.66
C THR A 336 4.32 -26.14 -21.85
N ARG A 337 3.82 -27.34 -22.14
CA ARG A 337 4.28 -28.13 -23.27
C ARG A 337 3.11 -28.98 -23.75
N ALA A 338 3.26 -29.55 -24.93
CA ALA A 338 2.19 -30.32 -25.56
C ALA A 338 2.60 -31.78 -25.68
N VAL A 339 1.69 -32.67 -25.31
CA VAL A 339 1.80 -34.09 -25.59
C VAL A 339 0.92 -34.35 -26.81
N THR A 340 1.55 -34.39 -27.98
CA THR A 340 0.83 -34.39 -29.25
C THR A 340 0.42 -35.80 -29.66
N THR A 341 -0.81 -35.93 -30.15
CA THR A 341 -1.31 -37.15 -30.77
C THR A 341 -1.74 -36.83 -32.19
N GLY A 342 -1.37 -37.71 -33.13
CA GLY A 342 -1.75 -37.51 -34.51
C GLY A 342 -0.78 -36.63 -35.27
N ALA A 343 -1.20 -36.27 -36.48
CA ALA A 343 -0.40 -35.45 -37.38
C ALA A 343 -1.34 -34.60 -38.22
N PRO A 344 -0.92 -33.41 -38.63
CA PRO A 344 -1.81 -32.53 -39.39
C PRO A 344 -2.11 -33.09 -40.78
N ARG A 345 -3.35 -32.91 -41.23
CA ARG A 345 -3.73 -33.31 -42.58
C ARG A 345 -2.78 -32.70 -43.60
N PRO A 346 -2.20 -33.48 -44.51
CA PRO A 346 -1.33 -32.89 -45.52
C PRO A 346 -2.03 -31.86 -46.39
N ALA A 347 -3.33 -32.01 -46.63
CA ALA A 347 -4.07 -31.00 -47.37
C ALA A 347 -4.21 -29.71 -46.58
N TRP A 348 -4.26 -29.80 -45.25
CA TRP A 348 -4.31 -28.58 -44.45
C TRP A 348 -2.97 -27.85 -44.49
N LEU A 349 -1.86 -28.58 -44.45
CA LEU A 349 -0.56 -27.95 -44.60
C LEU A 349 -0.41 -27.31 -45.99
N ASP A 350 -0.99 -27.94 -47.02
CA ASP A 350 -0.90 -27.40 -48.37
C ASP A 350 -1.67 -26.10 -48.49
N ARG A 351 -2.88 -26.04 -47.94
CA ARG A 351 -3.66 -24.81 -47.97
C ARG A 351 -2.95 -23.69 -47.22
N CYS A 352 -2.42 -23.97 -46.03
CA CYS A 352 -1.76 -22.93 -45.25
C CYS A 352 -0.49 -22.45 -45.95
N ALA A 353 0.28 -23.36 -46.55
CA ALA A 353 1.46 -22.94 -47.29
C ALA A 353 1.08 -22.15 -48.54
N ALA A 354 0.02 -22.58 -49.23
CA ALA A 354 -0.44 -21.85 -50.42
C ALA A 354 -0.83 -20.41 -50.07
N MET A 355 -1.60 -20.23 -48.99
CA MET A 355 -2.03 -18.89 -48.63
C MET A 355 -0.87 -18.04 -48.14
N ASN A 356 0.09 -18.65 -47.45
CA ASN A 356 1.26 -17.90 -47.01
C ASN A 356 2.02 -17.32 -48.20
N ARG A 357 2.20 -18.12 -49.27
CA ARG A 357 2.87 -17.59 -50.46
C ARG A 357 2.04 -16.51 -51.13
N HIS A 358 0.71 -16.68 -51.15
CA HIS A 358 -0.16 -15.66 -51.73
C HIS A 358 -0.04 -14.34 -50.99
N ALA A 359 0.00 -14.38 -49.66
CA ALA A 359 0.09 -13.15 -48.87
C ALA A 359 1.44 -12.47 -49.09
N ILE A 360 2.53 -13.25 -49.12
CA ILE A 360 3.85 -12.70 -49.36
C ILE A 360 3.92 -11.99 -50.71
N ALA A 361 3.39 -12.62 -51.75
CA ALA A 361 3.41 -12.01 -53.08
C ALA A 361 2.59 -10.72 -53.10
N ALA A 362 1.41 -10.73 -52.48
CA ALA A 362 0.59 -9.53 -52.45
C ALA A 362 1.32 -8.36 -51.80
N VAL A 363 2.00 -8.62 -50.68
CA VAL A 363 2.79 -7.55 -50.05
C VAL A 363 3.93 -7.12 -50.96
N ARG A 364 4.60 -8.08 -51.60
CA ARG A 364 5.74 -7.76 -52.44
C ARG A 364 5.33 -6.91 -53.66
N GLU A 365 4.24 -7.28 -54.31
CA GLU A 365 3.83 -6.58 -55.53
C GLU A 365 3.36 -5.16 -55.22
N GLN A 366 2.59 -4.99 -54.14
CA GLN A 366 2.02 -3.67 -53.85
C GLN A 366 3.09 -2.71 -53.34
N LEU A 367 4.15 -3.22 -52.71
CA LEU A 367 5.26 -2.34 -52.36
C LEU A 367 5.97 -1.83 -53.62
N ALA A 368 6.13 -2.69 -54.62
CA ALA A 368 6.80 -2.29 -55.85
C ALA A 368 5.94 -1.30 -56.63
N ALA A 369 4.62 -1.56 -56.72
CA ALA A 369 3.72 -0.66 -57.43
C ALA A 369 3.60 0.70 -56.76
N HIS A 370 3.89 0.78 -55.47
CA HIS A 370 3.75 2.05 -54.77
C HIS A 370 4.90 2.98 -55.14
N PRO A 371 4.62 4.23 -55.51
CA PRO A 371 5.68 5.13 -55.96
C PRO A 371 6.55 5.66 -54.81
N LEU A 372 5.91 6.28 -53.83
CA LEU A 372 6.62 6.90 -52.73
C LEU A 372 7.14 5.85 -51.76
N THR A 373 8.22 6.20 -51.06
CA THR A 373 8.80 5.34 -50.04
C THR A 373 8.05 5.54 -48.74
N THR A 374 7.52 4.46 -48.18
CA THR A 374 6.79 4.49 -46.92
C THR A 374 7.61 3.79 -45.83
N GLY A 375 7.05 3.77 -44.62
CA GLY A 375 7.70 3.04 -43.54
C GLY A 375 7.76 1.56 -43.80
N LEU A 376 6.78 1.01 -44.52
CA LEU A 376 6.81 -0.40 -44.88
C LEU A 376 8.01 -0.71 -45.76
N HIS A 377 8.38 0.21 -46.65
CA HIS A 377 9.53 0.00 -47.51
C HIS A 377 10.83 -0.03 -46.71
N VAL A 378 10.98 0.87 -45.74
CA VAL A 378 12.18 0.87 -44.90
C VAL A 378 12.28 -0.43 -44.12
N ALA A 379 11.16 -0.89 -43.55
CA ALA A 379 11.16 -2.15 -42.82
C ALA A 379 11.57 -3.32 -43.70
N ALA A 380 11.06 -3.35 -44.94
CA ALA A 380 11.47 -4.40 -45.88
C ALA A 380 12.95 -4.29 -46.20
N ALA A 381 13.46 -3.06 -46.33
CA ALA A 381 14.87 -2.88 -46.67
C ALA A 381 15.78 -3.29 -45.52
N VAL A 382 15.37 -3.01 -44.27
CA VAL A 382 16.15 -3.46 -43.13
C VAL A 382 16.09 -4.97 -43.00
N SER A 383 14.92 -5.57 -43.26
CA SER A 383 14.77 -7.02 -43.12
C SER A 383 15.68 -7.77 -44.07
N HIS A 384 15.82 -7.27 -45.31
CA HIS A 384 16.67 -7.95 -46.29
C HIS A 384 18.16 -7.79 -46.00
N ALA A 385 18.55 -6.75 -45.25
CA ALA A 385 19.94 -6.50 -44.91
C ALA A 385 20.42 -7.26 -43.67
N LEU A 386 19.53 -7.99 -42.99
CA LEU A 386 19.92 -8.74 -41.80
C LEU A 386 20.63 -10.03 -42.18
N ARG A 387 21.61 -10.41 -41.37
CA ARG A 387 22.40 -11.61 -41.53
C ARG A 387 22.30 -12.47 -40.28
N PRO A 388 22.53 -13.77 -40.39
CA PRO A 388 22.51 -14.63 -39.19
C PRO A 388 23.52 -14.16 -38.16
N GLY A 389 23.07 -14.06 -36.91
CA GLY A 389 23.88 -13.55 -35.82
C GLY A 389 23.59 -12.13 -35.42
N ASP A 390 22.86 -11.38 -36.24
CA ASP A 390 22.52 -10.01 -35.90
C ASP A 390 21.47 -9.95 -34.80
N GLN A 391 21.44 -8.82 -34.10
CA GLN A 391 20.39 -8.50 -33.16
C GLN A 391 19.59 -7.33 -33.71
N LEU A 392 18.27 -7.48 -33.74
CA LEU A 392 17.35 -6.45 -34.23
C LEU A 392 16.52 -5.93 -33.07
N VAL A 393 16.50 -4.61 -32.90
CA VAL A 393 15.72 -3.93 -31.88
C VAL A 393 14.67 -3.08 -32.57
N LEU A 394 13.41 -3.26 -32.21
CA LEU A 394 12.30 -2.63 -32.90
C LEU A 394 11.48 -1.80 -31.93
N GLY A 395 11.16 -0.57 -32.33
CA GLY A 395 10.18 0.22 -31.59
C GLY A 395 8.80 -0.39 -31.71
N ALA A 396 8.06 -0.40 -30.60
CA ALA A 396 6.82 -1.16 -30.51
C ALA A 396 5.64 -0.50 -31.22
N SER A 397 5.85 0.64 -31.90
CA SER A 397 4.79 1.27 -32.66
C SER A 397 4.61 0.54 -34.00
N ASN A 398 4.96 1.21 -35.09
CA ASN A 398 4.88 0.65 -36.44
C ASN A 398 6.03 -0.28 -36.80
N PRO A 399 7.27 -0.05 -36.32
CA PRO A 399 8.37 -0.94 -36.73
C PRO A 399 8.09 -2.42 -36.56
N VAL A 400 7.48 -2.85 -35.45
CA VAL A 400 7.23 -4.27 -35.26
C VAL A 400 6.14 -4.75 -36.20
N ARG A 401 5.09 -3.95 -36.39
CA ARG A 401 4.04 -4.31 -37.35
C ARG A 401 4.60 -4.34 -38.77
N ASP A 402 5.41 -3.35 -39.12
CA ASP A 402 5.92 -3.26 -40.49
C ASP A 402 6.85 -4.42 -40.81
N VAL A 403 7.74 -4.78 -39.88
CA VAL A 403 8.63 -5.91 -40.08
C VAL A 403 7.84 -7.21 -40.18
N ALA A 404 6.71 -7.29 -39.47
CA ALA A 404 5.90 -8.50 -39.55
C ALA A 404 5.18 -8.62 -40.88
N LEU A 405 4.69 -7.50 -41.43
CA LEU A 405 4.08 -7.51 -42.75
C LEU A 405 5.11 -7.77 -43.84
N ALA A 406 6.37 -7.36 -43.63
CA ALA A 406 7.42 -7.58 -44.61
C ALA A 406 7.88 -9.04 -44.65
N GLY A 407 7.54 -9.84 -43.64
CA GLY A 407 7.82 -11.25 -43.67
C GLY A 407 9.23 -11.65 -43.27
N LEU A 408 9.85 -10.91 -42.35
CA LEU A 408 11.21 -11.21 -41.93
C LEU A 408 11.33 -12.63 -41.39
N ASP A 409 12.41 -13.30 -41.77
CA ASP A 409 12.75 -14.61 -41.22
C ASP A 409 13.63 -14.40 -40.00
N THR A 410 13.09 -14.69 -38.81
CA THR A 410 13.79 -14.41 -37.57
C THR A 410 14.76 -15.51 -37.15
N ARG A 411 14.85 -16.60 -37.91
CA ARG A 411 15.74 -17.69 -37.54
C ARG A 411 17.19 -17.27 -37.71
N GLY A 412 18.00 -17.48 -36.66
CA GLY A 412 19.39 -17.08 -36.68
C GLY A 412 19.68 -15.66 -36.23
N ILE A 413 18.64 -14.86 -35.99
CA ILE A 413 18.80 -13.51 -35.44
C ILE A 413 17.99 -13.43 -34.15
N ARG A 414 18.37 -12.47 -33.31
CA ARG A 414 17.69 -12.20 -32.06
C ARG A 414 16.96 -10.87 -32.17
N VAL A 415 15.65 -10.88 -31.91
CA VAL A 415 14.80 -9.73 -32.12
C VAL A 415 14.27 -9.27 -30.76
N ARG A 416 14.53 -8.00 -30.43
CA ARG A 416 14.09 -7.41 -29.18
C ARG A 416 13.08 -6.30 -29.45
N SER A 417 12.16 -6.13 -28.50
CA SER A 417 11.17 -5.06 -28.55
C SER A 417 10.49 -4.98 -27.20
N ASN A 418 10.19 -3.77 -26.74
CA ASN A 418 9.53 -3.58 -25.45
C ASN A 418 8.03 -3.80 -25.66
N ARG A 419 7.62 -5.07 -25.72
CA ARG A 419 6.24 -5.44 -25.96
C ARG A 419 5.43 -5.59 -24.68
N GLY A 420 6.00 -5.26 -23.52
CA GLY A 420 5.29 -5.34 -22.27
C GLY A 420 4.06 -4.46 -22.26
N VAL A 421 4.24 -3.14 -22.38
CA VAL A 421 3.15 -2.21 -22.58
C VAL A 421 3.28 -1.45 -23.88
N ALA A 422 4.32 -1.73 -24.68
CA ALA A 422 4.47 -1.20 -26.03
C ALA A 422 4.45 0.33 -26.02
N GLY A 423 5.23 0.92 -25.12
CA GLY A 423 5.34 2.36 -25.06
C GLY A 423 6.48 2.90 -25.90
N ILE A 424 6.44 4.21 -26.14
CA ILE A 424 7.51 4.90 -26.86
C ILE A 424 8.64 5.34 -25.93
N ASP A 425 8.44 5.27 -24.61
CA ASP A 425 9.49 5.67 -23.68
C ASP A 425 10.69 4.73 -23.78
N GLY A 426 11.88 5.32 -23.87
CA GLY A 426 13.10 4.57 -23.66
C GLY A 426 13.50 3.64 -24.78
N THR A 427 13.01 3.84 -26.00
CA THR A 427 13.34 2.90 -27.07
C THR A 427 14.80 3.01 -27.47
N VAL A 428 15.34 4.23 -27.48
CA VAL A 428 16.75 4.40 -27.81
C VAL A 428 17.64 3.77 -26.75
N SER A 429 17.35 4.06 -25.47
CA SER A 429 18.17 3.49 -24.40
C SER A 429 18.11 1.96 -24.40
N THR A 430 16.95 1.38 -24.74
CA THR A 430 16.84 -0.07 -24.77
C THR A 430 17.72 -0.66 -25.87
N ALA A 431 17.70 -0.04 -27.07
CA ALA A 431 18.58 -0.51 -28.14
C ALA A 431 20.04 -0.40 -27.76
N ILE A 432 20.42 0.69 -27.08
CA ILE A 432 21.81 0.86 -26.65
C ILE A 432 22.19 -0.21 -25.64
N GLY A 433 21.35 -0.44 -24.64
CA GLY A 433 21.66 -1.46 -23.65
C GLY A 433 21.74 -2.85 -24.25
N ALA A 434 20.77 -3.20 -25.10
CA ALA A 434 20.78 -4.51 -25.73
C ALA A 434 22.04 -4.71 -26.56
N ALA A 435 22.49 -3.65 -27.25
CA ALA A 435 23.73 -3.75 -28.01
C ALA A 435 24.93 -3.95 -27.10
N LEU A 436 24.92 -3.32 -25.91
CA LEU A 436 26.06 -3.44 -25.02
C LEU A 436 26.16 -4.82 -24.39
N ALA A 437 25.02 -5.37 -23.96
CA ALA A 437 25.01 -6.71 -23.38
C ALA A 437 25.28 -7.77 -24.43
N TYR A 438 24.76 -7.57 -25.64
CA TYR A 438 24.99 -8.52 -26.72
C TYR A 438 26.47 -8.61 -27.08
N GLU A 439 27.12 -7.45 -27.22
CA GLU A 439 28.55 -7.43 -27.51
C GLU A 439 29.38 -7.92 -26.34
N GLY A 440 28.89 -7.72 -25.11
CA GLY A 440 29.62 -8.22 -23.94
C GLY A 440 29.62 -9.73 -23.85
N ALA A 441 28.50 -10.36 -24.19
CA ALA A 441 28.44 -11.82 -24.20
C ALA A 441 29.30 -12.42 -25.29
N HIS A 442 29.60 -11.65 -26.35
CA HIS A 442 30.45 -12.15 -27.43
C HIS A 442 31.91 -12.22 -27.01
N GLU A 443 32.33 -11.41 -26.03
CA GLU A 443 33.70 -11.47 -25.53
C GLU A 443 33.92 -12.65 -24.59
N ARG A 444 32.87 -13.08 -23.88
CA ARG A 444 33.02 -14.21 -22.95
C ARG A 444 33.39 -15.48 -23.68
N THR A 445 32.94 -15.64 -24.93
CA THR A 445 33.30 -16.78 -25.75
C THR A 445 34.78 -16.78 -26.16
N GLY A 446 35.52 -15.73 -25.81
CA GLY A 446 36.93 -15.65 -26.14
C GLY A 446 37.24 -15.45 -27.61
N SER A 447 36.21 -15.22 -28.44
CA SER A 447 36.41 -15.14 -29.88
C SER A 447 37.09 -13.83 -30.26
N PRO A 448 38.07 -13.87 -31.17
CA PRO A 448 38.78 -12.64 -31.55
C PRO A 448 38.17 -11.94 -32.77
N ASP A 449 36.93 -12.29 -33.10
CA ASP A 449 36.26 -11.72 -34.26
C ASP A 449 35.77 -10.31 -33.93
N SER A 450 35.07 -9.72 -34.90
CA SER A 450 34.39 -8.46 -34.67
C SER A 450 33.10 -8.71 -33.88
N PRO A 451 32.64 -7.72 -33.11
CA PRO A 451 31.40 -7.90 -32.37
C PRO A 451 30.20 -7.94 -33.32
N PRO A 452 29.19 -8.73 -33.00
CA PRO A 452 28.03 -8.85 -33.90
C PRO A 452 27.25 -7.55 -33.99
N ARG A 453 26.54 -7.39 -35.11
CA ARG A 453 25.80 -6.16 -35.38
C ARG A 453 24.51 -6.09 -34.56
N THR A 454 24.18 -4.89 -34.12
CA THR A 454 22.86 -4.58 -33.58
C THR A 454 22.25 -3.51 -34.47
N ILE A 455 21.09 -3.80 -35.04
CA ILE A 455 20.36 -2.86 -35.89
C ILE A 455 19.05 -2.51 -35.20
N ALA A 456 18.79 -1.22 -35.04
CA ALA A 456 17.54 -0.74 -34.46
C ALA A 456 16.74 0.01 -35.52
N LEU A 457 15.44 -0.25 -35.57
CA LEU A 457 14.53 0.45 -36.47
C LEU A 457 13.43 1.06 -35.62
N ILE A 458 13.36 2.40 -35.61
CA ILE A 458 12.43 3.14 -34.78
C ILE A 458 11.86 4.31 -35.58
N GLY A 459 10.68 4.76 -35.16
CA GLY A 459 10.05 5.89 -35.82
C GLY A 459 10.63 7.22 -35.36
N ASP A 460 10.34 8.27 -36.14
CA ASP A 460 10.89 9.58 -35.83
C ASP A 460 10.33 10.14 -34.54
N LEU A 461 9.03 9.93 -34.28
CA LEU A 461 8.45 10.43 -33.04
C LEU A 461 9.04 9.72 -31.84
N THR A 462 9.25 8.40 -31.94
CA THR A 462 9.91 7.67 -30.86
C THR A 462 11.33 8.15 -30.66
N PHE A 463 12.07 8.34 -31.76
CA PHE A 463 13.47 8.75 -31.64
C PHE A 463 13.60 10.11 -30.99
N VAL A 464 12.75 11.07 -31.38
CA VAL A 464 12.84 12.40 -30.79
C VAL A 464 12.45 12.38 -29.31
N HIS A 465 11.57 11.46 -28.93
CA HIS A 465 11.05 11.44 -27.58
C HIS A 465 12.07 10.88 -26.60
N ASP A 466 12.86 9.89 -27.03
CA ASP A 466 13.95 9.34 -26.23
C ASP A 466 15.31 9.71 -26.79
N SER A 467 15.42 10.87 -27.46
CA SER A 467 16.72 11.29 -27.98
C SER A 467 17.73 11.49 -26.86
N SER A 468 17.27 11.89 -25.66
CA SER A 468 18.15 12.00 -24.52
C SER A 468 18.73 10.66 -24.10
N GLY A 469 18.14 9.55 -24.57
CA GLY A 469 18.78 8.26 -24.40
C GLY A 469 20.09 8.12 -25.17
N LEU A 470 20.35 9.01 -26.13
CA LEU A 470 21.61 8.97 -26.83
C LEU A 470 22.77 9.48 -25.99
N LEU A 471 22.47 10.21 -24.91
CA LEU A 471 23.51 10.84 -24.11
C LEU A 471 24.31 9.79 -23.34
N ILE A 472 25.61 9.71 -23.65
CA ILE A 472 26.54 8.82 -22.97
C ILE A 472 27.78 9.65 -22.65
N GLY A 473 28.09 9.79 -21.37
CA GLY A 473 29.26 10.52 -20.94
C GLY A 473 30.52 10.02 -21.61
N PRO A 474 31.52 10.90 -21.74
CA PRO A 474 32.74 10.52 -22.47
C PRO A 474 33.50 9.36 -21.84
N THR A 475 33.23 9.02 -20.59
CA THR A 475 33.92 7.92 -19.93
C THR A 475 33.05 6.68 -19.79
N GLU A 476 31.85 6.66 -20.36
CA GLU A 476 30.94 5.55 -20.18
C GLU A 476 31.00 4.61 -21.38
N PRO A 477 30.62 3.34 -21.20
CA PRO A 477 30.68 2.38 -22.31
C PRO A 477 29.80 2.79 -23.49
N ILE A 478 30.32 2.57 -24.69
CA ILE A 478 29.63 2.89 -25.94
C ILE A 478 29.48 1.61 -26.74
N PRO A 479 28.33 1.35 -27.36
CA PRO A 479 28.19 0.12 -28.15
C PRO A 479 29.17 0.13 -29.32
N ARG A 480 29.71 -1.05 -29.63
CA ARG A 480 30.71 -1.14 -30.69
C ARG A 480 30.08 -1.25 -32.07
N SER A 481 28.91 -1.88 -32.19
CA SER A 481 28.29 -2.12 -33.49
C SER A 481 26.77 -1.91 -33.42
N LEU A 482 26.35 -0.67 -33.16
CA LEU A 482 24.93 -0.33 -33.10
C LEU A 482 24.61 0.68 -34.18
N THR A 483 23.60 0.37 -34.98
CA THR A 483 23.08 1.29 -35.99
C THR A 483 21.59 1.48 -35.72
N ILE A 484 21.19 2.75 -35.57
CA ILE A 484 19.80 3.12 -35.36
C ILE A 484 19.27 3.63 -36.69
N VAL A 485 18.31 2.92 -37.26
CA VAL A 485 17.62 3.34 -38.47
C VAL A 485 16.34 4.06 -38.07
N VAL A 486 16.25 5.34 -38.40
CA VAL A 486 15.11 6.17 -38.06
C VAL A 486 14.26 6.37 -39.31
N SER A 487 13.04 5.85 -39.29
CA SER A 487 12.08 6.00 -40.38
C SER A 487 11.27 7.26 -40.13
N ASN A 488 11.67 8.36 -40.74
CA ASN A 488 11.08 9.67 -40.48
C ASN A 488 9.91 9.88 -41.44
N ASP A 489 8.69 9.77 -40.93
CA ASP A 489 7.49 10.09 -41.69
C ASP A 489 6.82 11.37 -41.17
N ASN A 490 7.53 12.18 -40.38
CA ASN A 490 6.98 13.42 -39.77
C ASN A 490 5.60 13.18 -39.16
N GLY A 491 5.53 12.19 -38.29
CA GLY A 491 4.27 11.82 -37.64
C GLY A 491 4.08 10.32 -37.53
N VAL A 508 -9.12 15.62 -29.29
CA VAL A 508 -8.46 16.92 -29.44
C VAL A 508 -6.97 16.77 -29.18
N SER A 509 -6.61 15.77 -28.38
CA SER A 509 -5.21 15.53 -28.06
C SER A 509 -4.39 15.15 -29.29
N SER A 510 -5.04 14.77 -30.39
CA SER A 510 -4.35 14.41 -31.62
C SER A 510 -4.08 15.61 -32.52
N ARG A 511 -4.15 16.83 -31.98
CA ARG A 511 -3.90 18.01 -32.79
C ARG A 511 -2.42 18.35 -32.89
N ILE A 512 -1.56 17.72 -32.09
CA ILE A 512 -0.11 17.87 -32.25
C ILE A 512 0.40 17.10 -33.46
N PHE A 513 -0.40 16.18 -33.99
CA PHE A 513 -0.11 15.52 -35.26
C PHE A 513 -0.76 16.21 -36.45
N GLY A 514 -1.57 17.24 -36.21
CA GLY A 514 -2.10 18.05 -37.29
C GLY A 514 -1.03 18.84 -38.02
N THR A 515 0.11 19.06 -37.38
CA THR A 515 1.31 19.64 -37.97
C THR A 515 2.49 18.76 -37.66
N PRO A 516 3.54 18.79 -38.49
CA PRO A 516 4.74 18.00 -38.19
C PRO A 516 5.49 18.60 -37.02
N HIS A 517 6.15 17.72 -36.24
CA HIS A 517 6.94 18.19 -35.11
C HIS A 517 8.18 18.95 -35.56
N ASP A 518 8.63 18.75 -36.80
CA ASP A 518 9.60 19.60 -37.48
C ASP A 518 11.01 19.49 -36.92
N VAL A 519 11.28 18.52 -36.05
CA VAL A 519 12.58 18.42 -35.40
C VAL A 519 13.61 17.84 -36.36
N ASP A 520 14.79 18.45 -36.41
CA ASP A 520 15.89 17.95 -37.22
C ASP A 520 16.59 16.82 -36.47
N VAL A 521 16.54 15.60 -37.03
CA VAL A 521 17.22 14.46 -36.43
C VAL A 521 18.72 14.69 -36.41
N GLY A 522 19.25 15.34 -37.45
CA GLY A 522 20.68 15.62 -37.49
C GLY A 522 21.13 16.53 -36.36
N ALA A 523 20.31 17.55 -36.04
CA ALA A 523 20.62 18.44 -34.93
C ALA A 523 20.64 17.70 -33.59
N LEU A 524 19.66 16.83 -33.37
CA LEU A 524 19.65 16.05 -32.13
C LEU A 524 20.91 15.21 -32.00
N CYS A 525 21.34 14.58 -33.09
CA CYS A 525 22.52 13.71 -33.02
C CYS A 525 23.78 14.52 -32.75
N ARG A 526 23.88 15.72 -33.33
CA ARG A 526 25.04 16.56 -33.07
C ARG A 526 25.08 16.99 -31.61
N ALA A 527 23.91 17.32 -31.04
CA ALA A 527 23.87 17.77 -29.65
C ALA A 527 24.40 16.71 -28.70
N TYR A 528 24.12 15.43 -28.98
CA TYR A 528 24.59 14.33 -28.16
C TYR A 528 25.84 13.66 -28.74
N HIS A 529 26.60 14.39 -29.56
N HIS A 529 26.52 14.35 -29.66
CA HIS A 529 27.80 13.88 -30.24
CA HIS A 529 27.77 13.90 -30.27
C HIS A 529 27.62 12.46 -30.74
C HIS A 529 27.66 12.45 -30.77
N VAL A 530 26.80 12.29 -31.76
CA VAL A 530 26.51 10.98 -32.35
C VAL A 530 26.52 11.13 -33.87
N GLU A 531 27.31 10.30 -34.54
CA GLU A 531 27.36 10.34 -36.00
C GLU A 531 26.01 9.98 -36.59
N SER A 532 25.56 10.77 -37.55
CA SER A 532 24.30 10.51 -38.22
C SER A 532 24.43 10.83 -39.70
N ARG A 533 23.66 10.09 -40.52
CA ARG A 533 23.59 10.31 -41.95
C ARG A 533 22.16 10.21 -42.43
N GLN A 534 21.82 11.05 -43.39
CA GLN A 534 20.53 11.01 -44.08
C GLN A 534 20.74 10.29 -45.41
N ILE A 535 20.02 9.19 -45.64
CA ILE A 535 20.23 8.33 -46.79
C ILE A 535 18.88 7.96 -47.40
N GLU A 536 18.94 7.23 -48.52
CA GLU A 536 17.77 6.76 -49.24
C GLU A 536 17.57 5.28 -48.97
N VAL A 537 16.34 4.80 -49.25
CA VAL A 537 16.03 3.41 -48.98
C VAL A 537 16.86 2.49 -49.88
N ASP A 538 17.24 2.95 -51.07
CA ASP A 538 18.16 2.19 -51.90
C ASP A 538 19.52 2.05 -51.24
N GLU A 539 20.00 3.12 -50.62
CA GLU A 539 21.31 3.12 -49.97
C GLU A 539 21.32 2.34 -48.66
N LEU A 540 20.14 2.07 -48.09
CA LEU A 540 20.07 1.56 -46.73
C LEU A 540 20.84 0.26 -46.58
N GLY A 541 20.62 -0.69 -47.50
CA GLY A 541 21.33 -1.94 -47.48
C GLY A 541 22.84 -1.80 -47.54
N PRO A 542 23.37 -1.21 -48.61
CA PRO A 542 24.83 -1.08 -48.73
C PRO A 542 25.46 -0.24 -47.63
N THR A 543 24.73 0.71 -47.04
CA THR A 543 25.29 1.49 -45.94
C THR A 543 25.28 0.70 -44.63
N LEU A 544 24.31 -0.20 -44.45
CA LEU A 544 24.30 -1.05 -43.26
C LEU A 544 25.43 -2.07 -43.27
N ASP A 545 26.00 -2.37 -44.44
CA ASP A 545 27.09 -3.32 -44.52
C ASP A 545 28.46 -2.69 -44.29
N GLN A 546 28.57 -1.36 -44.36
CA GLN A 546 29.81 -0.71 -43.98
C GLN A 546 30.10 -1.02 -42.52
N PRO A 547 31.27 -1.57 -42.18
CA PRO A 547 31.60 -1.91 -40.79
C PRO A 547 31.66 -0.68 -39.90
N ALA A 549 31.96 1.38 -36.99
CA ALA A 549 31.87 2.83 -36.88
C ALA A 549 31.25 3.25 -35.55
N GLY A 550 31.27 2.34 -34.58
CA GLY A 550 30.75 2.66 -33.26
C GLY A 550 29.23 2.71 -33.27
N MET A 551 28.69 3.81 -32.77
CA MET A 551 27.25 4.07 -32.76
C MET A 551 26.93 5.11 -33.83
N ARG A 552 25.85 4.90 -34.56
CA ARG A 552 25.48 5.82 -35.63
C ARG A 552 23.97 5.76 -35.87
N VAL A 553 23.43 6.86 -36.39
CA VAL A 553 22.02 6.99 -36.70
C VAL A 553 21.86 7.19 -38.20
N LEU A 554 21.03 6.34 -38.82
CA LEU A 554 20.74 6.41 -40.25
C LEU A 554 19.29 6.85 -40.42
N GLU A 555 19.09 8.08 -40.90
CA GLU A 555 17.76 8.64 -41.07
C GLU A 555 17.29 8.45 -42.50
N VAL A 556 16.05 7.95 -42.65
CA VAL A 556 15.46 7.67 -43.95
C VAL A 556 14.09 8.34 -44.00
N LYS A 557 13.88 9.23 -44.95
CA LYS A 557 12.56 9.84 -45.11
C LYS A 557 11.57 8.82 -45.64
N ALA A 558 10.30 9.02 -45.27
CA ALA A 558 9.20 8.24 -45.80
C ALA A 558 7.95 9.13 -45.81
N ASP A 559 6.84 8.58 -46.31
CA ASP A 559 5.60 9.32 -46.43
C ASP A 559 4.50 8.58 -45.69
N ARG A 560 3.82 9.29 -44.78
CA ARG A 560 2.63 8.74 -44.13
C ARG A 560 1.37 8.99 -44.94
N SER A 561 1.42 9.93 -45.89
CA SER A 561 0.23 10.29 -46.67
C SER A 561 -0.35 9.09 -47.39
N SER A 562 0.49 8.33 -48.08
CA SER A 562 0.04 7.27 -48.96
C SER A 562 -0.11 5.93 -48.25
N LEU A 563 0.18 5.86 -46.95
CA LEU A 563 0.20 4.58 -46.25
C LEU A 563 -1.17 3.91 -46.25
N ARG A 564 -2.24 4.70 -46.09
CA ARG A 564 -3.58 4.13 -46.06
C ARG A 564 -3.93 3.49 -47.40
N GLN A 565 -3.48 4.08 -48.50
CA GLN A 565 -3.74 3.50 -49.81
C GLN A 565 -2.93 2.22 -50.01
N LEU A 566 -1.68 2.20 -49.55
CA LEU A 566 -0.86 1.01 -49.70
C LEU A 566 -1.45 -0.17 -48.92
N HIS A 567 -1.91 0.07 -47.69
CA HIS A 567 -2.54 -0.98 -46.91
C HIS A 567 -3.85 -1.42 -47.54
N ALA A 568 -4.62 -0.48 -48.09
CA ALA A 568 -5.84 -0.85 -48.79
C ALA A 568 -5.53 -1.64 -50.06
N ALA A 569 -4.45 -1.28 -50.76
CA ALA A 569 -4.07 -2.01 -51.96
C ALA A 569 -3.63 -3.43 -51.64
N ILE A 570 -2.97 -3.62 -50.49
CA ILE A 570 -2.53 -4.96 -50.08
C ILE A 570 -3.72 -5.84 -49.77
N LYS A 571 -4.73 -5.29 -49.08
CA LYS A 571 -5.89 -6.09 -48.70
C LYS A 571 -6.73 -6.47 -49.91
N ALA A 572 -6.85 -5.56 -50.89
CA ALA A 572 -7.59 -5.88 -52.11
C ALA A 572 -6.83 -6.90 -52.95
N ALA A 573 -5.51 -6.98 -52.81
CA ALA A 573 -4.70 -7.92 -53.57
C ALA A 573 -4.80 -9.34 -53.03
N LEU A 574 -5.36 -9.54 -51.84
CA LEU A 574 -5.51 -10.89 -51.30
C LEU A 574 -6.78 -11.55 -51.84
N ASN B 22 -26.60 11.04 -25.46
CA ASN B 22 -25.43 10.40 -24.87
C ASN B 22 -25.05 11.09 -23.55
N PRO B 23 -25.56 10.55 -22.44
CA PRO B 23 -25.32 11.21 -21.14
C PRO B 23 -23.85 11.39 -20.78
N SER B 24 -22.97 10.52 -21.28
CA SER B 24 -21.55 10.67 -20.97
C SER B 24 -20.99 11.98 -21.53
N THR B 25 -21.45 12.36 -22.72
CA THR B 25 -21.04 13.66 -23.27
C THR B 25 -21.59 14.80 -22.42
N THR B 26 -22.84 14.70 -21.99
CA THR B 26 -23.43 15.73 -21.13
C THR B 26 -22.70 15.80 -19.80
N GLN B 27 -22.34 14.66 -19.23
CA GLN B 27 -21.61 14.63 -17.98
C GLN B 27 -20.28 15.37 -18.08
N ALA B 28 -19.57 15.17 -19.20
CA ALA B 28 -18.27 15.82 -19.37
C ALA B 28 -18.40 17.33 -19.40
N ARG B 29 -19.47 17.84 -20.03
CA ARG B 29 -19.67 19.29 -20.08
C ARG B 29 -20.06 19.84 -18.72
N VAL B 30 -20.73 19.04 -17.89
CA VAL B 30 -21.08 19.49 -16.55
C VAL B 30 -19.84 19.62 -15.69
N VAL B 31 -18.95 18.61 -15.74
CA VAL B 31 -17.73 18.64 -14.95
C VAL B 31 -16.82 19.78 -15.41
N VAL B 32 -16.60 19.89 -16.73
CA VAL B 32 -15.73 20.93 -17.25
C VAL B 32 -16.25 22.31 -16.86
N ASP B 33 -17.57 22.51 -16.94
CA ASP B 33 -18.15 23.80 -16.56
C ASP B 33 -17.96 24.07 -15.07
N GLU B 34 -18.19 23.06 -14.22
CA GLU B 34 -17.98 23.27 -12.78
C GLU B 34 -16.51 23.44 -12.46
N LEU B 35 -15.61 22.77 -13.18
CA LEU B 35 -14.18 22.97 -12.97
C LEU B 35 -13.78 24.40 -13.29
N ILE B 36 -14.36 24.98 -14.35
CA ILE B 36 -14.05 26.36 -14.70
C ILE B 36 -14.60 27.31 -13.65
N ARG B 37 -15.77 26.98 -13.08
CA ARG B 37 -16.33 27.80 -12.02
C ARG B 37 -15.48 27.74 -10.76
N GLY B 38 -14.80 26.62 -10.54
CA GLY B 38 -13.92 26.46 -9.40
C GLY B 38 -12.56 27.10 -9.52
N GLY B 39 -12.27 27.74 -10.65
CA GLY B 39 -11.01 28.46 -10.83
C GLY B 39 -10.02 27.82 -11.78
N VAL B 40 -10.36 26.70 -12.41
CA VAL B 40 -9.43 26.04 -13.33
C VAL B 40 -9.37 26.84 -14.63
N ARG B 41 -8.17 27.31 -14.98
CA ARG B 41 -7.95 28.04 -16.21
C ARG B 41 -7.07 27.28 -17.21
N ASP B 42 -6.43 26.19 -16.80
CA ASP B 42 -5.48 25.48 -17.64
C ASP B 42 -5.63 23.98 -17.43
N VAL B 43 -5.59 23.23 -18.52
CA VAL B 43 -5.62 21.77 -18.50
C VAL B 43 -4.53 21.25 -19.42
N VAL B 44 -3.87 20.18 -19.01
CA VAL B 44 -2.75 19.59 -19.74
C VAL B 44 -3.19 18.21 -20.21
N LEU B 45 -3.02 17.94 -21.51
CA LEU B 45 -3.42 16.69 -22.13
C LEU B 45 -2.24 16.04 -22.83
N CYS B 46 -2.29 14.72 -22.93
CA CYS B 46 -1.40 13.94 -23.79
C CYS B 46 -2.22 12.97 -24.62
N PRO B 47 -1.84 12.75 -25.87
CA PRO B 47 -2.56 11.76 -26.68
C PRO B 47 -2.29 10.35 -26.19
N GLY B 48 -3.32 9.51 -26.27
CA GLY B 48 -3.19 8.14 -25.81
C GLY B 48 -4.25 7.27 -26.44
N SER B 49 -4.10 5.96 -26.24
CA SER B 49 -5.02 4.98 -26.81
C SER B 49 -6.46 5.32 -26.46
N ARG B 50 -6.76 5.43 -25.17
CA ARG B 50 -8.09 5.78 -24.72
C ARG B 50 -8.41 7.24 -25.06
N ASN B 51 -9.67 7.49 -25.38
CA ASN B 51 -10.14 8.87 -25.44
C ASN B 51 -9.92 9.53 -24.09
N ALA B 52 -9.46 10.79 -24.12
CA ALA B 52 -9.20 11.50 -22.88
C ALA B 52 -10.49 11.71 -22.10
N PRO B 53 -10.44 11.65 -20.78
CA PRO B 53 -11.61 12.04 -19.98
C PRO B 53 -11.97 13.49 -20.25
N LEU B 54 -13.17 13.69 -20.80
CA LEU B 54 -13.72 15.03 -21.08
C LEU B 54 -13.03 15.69 -22.27
N ALA B 55 -12.45 14.88 -23.17
CA ALA B 55 -11.61 15.41 -24.24
C ALA B 55 -12.36 16.42 -25.09
N PHE B 56 -13.59 16.08 -25.51
CA PHE B 56 -14.32 16.97 -26.40
C PHE B 56 -14.96 18.14 -25.66
N ALA B 57 -15.38 17.94 -24.41
CA ALA B 57 -15.84 19.06 -23.61
C ALA B 57 -14.70 20.04 -23.34
N LEU B 58 -13.48 19.53 -23.15
CA LEU B 58 -12.33 20.41 -23.01
C LEU B 58 -12.01 21.10 -24.32
N GLN B 59 -12.23 20.43 -25.44
CA GLN B 59 -12.01 21.04 -26.74
C GLN B 59 -13.00 22.17 -26.99
N ASP B 60 -14.29 21.92 -26.72
CA ASP B 60 -15.29 22.98 -26.82
C ASP B 60 -14.93 24.15 -25.92
N ALA B 61 -14.48 23.87 -24.69
CA ALA B 61 -14.12 24.94 -23.78
C ALA B 61 -12.88 25.70 -24.24
N ASP B 62 -11.99 25.03 -24.96
CA ASP B 62 -10.79 25.70 -25.47
C ASP B 62 -11.14 26.70 -26.56
N ARG B 63 -11.95 26.28 -27.53
CA ARG B 63 -12.30 27.15 -28.65
C ARG B 63 -13.12 28.35 -28.19
N SER B 64 -13.99 28.15 -27.20
CA SER B 64 -14.80 29.24 -26.68
C SER B 64 -14.04 30.15 -25.72
N GLY B 65 -12.75 29.88 -25.47
CA GLY B 65 -11.94 30.74 -24.64
C GLY B 65 -12.18 30.64 -23.14
N ARG B 66 -12.98 29.68 -22.68
CA ARG B 66 -13.24 29.55 -21.26
C ARG B 66 -12.12 28.84 -20.52
N ILE B 67 -11.26 28.13 -21.25
CA ILE B 67 -10.15 27.38 -20.67
C ILE B 67 -9.05 27.33 -21.71
N ARG B 68 -7.84 27.01 -21.27
CA ARG B 68 -6.69 26.93 -22.17
C ARG B 68 -6.07 25.55 -22.08
N LEU B 69 -6.00 24.86 -23.21
CA LEU B 69 -5.46 23.51 -23.28
C LEU B 69 -3.97 23.55 -23.60
N HIS B 70 -3.23 22.59 -23.04
CA HIS B 70 -1.84 22.38 -23.37
C HIS B 70 -1.63 20.90 -23.68
N VAL B 71 -1.03 20.62 -24.83
CA VAL B 71 -0.84 19.24 -25.28
C VAL B 71 0.65 18.96 -25.36
N ARG B 72 1.05 17.81 -24.82
CA ARG B 72 2.43 17.37 -24.87
C ARG B 72 2.45 15.88 -25.15
N ILE B 73 3.54 15.42 -25.76
CA ILE B 73 3.72 13.99 -25.98
C ILE B 73 4.26 13.31 -24.73
N ASP B 74 5.26 13.93 -24.10
CA ASP B 74 5.89 13.35 -22.92
C ASP B 74 5.01 13.57 -21.70
N GLU B 75 4.53 12.47 -21.11
CA GLU B 75 3.63 12.56 -19.97
C GLU B 75 4.35 13.03 -18.69
N ARG B 76 5.66 12.77 -18.57
CA ARG B 76 6.39 13.28 -17.41
C ARG B 76 6.48 14.79 -17.44
N THR B 77 6.91 15.34 -18.59
CA THR B 77 6.97 16.79 -18.72
C THR B 77 5.59 17.41 -18.68
N ALA B 78 4.53 16.67 -19.04
CA ALA B 78 3.19 17.22 -18.91
C ALA B 78 2.82 17.43 -17.45
N GLY B 79 3.17 16.48 -16.59
CA GLY B 79 2.89 16.64 -15.18
C GLY B 79 3.57 17.87 -14.59
N TYR B 80 4.85 18.05 -14.93
CA TYR B 80 5.60 19.18 -14.39
C TYR B 80 5.16 20.50 -15.02
N LEU B 81 4.69 20.47 -16.27
CA LEU B 81 4.06 21.66 -16.84
C LEU B 81 2.83 22.07 -16.03
N ALA B 82 2.02 21.08 -15.64
CA ALA B 82 0.86 21.37 -14.82
C ALA B 82 1.25 21.96 -13.47
N ILE B 83 2.34 21.47 -12.88
CA ILE B 83 2.82 22.05 -11.63
C ILE B 83 3.19 23.51 -11.84
N GLY B 84 3.90 23.83 -12.93
CA GLY B 84 4.23 25.21 -13.21
C GLY B 84 2.99 26.08 -13.41
N LEU B 85 2.01 25.58 -14.16
CA LEU B 85 0.78 26.32 -14.36
C LEU B 85 0.06 26.61 -13.04
N ALA B 86 0.21 25.72 -12.05
CA ALA B 86 -0.49 25.91 -10.79
C ALA B 86 0.27 26.81 -9.82
N ILE B 87 1.60 26.77 -9.84
CA ILE B 87 2.37 27.64 -8.95
C ILE B 87 2.62 29.01 -9.54
N GLY B 88 2.45 29.18 -10.86
CA GLY B 88 2.65 30.48 -11.47
C GLY B 88 1.67 31.54 -10.99
N ALA B 89 0.43 31.13 -10.68
CA ALA B 89 -0.58 32.07 -10.20
C ALA B 89 -1.43 31.54 -9.05
N GLY B 90 -1.22 30.32 -8.60
CA GLY B 90 -1.97 29.78 -7.47
C GLY B 90 -3.30 29.14 -7.81
N ALA B 91 -3.52 28.76 -9.05
CA ALA B 91 -4.79 28.19 -9.45
C ALA B 91 -4.71 26.67 -9.51
N PRO B 92 -5.84 25.98 -9.32
CA PRO B 92 -5.87 24.54 -9.58
C PRO B 92 -5.69 24.25 -11.06
N VAL B 93 -5.03 23.12 -11.33
CA VAL B 93 -4.71 22.72 -12.70
C VAL B 93 -5.05 21.25 -12.88
N CYS B 94 -5.61 20.91 -14.04
CA CYS B 94 -5.98 19.54 -14.35
C CYS B 94 -5.00 18.93 -15.34
N VAL B 95 -4.76 17.63 -15.18
CA VAL B 95 -3.99 16.85 -16.14
C VAL B 95 -4.81 15.63 -16.53
N ALA B 96 -4.87 15.35 -17.83
CA ALA B 96 -5.77 14.33 -18.39
C ALA B 96 -4.97 13.12 -18.82
N MET B 97 -5.00 12.07 -18.01
CA MET B 97 -4.35 10.81 -18.37
C MET B 97 -5.11 10.10 -19.50
N THR B 98 -4.34 9.39 -20.34
CA THR B 98 -4.90 8.81 -21.54
C THR B 98 -4.34 7.45 -21.89
N SER B 99 -3.34 6.94 -21.17
CA SER B 99 -2.62 5.77 -21.61
C SER B 99 -2.25 4.90 -20.41
N GLY B 100 -1.65 3.76 -20.69
CA GLY B 100 -1.14 2.81 -19.71
C GLY B 100 0.24 3.11 -19.20
N THR B 101 0.85 4.21 -19.66
CA THR B 101 2.09 4.71 -19.09
C THR B 101 1.87 6.00 -18.31
N ALA B 102 0.64 6.51 -18.26
CA ALA B 102 0.39 7.83 -17.71
C ALA B 102 0.61 7.86 -16.20
N VAL B 103 0.16 6.83 -15.50
CA VAL B 103 0.32 6.81 -14.04
C VAL B 103 1.80 6.75 -13.67
N ALA B 104 2.58 5.91 -14.36
CA ALA B 104 4.00 5.82 -14.06
C ALA B 104 4.73 7.12 -14.37
N ASN B 105 4.39 7.77 -15.49
CA ASN B 105 5.07 9.00 -15.86
C ASN B 105 4.63 10.19 -15.01
N LEU B 106 3.40 10.18 -14.51
CA LEU B 106 2.92 11.28 -13.67
C LEU B 106 3.42 11.19 -12.23
N GLY B 107 3.96 10.07 -11.81
CA GLY B 107 4.43 9.86 -10.46
C GLY B 107 5.30 10.97 -9.90
N PRO B 108 6.37 11.35 -10.62
CA PRO B 108 7.23 12.44 -10.12
C PRO B 108 6.48 13.73 -9.84
N ALA B 109 5.67 14.20 -10.79
CA ALA B 109 4.91 15.44 -10.58
C ALA B 109 3.95 15.29 -9.39
N VAL B 110 3.29 14.14 -9.27
CA VAL B 110 2.31 13.97 -8.20
C VAL B 110 3.01 13.93 -6.84
N VAL B 111 4.16 13.25 -6.75
CA VAL B 111 4.93 13.27 -5.52
C VAL B 111 5.32 14.70 -5.17
N GLU B 112 5.77 15.47 -6.15
CA GLU B 112 6.17 16.86 -5.89
C GLU B 112 4.98 17.72 -5.51
N ALA B 113 3.82 17.47 -6.11
CA ALA B 113 2.62 18.23 -5.76
C ALA B 113 2.21 17.96 -4.31
N ASN B 114 2.35 16.71 -3.86
CA ASN B 114 2.05 16.38 -2.47
C ASN B 114 2.94 17.16 -1.51
N TYR B 115 4.26 17.13 -1.72
CA TYR B 115 5.17 17.73 -0.75
C TYR B 115 5.25 19.25 -0.87
N ALA B 116 5.02 19.80 -2.06
CA ALA B 116 5.00 21.25 -2.22
C ALA B 116 3.61 21.86 -2.10
N ARG B 117 2.58 21.03 -1.88
CA ARG B 117 1.20 21.50 -1.66
C ARG B 117 0.71 22.30 -2.87
N VAL B 118 0.73 21.63 -4.02
CA VAL B 118 0.32 22.22 -5.29
C VAL B 118 -1.03 21.63 -5.67
N PRO B 119 -2.05 22.47 -5.93
CA PRO B 119 -3.37 21.95 -6.30
C PRO B 119 -3.41 21.31 -7.67
N LEU B 120 -3.21 19.99 -7.73
CA LEU B 120 -3.10 19.26 -9.00
C LEU B 120 -4.23 18.25 -9.08
N ILE B 121 -5.04 18.33 -10.13
CA ILE B 121 -6.16 17.42 -10.33
C ILE B 121 -5.80 16.48 -11.46
N VAL B 122 -5.77 15.18 -11.17
CA VAL B 122 -5.44 14.15 -12.14
C VAL B 122 -6.75 13.51 -12.61
N LEU B 123 -7.11 13.73 -13.87
CA LEU B 123 -8.36 13.23 -14.42
C LEU B 123 -8.13 11.87 -15.07
N SER B 124 -8.96 10.89 -14.71
CA SER B 124 -8.87 9.56 -15.29
C SER B 124 -10.26 9.08 -15.70
N ALA B 125 -10.29 8.13 -16.63
CA ALA B 125 -11.54 7.61 -17.21
C ALA B 125 -11.44 6.09 -17.28
N ASN B 126 -11.94 5.43 -16.25
CA ASN B 126 -11.93 3.97 -16.19
C ASN B 126 -13.17 3.36 -16.81
N ARG B 127 -13.07 2.08 -17.12
CA ARG B 127 -14.18 1.33 -17.69
C ARG B 127 -14.72 0.33 -16.67
N PRO B 128 -15.91 0.54 -16.13
CA PRO B 128 -16.46 -0.44 -15.18
C PRO B 128 -17.06 -1.67 -15.83
N TYR B 129 -17.25 -1.66 -17.15
CA TYR B 129 -17.70 -2.83 -17.88
C TYR B 129 -16.58 -3.77 -18.27
N GLU B 130 -15.33 -3.36 -18.05
CA GLU B 130 -14.17 -4.18 -18.33
C GLU B 130 -13.75 -4.96 -17.09
N LEU B 131 -13.08 -6.09 -17.32
CA LEU B 131 -12.60 -6.95 -16.24
C LEU B 131 -11.26 -6.45 -15.75
N LEU B 132 -11.10 -6.41 -14.42
CA LEU B 132 -9.90 -5.90 -13.77
C LEU B 132 -9.30 -6.98 -12.88
N GLY B 133 -7.99 -7.17 -12.97
CA GLY B 133 -7.31 -8.14 -12.15
C GLY B 133 -6.48 -9.14 -12.95
N MET B 140 -5.76 1.49 -16.73
CA MET B 140 -4.80 2.17 -15.87
C MET B 140 -3.83 1.19 -15.21
N GLU B 141 -2.53 1.45 -15.37
CA GLU B 141 -1.49 0.62 -14.75
C GLU B 141 -1.08 1.26 -13.43
N GLN B 142 -1.87 1.00 -12.40
CA GLN B 142 -1.71 1.69 -11.13
C GLN B 142 -0.54 1.13 -10.34
N LEU B 143 0.30 2.04 -9.86
CA LEU B 143 1.37 1.73 -8.94
C LEU B 143 0.86 1.96 -7.51
N GLY B 144 1.76 2.03 -6.54
CA GLY B 144 1.33 2.17 -5.16
C GLY B 144 1.30 3.59 -4.61
N TYR B 145 1.65 4.59 -5.41
CA TYR B 145 1.82 5.93 -4.86
C TYR B 145 0.52 6.70 -4.72
N PHE B 146 -0.52 6.36 -5.49
CA PHE B 146 -1.79 7.10 -5.37
C PHE B 146 -2.31 7.04 -3.94
N GLY B 147 -2.14 5.90 -3.27
CA GLY B 147 -2.62 5.80 -1.90
C GLY B 147 -1.93 6.77 -0.95
N THR B 148 -0.64 6.98 -1.13
CA THR B 148 0.14 7.77 -0.18
C THR B 148 0.25 9.24 -0.54
N GLN B 149 0.03 9.62 -1.80
CA GLN B 149 0.36 10.98 -2.25
C GLN B 149 -0.84 11.91 -2.40
N VAL B 150 -2.06 11.41 -2.66
CA VAL B 150 -3.17 12.28 -3.03
C VAL B 150 -4.01 12.66 -1.81
N ARG B 151 -4.62 13.84 -1.90
CA ARG B 151 -5.56 14.29 -0.86
C ARG B 151 -6.87 13.49 -0.90
N ALA B 152 -7.34 13.11 -2.09
CA ALA B 152 -8.62 12.42 -2.21
C ALA B 152 -8.61 11.59 -3.49
N SER B 153 -9.46 10.58 -3.50
CA SER B 153 -9.67 9.70 -4.66
C SER B 153 -11.17 9.58 -4.87
N ILE B 154 -11.71 10.39 -5.78
CA ILE B 154 -13.15 10.49 -5.98
C ILE B 154 -13.51 9.98 -7.37
N SER B 155 -14.47 9.06 -7.43
CA SER B 155 -15.02 8.58 -8.69
C SER B 155 -16.44 9.11 -8.85
N LEU B 156 -16.84 9.37 -10.09
CA LEU B 156 -18.16 9.94 -10.35
C LEU B 156 -19.25 8.89 -10.46
N GLY B 157 -18.95 7.72 -10.99
CA GLY B 157 -20.04 6.80 -11.26
C GLY B 157 -20.57 6.94 -12.67
N LEU B 158 -21.10 5.84 -13.20
CA LEU B 158 -21.43 5.78 -14.62
C LEU B 158 -22.61 6.68 -14.95
N ALA B 159 -22.48 7.39 -16.07
CA ALA B 159 -23.54 8.27 -16.55
C ALA B 159 -24.78 7.47 -16.94
N GLU B 160 -25.85 7.62 -16.17
CA GLU B 160 -27.09 6.89 -16.40
C GLU B 160 -28.06 7.74 -17.19
N ASP B 161 -28.76 7.10 -18.13
CA ASP B 161 -29.74 7.79 -18.97
C ASP B 161 -31.07 7.87 -18.24
N ALA B 162 -31.51 9.10 -17.95
CA ALA B 162 -32.77 9.34 -17.25
C ALA B 162 -33.19 10.79 -17.44
N PRO B 163 -34.13 11.07 -18.36
CA PRO B 163 -34.54 12.46 -18.60
C PRO B 163 -35.27 13.10 -17.41
N GLU B 164 -35.67 12.33 -16.40
CA GLU B 164 -36.35 12.89 -15.24
C GLU B 164 -35.40 13.26 -14.11
N ARG B 165 -34.27 12.58 -14.00
CA ARG B 165 -33.29 12.84 -12.95
C ARG B 165 -32.21 13.81 -13.38
N THR B 166 -32.41 14.52 -14.49
CA THR B 166 -31.36 15.39 -15.04
C THR B 166 -30.99 16.52 -14.08
N SER B 167 -31.97 17.04 -13.33
CA SER B 167 -31.65 18.07 -12.35
C SER B 167 -30.99 17.47 -11.11
N ALA B 168 -31.29 16.20 -10.79
CA ALA B 168 -30.63 15.55 -9.67
C ALA B 168 -29.24 15.06 -10.04
N LEU B 169 -29.06 14.60 -11.28
CA LEU B 169 -27.74 14.18 -11.73
C LEU B 169 -26.80 15.37 -11.86
N ASN B 170 -27.30 16.50 -12.35
CA ASN B 170 -26.50 17.72 -12.41
C ASN B 170 -25.99 18.10 -11.02
N ALA B 171 -26.84 17.97 -9.99
CA ALA B 171 -26.42 18.31 -8.65
C ALA B 171 -25.41 17.33 -8.09
N THR B 172 -25.51 16.05 -8.46
CA THR B 172 -24.54 15.06 -7.98
C THR B 172 -23.18 15.26 -8.64
N TRP B 173 -23.18 15.51 -9.96
CA TRP B 173 -21.92 15.70 -10.67
C TRP B 173 -21.21 16.97 -10.23
N ARG B 174 -21.95 18.06 -10.06
CA ARG B 174 -21.33 19.32 -9.66
C ARG B 174 -20.91 19.32 -8.20
N SER B 175 -21.53 18.49 -7.37
CA SER B 175 -21.11 18.38 -5.97
C SER B 175 -19.81 17.61 -5.85
N ALA B 176 -19.67 16.51 -6.59
CA ALA B 176 -18.43 15.77 -6.59
C ALA B 176 -17.29 16.61 -7.15
N THR B 177 -17.59 17.47 -8.12
CA THR B 177 -16.55 18.32 -8.71
C THR B 177 -16.11 19.39 -7.72
N CYS B 178 -17.07 20.04 -7.05
CA CYS B 178 -16.72 20.99 -6.02
C CYS B 178 -15.92 20.33 -4.91
N ARG B 179 -16.26 19.07 -4.58
N ARG B 179 -16.25 19.08 -4.57
CA ARG B 179 -15.53 18.32 -3.58
CA ARG B 179 -15.50 18.37 -3.55
C ARG B 179 -14.12 18.00 -4.02
C ARG B 179 -14.08 18.08 -4.03
N VAL B 180 -13.92 17.78 -5.32
CA VAL B 180 -12.59 17.53 -5.85
C VAL B 180 -11.72 18.78 -5.79
N LEU B 181 -12.29 19.93 -6.17
CA LEU B 181 -11.54 21.18 -6.12
C LEU B 181 -11.21 21.59 -4.69
N ALA B 182 -12.14 21.34 -3.76
CA ALA B 182 -11.90 21.68 -2.36
C ALA B 182 -10.73 20.88 -1.78
N ALA B 183 -10.65 19.58 -2.11
CA ALA B 183 -9.56 18.77 -1.64
C ALA B 183 -8.24 19.19 -2.28
N ALA B 184 -8.28 19.58 -3.56
CA ALA B 184 -7.04 19.94 -4.26
C ALA B 184 -6.48 21.25 -3.74
N THR B 185 -7.33 22.23 -3.47
CA THR B 185 -6.89 23.55 -3.03
C THR B 185 -6.79 23.66 -1.51
N GLY B 186 -7.18 22.64 -0.78
CA GLY B 186 -7.19 22.72 0.67
C GLY B 186 -8.21 23.69 1.23
N ALA B 187 -9.35 23.84 0.56
CA ALA B 187 -10.35 24.83 1.00
C ALA B 187 -10.80 24.58 2.43
N ARG B 188 -10.89 23.31 2.84
CA ARG B 188 -11.25 22.96 4.21
C ARG B 188 -10.08 22.49 5.06
N THR B 189 -9.09 21.83 4.45
CA THR B 189 -7.98 21.25 5.23
C THR B 189 -6.79 22.17 5.37
N ALA B 190 -6.72 23.26 4.60
CA ALA B 190 -5.55 24.13 4.53
C ALA B 190 -4.30 23.39 4.07
N ASN B 191 -4.48 22.26 3.40
CA ASN B 191 -3.37 21.44 2.92
C ASN B 191 -3.61 21.07 1.46
N ALA B 192 -3.34 22.01 0.55
CA ALA B 192 -3.51 21.75 -0.87
C ALA B 192 -2.61 20.59 -1.30
N GLY B 193 -2.92 20.01 -2.46
CA GLY B 193 -2.22 18.84 -2.94
C GLY B 193 -2.94 18.17 -4.09
N PRO B 194 -2.40 17.03 -4.54
CA PRO B 194 -2.96 16.37 -5.72
C PRO B 194 -4.18 15.52 -5.40
N VAL B 195 -5.08 15.42 -6.37
CA VAL B 195 -6.35 14.70 -6.22
C VAL B 195 -6.57 13.84 -7.47
N HIS B 196 -7.04 12.61 -7.26
CA HIS B 196 -7.38 11.70 -8.34
C HIS B 196 -8.88 11.74 -8.58
N PHE B 197 -9.29 12.18 -9.77
CA PHE B 197 -10.70 12.32 -10.15
C PHE B 197 -10.97 11.37 -11.31
N ASP B 198 -11.78 10.34 -11.06
CA ASP B 198 -12.12 9.35 -12.07
C ASP B 198 -13.54 9.59 -12.60
N ILE B 199 -13.65 9.68 -13.92
CA ILE B 199 -14.94 9.86 -14.59
C ILE B 199 -15.14 8.67 -15.53
N PRO B 200 -15.90 7.66 -15.11
CA PRO B 200 -15.99 6.42 -15.87
C PRO B 200 -16.87 6.54 -17.11
N LEU B 201 -16.52 5.74 -18.12
CA LEU B 201 -17.21 5.73 -19.40
C LEU B 201 -17.60 4.30 -19.77
N ARG B 202 -18.72 4.19 -20.49
CA ARG B 202 -19.22 2.88 -20.92
C ARG B 202 -18.34 2.28 -22.02
N VAL B 215 -28.34 20.70 -24.89
CA VAL B 215 -27.36 21.59 -24.29
C VAL B 215 -26.95 21.08 -22.90
N THR B 216 -26.18 21.90 -22.17
CA THR B 216 -25.66 21.52 -20.86
C THR B 216 -26.58 21.99 -19.75
N PRO B 217 -26.97 21.12 -18.82
CA PRO B 217 -27.73 21.58 -17.66
C PRO B 217 -26.99 22.66 -16.92
N PRO B 218 -27.70 23.56 -16.24
CA PRO B 218 -27.07 24.75 -15.70
C PRO B 218 -26.51 24.57 -14.29
N GLY B 219 -25.71 25.55 -13.88
CA GLY B 219 -25.25 25.66 -12.51
C GLY B 219 -25.86 26.85 -11.80
N ARG B 220 -25.32 27.13 -10.62
CA ARG B 220 -25.74 28.28 -9.83
C ARG B 220 -25.60 29.56 -10.67
N PRO B 221 -26.36 30.60 -10.36
CA PRO B 221 -26.32 31.80 -11.20
C PRO B 221 -25.10 32.66 -10.91
N ALA B 222 -24.81 33.55 -11.85
CA ALA B 222 -23.65 34.45 -11.78
C ALA B 222 -22.34 33.67 -11.78
N GLY B 223 -22.34 32.48 -12.40
CA GLY B 223 -21.13 31.69 -12.54
C GLY B 223 -20.56 31.18 -11.24
N LYS B 224 -21.35 31.13 -10.18
CA LYS B 224 -20.88 30.72 -8.87
C LYS B 224 -20.72 29.20 -8.81
N PRO B 225 -19.80 28.71 -7.98
CA PRO B 225 -19.67 27.27 -7.81
C PRO B 225 -20.91 26.67 -7.16
N TRP B 226 -21.10 25.37 -7.39
CA TRP B 226 -22.28 24.68 -6.89
C TRP B 226 -22.34 24.74 -5.37
N THR B 227 -21.29 24.25 -4.70
CA THR B 227 -21.20 24.26 -3.25
C THR B 227 -20.14 25.27 -2.85
N TYR B 228 -20.56 26.35 -2.19
CA TYR B 228 -19.64 27.38 -1.74
C TYR B 228 -18.96 26.92 -0.46
N THR B 229 -17.63 26.88 -0.48
CA THR B 229 -16.83 26.70 0.73
C THR B 229 -15.90 27.88 0.86
N PRO B 230 -16.01 28.71 1.89
CA PRO B 230 -15.01 29.76 2.11
C PRO B 230 -13.65 29.13 2.38
N PRO B 231 -12.59 29.66 1.76
CA PRO B 231 -11.23 29.25 2.15
C PRO B 231 -11.04 29.39 3.65
N VAL B 232 -10.81 28.27 4.34
CA VAL B 232 -10.85 28.26 5.80
C VAL B 232 -9.69 29.09 6.35
N THR B 233 -9.89 29.63 7.56
CA THR B 233 -8.82 30.24 8.33
C THR B 233 -8.38 29.24 9.39
N PHE B 234 -7.14 28.78 9.26
N PHE B 234 -7.09 28.89 9.37
CA PHE B 234 -6.53 27.92 10.27
CA PHE B 234 -6.49 27.89 10.24
C PHE B 234 -5.72 28.80 11.21
C PHE B 234 -5.56 28.62 11.22
N ASP B 235 -5.90 28.58 12.51
CA ASP B 235 -5.28 29.45 13.51
C ASP B 235 -4.81 28.65 14.71
N GLN B 236 -3.52 28.80 15.03
CA GLN B 236 -2.92 28.20 16.21
C GLN B 236 -1.93 29.20 16.79
N PRO B 237 -2.41 30.17 17.56
CA PRO B 237 -1.50 31.18 18.10
C PRO B 237 -0.51 30.58 19.09
N LEU B 238 0.67 31.19 19.14
CA LEU B 238 1.77 30.68 19.96
C LEU B 238 2.47 31.84 20.67
N ASP B 239 2.79 31.64 21.94
CA ASP B 239 3.47 32.67 22.73
C ASP B 239 4.98 32.61 22.50
N ILE B 240 5.57 33.75 22.15
CA ILE B 240 7.01 33.85 21.92
C ILE B 240 7.51 35.16 22.50
N ASP B 241 8.58 35.09 23.29
CA ASP B 241 9.22 36.26 23.88
C ASP B 241 10.39 36.68 22.98
N LEU B 242 10.28 37.85 22.36
CA LEU B 242 11.29 38.30 21.41
C LEU B 242 12.50 38.94 22.08
N SER B 243 12.50 39.11 23.40
CA SER B 243 13.69 39.64 24.07
C SER B 243 14.81 38.61 24.10
N VAL B 244 14.46 37.33 24.15
CA VAL B 244 15.45 36.27 23.96
C VAL B 244 16.03 36.38 22.56
N ASP B 245 17.37 36.30 22.46
CA ASP B 245 18.07 36.46 21.19
C ASP B 245 17.56 35.47 20.16
N THR B 246 16.85 35.98 19.16
CA THR B 246 16.03 35.16 18.28
C THR B 246 16.41 35.40 16.82
N VAL B 247 16.40 34.33 16.04
CA VAL B 247 16.60 34.39 14.60
C VAL B 247 15.42 33.70 13.93
N VAL B 248 15.03 34.21 12.78
CA VAL B 248 13.93 33.63 12.02
C VAL B 248 14.53 32.89 10.84
N ILE B 249 14.09 31.65 10.62
CA ILE B 249 14.53 30.83 9.51
C ILE B 249 13.27 30.42 8.75
N SER B 250 13.13 30.92 7.52
CA SER B 250 11.91 30.73 6.77
C SER B 250 12.21 29.92 5.51
N GLY B 251 11.46 28.84 5.31
CA GLY B 251 11.70 27.97 4.19
C GLY B 251 10.53 27.94 3.23
N HIS B 252 10.38 26.83 2.51
CA HIS B 252 9.33 26.71 1.52
C HIS B 252 7.95 26.63 2.18
N GLY B 253 6.98 27.32 1.61
CA GLY B 253 5.65 27.35 2.19
C GLY B 253 5.50 28.22 3.40
N ALA B 254 6.49 29.06 3.70
CA ALA B 254 6.44 29.92 4.88
C ALA B 254 5.34 30.97 4.74
N GLY B 255 4.76 31.35 5.87
CA GLY B 255 3.79 32.42 5.88
C GLY B 255 4.45 33.79 5.99
N VAL B 256 3.61 34.82 6.03
CA VAL B 256 4.03 36.20 6.18
C VAL B 256 3.61 36.66 7.57
N HIS B 257 4.55 37.21 8.33
CA HIS B 257 4.32 37.54 9.74
C HIS B 257 4.79 38.96 10.02
N PRO B 258 3.89 39.95 10.04
CA PRO B 258 4.32 41.33 10.29
C PRO B 258 4.89 41.55 11.69
N ASN B 259 4.39 40.85 12.71
CA ASN B 259 4.93 41.05 14.05
C ASN B 259 6.30 40.43 14.25
N LEU B 260 6.88 39.80 13.22
CA LEU B 260 8.24 39.27 13.28
C LEU B 260 9.16 40.01 12.32
N ALA B 261 8.73 41.18 11.83
CA ALA B 261 9.43 41.84 10.73
C ALA B 261 10.80 42.34 11.14
N ALA B 262 11.00 42.69 12.40
CA ALA B 262 12.25 43.30 12.84
C ALA B 262 13.36 42.29 13.11
N LEU B 263 13.02 40.99 13.23
CA LEU B 263 14.00 40.00 13.66
C LEU B 263 14.97 39.63 12.53
N PRO B 264 16.21 39.29 12.86
CA PRO B 264 17.14 38.77 11.85
C PRO B 264 16.59 37.49 11.22
N THR B 265 16.61 37.44 9.90
CA THR B 265 15.82 36.46 9.15
C THR B 265 16.67 35.83 8.05
N VAL B 266 16.80 34.51 8.10
CA VAL B 266 17.48 33.74 7.06
C VAL B 266 16.38 33.10 6.23
N ALA B 267 16.09 33.69 5.08
CA ALA B 267 14.95 33.30 4.27
C ALA B 267 15.43 32.63 2.99
N GLU B 268 14.96 31.40 2.75
CA GLU B 268 15.20 30.74 1.48
C GLU B 268 14.58 31.56 0.34
N PRO B 269 15.05 31.36 -0.88
CA PRO B 269 14.54 32.18 -2.00
C PRO B 269 13.04 32.08 -2.21
N THR B 270 12.44 30.90 -1.99
CA THR B 270 11.02 30.74 -2.26
C THR B 270 10.12 31.23 -1.13
N ALA B 271 10.70 31.65 -0.01
CA ALA B 271 9.88 32.12 1.10
C ALA B 271 9.47 33.57 0.84
N PRO B 272 8.19 33.90 0.97
CA PRO B 272 7.78 35.30 0.86
C PRO B 272 8.28 36.06 2.07
N ARG B 273 8.91 37.21 1.83
CA ARG B 273 9.54 37.94 2.92
C ARG B 273 8.55 38.88 3.61
N SER B 274 8.78 39.09 4.90
CA SER B 274 7.90 39.89 5.73
C SER B 274 8.63 40.95 6.54
N GLY B 275 9.94 41.12 6.35
CA GLY B 275 10.70 42.07 7.12
C GLY B 275 11.77 42.74 6.27
N ASP B 276 12.46 43.70 6.90
CA ASP B 276 13.54 44.45 6.28
C ASP B 276 14.89 44.16 6.90
N ASN B 277 15.01 43.08 7.67
CA ASN B 277 16.22 42.74 8.40
C ASN B 277 16.74 41.37 7.98
N PRO B 278 17.31 41.26 6.78
CA PRO B 278 17.80 39.97 6.31
C PRO B 278 19.15 39.62 6.93
N LEU B 279 19.33 38.31 7.16
CA LEU B 279 20.56 37.78 7.72
C LEU B 279 21.14 36.75 6.76
N HIS B 280 22.36 37.02 6.29
CA HIS B 280 22.99 36.14 5.30
C HIS B 280 23.16 34.74 5.89
N PRO B 281 22.91 33.69 5.08
CA PRO B 281 23.05 32.32 5.61
C PRO B 281 24.45 32.01 6.12
N LEU B 282 25.50 32.59 5.52
CA LEU B 282 26.85 32.36 6.01
C LEU B 282 27.15 33.10 7.29
N ALA B 283 26.32 34.06 7.70
CA ALA B 283 26.51 34.73 8.98
C ALA B 283 26.00 33.92 10.15
N LEU B 284 25.12 32.94 9.89
CA LEU B 284 24.51 32.16 10.96
C LEU B 284 25.51 31.48 11.88
N PRO B 285 26.54 30.77 11.40
CA PRO B 285 27.47 30.11 12.33
C PRO B 285 28.40 31.06 13.07
N LEU B 286 28.36 32.36 12.77
CA LEU B 286 29.10 33.35 13.53
C LEU B 286 28.31 33.90 14.71
N LEU B 287 27.12 33.36 14.97
CA LEU B 287 26.23 33.86 16.02
C LEU B 287 25.82 32.72 16.93
N ARG B 288 25.29 33.10 18.10
CA ARG B 288 24.69 32.15 19.04
C ARG B 288 23.27 32.59 19.34
N PRO B 289 22.31 32.23 18.49
CA PRO B 289 20.91 32.48 18.83
C PRO B 289 20.49 31.65 20.04
N GLN B 290 19.62 32.24 20.86
CA GLN B 290 19.04 31.55 22.00
C GLN B 290 17.66 30.98 21.67
N GLN B 291 17.16 31.21 20.47
CA GLN B 291 15.79 30.88 20.10
C GLN B 291 15.69 30.93 18.58
N VAL B 292 14.92 30.01 18.00
CA VAL B 292 14.72 29.98 16.56
C VAL B 292 13.23 29.93 16.27
N ILE B 293 12.75 30.80 15.41
CA ILE B 293 11.42 30.71 14.84
C ILE B 293 11.56 30.15 13.42
N MET B 294 10.98 28.98 13.19
CA MET B 294 11.03 28.30 11.91
C MET B 294 9.70 28.50 11.17
N LEU B 295 9.74 29.15 10.01
CA LEU B 295 8.58 29.38 9.17
C LEU B 295 8.62 28.41 8.00
N GLY B 296 7.56 27.62 7.84
CA GLY B 296 7.53 26.71 6.71
C GLY B 296 8.48 25.54 6.88
N ARG B 297 8.95 25.02 5.75
CA ARG B 297 9.77 23.81 5.73
C ARG B 297 11.13 24.16 5.13
N PRO B 298 12.15 24.42 5.95
CA PRO B 298 13.48 24.75 5.41
C PRO B 298 14.22 23.51 4.95
N THR B 299 14.97 23.66 3.86
CA THR B 299 15.69 22.55 3.24
C THR B 299 17.12 22.90 2.83
N LEU B 300 17.56 24.14 3.03
CA LEU B 300 18.83 24.60 2.50
C LEU B 300 19.79 24.96 3.61
N HIS B 301 21.08 24.89 3.28
CA HIS B 301 22.19 25.33 4.13
C HIS B 301 22.39 24.44 5.35
N ARG B 302 23.48 23.66 5.34
N ARG B 302 23.48 23.67 5.34
CA ARG B 302 23.83 22.86 6.50
CA ARG B 302 23.82 22.87 6.51
C ARG B 302 24.01 23.70 7.77
C ARG B 302 24.03 23.68 7.78
N PRO B 303 24.52 24.94 7.75
CA PRO B 303 24.44 25.77 8.97
C PRO B 303 23.05 25.86 9.58
N VAL B 304 21.99 25.89 8.76
CA VAL B 304 20.64 25.90 9.30
C VAL B 304 20.32 24.58 9.98
N SER B 305 20.67 23.45 9.35
CA SER B 305 20.41 22.14 9.94
C SER B 305 21.14 21.96 11.26
N VAL B 306 22.37 22.46 11.35
CA VAL B 306 23.14 22.34 12.59
C VAL B 306 22.45 23.14 13.69
N LEU B 307 22.04 24.38 13.38
CA LEU B 307 21.35 25.19 14.37
C LEU B 307 20.01 24.58 14.77
N LEU B 308 19.25 24.06 13.80
CA LEU B 308 17.93 23.50 14.13
C LEU B 308 18.04 22.21 14.92
N ALA B 309 19.14 21.49 14.83
CA ALA B 309 19.32 20.24 15.54
C ALA B 309 19.94 20.42 16.93
N ASP B 310 20.28 21.65 17.31
CA ASP B 310 20.96 21.91 18.59
C ASP B 310 19.91 21.96 19.70
N ALA B 311 19.91 20.94 20.56
CA ALA B 311 18.89 20.79 21.59
C ALA B 311 18.91 21.90 22.63
N GLU B 312 19.98 22.69 22.70
CA GLU B 312 20.00 23.82 23.62
C GLU B 312 19.28 25.05 23.07
N VAL B 313 18.83 25.03 21.82
CA VAL B 313 18.17 26.17 21.19
C VAL B 313 16.72 25.78 20.90
N PRO B 314 15.75 26.30 21.64
CA PRO B 314 14.34 25.99 21.34
C PRO B 314 13.95 26.46 19.94
N VAL B 315 13.19 25.62 19.25
CA VAL B 315 12.70 25.92 17.91
C VAL B 315 11.18 25.97 17.94
N PHE B 316 10.62 27.08 17.48
CA PHE B 316 9.17 27.27 17.37
C PHE B 316 8.78 27.17 15.90
N ALA B 317 7.91 26.22 15.57
CA ALA B 317 7.50 25.98 14.19
C ALA B 317 6.17 26.69 13.92
N LEU B 318 6.19 27.65 13.00
CA LEU B 318 4.98 28.31 12.52
C LEU B 318 4.76 27.90 11.06
N THR B 319 3.67 27.17 10.81
CA THR B 319 3.33 26.67 9.48
C THR B 319 1.95 27.17 9.06
N THR B 320 1.71 27.16 7.75
CA THR B 320 0.42 27.56 7.19
C THR B 320 -0.58 26.41 7.08
N GLY B 321 -0.11 25.17 7.16
CA GLY B 321 -0.98 24.02 7.08
C GLY B 321 -0.81 23.11 8.28
N PRO B 322 -1.42 21.92 8.22
CA PRO B 322 -1.35 21.01 9.37
C PRO B 322 0.01 20.34 9.56
N ARG B 323 0.81 20.17 8.51
CA ARG B 323 2.10 19.52 8.68
C ARG B 323 3.11 20.47 9.29
N TRP B 324 4.11 19.90 9.98
CA TRP B 324 5.17 20.69 10.61
C TRP B 324 6.48 19.91 10.58
N PRO B 325 7.60 20.59 10.36
CA PRO B 325 8.89 19.89 10.25
C PRO B 325 9.52 19.64 11.61
N ASN B 326 10.14 18.45 11.75
CA ASN B 326 10.87 18.09 12.98
C ASN B 326 11.91 17.01 12.65
N VAL B 327 12.93 17.39 11.89
CA VAL B 327 13.92 16.41 11.45
C VAL B 327 14.78 15.94 12.63
N SER B 328 15.09 16.84 13.56
CA SER B 328 15.98 16.50 14.67
C SER B 328 15.25 15.93 15.88
N GLY B 329 13.99 16.31 16.09
CA GLY B 329 13.31 16.08 17.34
C GLY B 329 13.34 17.25 18.30
N ASN B 330 13.81 18.42 17.87
CA ASN B 330 13.98 19.59 18.71
CA ASN B 330 13.96 19.57 18.75
C ASN B 330 12.90 20.64 18.52
N SER B 331 11.83 20.32 17.78
CA SER B 331 10.73 21.27 17.64
C SER B 331 9.96 21.32 18.96
N GLN B 332 10.06 22.46 19.65
CA GLN B 332 9.47 22.59 20.97
C GLN B 332 7.98 22.92 20.92
N ALA B 333 7.53 23.64 19.90
CA ALA B 333 6.13 24.04 19.81
C ALA B 333 5.77 24.32 18.36
N THR B 334 4.49 24.13 18.03
CA THR B 334 3.97 24.40 16.70
C THR B 334 2.87 25.45 16.77
N GLY B 335 2.63 26.10 15.64
CA GLY B 335 1.63 27.13 15.58
C GLY B 335 1.49 27.67 14.17
N THR B 336 0.62 28.67 14.03
CA THR B 336 0.43 29.34 12.76
C THR B 336 0.84 30.80 12.79
N ARG B 337 0.85 31.42 13.97
CA ARG B 337 1.23 32.82 14.12
C ARG B 337 1.77 33.01 15.53
N ALA B 338 2.55 34.07 15.69
CA ALA B 338 3.17 34.39 16.98
C ALA B 338 2.40 35.50 17.69
N VAL B 339 2.13 35.29 18.97
CA VAL B 339 1.74 36.35 19.90
C VAL B 339 3.00 36.78 20.62
N THR B 340 3.55 37.93 20.25
CA THR B 340 4.87 38.34 20.69
C THR B 340 4.78 39.28 21.89
N THR B 341 5.66 39.05 22.86
CA THR B 341 5.92 39.97 23.96
C THR B 341 7.38 40.39 23.89
N GLY B 342 7.65 41.67 24.13
CA GLY B 342 9.01 42.15 24.11
C GLY B 342 9.50 42.48 22.71
N ALA B 343 10.78 42.83 22.63
CA ALA B 343 11.42 43.20 21.38
C ALA B 343 12.87 42.75 21.44
N PRO B 344 13.51 42.55 20.28
CA PRO B 344 14.92 42.13 20.29
C PRO B 344 15.82 43.18 20.93
N ARG B 345 16.83 42.71 21.66
CA ARG B 345 17.81 43.62 22.26
C ARG B 345 18.53 44.40 21.17
N PRO B 346 18.69 45.71 21.31
CA PRO B 346 19.43 46.48 20.30
C PRO B 346 20.83 45.97 20.05
N ALA B 347 21.49 45.42 21.07
CA ALA B 347 22.82 44.87 20.86
C ALA B 347 22.76 43.61 20.00
N TRP B 348 21.71 42.81 20.17
CA TRP B 348 21.54 41.61 19.36
C TRP B 348 21.40 41.96 17.89
N LEU B 349 20.55 42.94 17.58
CA LEU B 349 20.39 43.38 16.20
C LEU B 349 21.70 43.92 15.64
N ASP B 350 22.49 44.60 16.47
CA ASP B 350 23.79 45.10 16.02
C ASP B 350 24.76 43.97 15.74
N ARG B 351 24.77 42.95 16.60
CA ARG B 351 25.65 41.80 16.36
C ARG B 351 25.26 41.07 15.08
N CYS B 352 23.97 40.84 14.88
CA CYS B 352 23.54 40.17 13.66
C CYS B 352 23.89 40.99 12.42
N ALA B 353 23.68 42.31 12.48
CA ALA B 353 23.98 43.16 11.33
C ALA B 353 25.48 43.17 11.02
N ALA B 354 26.33 43.18 12.06
CA ALA B 354 27.77 43.14 11.83
C ALA B 354 28.19 41.84 11.16
N MET B 355 27.66 40.71 11.62
CA MET B 355 28.03 39.44 10.98
C MET B 355 27.45 39.34 9.58
N ASN B 356 26.29 39.96 9.34
CA ASN B 356 25.73 39.99 8.00
C ASN B 356 26.64 40.75 7.06
N ARG B 357 27.22 41.85 7.52
N ARG B 357 27.14 41.91 7.51
CA ARG B 357 28.11 42.63 6.64
CA ARG B 357 28.15 42.67 6.77
C ARG B 357 29.42 41.89 6.35
C ARG B 357 29.31 41.78 6.34
N HIS B 358 29.95 41.15 7.32
CA HIS B 358 31.13 40.33 7.06
C HIS B 358 30.84 39.25 6.03
N ALA B 359 29.66 38.62 6.12
CA ALA B 359 29.31 37.57 5.17
C ALA B 359 29.15 38.12 3.76
N ILE B 360 28.46 39.26 3.62
CA ILE B 360 28.26 39.85 2.30
C ILE B 360 29.60 40.26 1.68
N ALA B 361 30.48 40.83 2.51
CA ALA B 361 31.79 41.25 2.00
C ALA B 361 32.63 40.06 1.58
N ALA B 362 32.57 38.97 2.34
CA ALA B 362 33.35 37.77 1.99
C ALA B 362 32.91 37.21 0.65
N VAL B 363 31.60 37.15 0.39
CA VAL B 363 31.12 36.62 -0.87
C VAL B 363 31.51 37.54 -2.03
N ARG B 364 31.35 38.86 -1.84
CA ARG B 364 31.69 39.80 -2.92
C ARG B 364 33.19 39.82 -3.19
N GLU B 365 34.01 39.93 -2.14
CA GLU B 365 35.45 40.08 -2.37
C GLU B 365 36.05 38.80 -2.97
N GLN B 366 35.59 37.63 -2.53
CA GLN B 366 36.16 36.39 -3.04
C GLN B 366 35.63 36.05 -4.44
N LEU B 367 34.44 36.53 -4.80
CA LEU B 367 33.99 36.36 -6.18
C LEU B 367 34.84 37.20 -7.13
N ALA B 368 35.25 38.38 -6.71
CA ALA B 368 36.06 39.25 -7.56
C ALA B 368 37.49 38.73 -7.70
N ALA B 369 38.04 38.16 -6.63
CA ALA B 369 39.40 37.65 -6.63
C ALA B 369 39.53 36.26 -7.26
N HIS B 370 38.47 35.75 -7.88
CA HIS B 370 38.49 34.41 -8.47
C HIS B 370 38.45 34.52 -9.98
N PRO B 371 39.39 33.89 -10.68
CA PRO B 371 39.49 34.09 -12.14
C PRO B 371 38.36 33.46 -12.93
N LEU B 372 38.09 32.17 -12.69
CA LEU B 372 37.13 31.44 -13.52
C LEU B 372 35.70 31.75 -13.10
N THR B 373 34.81 31.77 -14.09
CA THR B 373 33.39 31.91 -13.82
C THR B 373 32.83 30.60 -13.27
N THR B 374 32.15 30.67 -12.13
CA THR B 374 31.43 29.54 -11.56
C THR B 374 29.94 29.84 -11.53
N GLY B 375 29.16 28.82 -11.13
CA GLY B 375 27.72 29.02 -10.99
C GLY B 375 27.37 30.10 -10.00
N LEU B 376 28.23 30.33 -9.01
CA LEU B 376 27.99 31.39 -8.04
C LEU B 376 28.13 32.76 -8.70
N HIS B 377 29.09 32.91 -9.62
CA HIS B 377 29.17 34.13 -10.41
C HIS B 377 27.91 34.33 -11.25
N VAL B 378 27.43 33.26 -11.89
CA VAL B 378 26.24 33.35 -12.72
C VAL B 378 25.03 33.73 -11.88
N ALA B 379 24.88 33.11 -10.71
CA ALA B 379 23.75 33.41 -9.83
C ALA B 379 23.77 34.88 -9.42
N ALA B 380 24.96 35.41 -9.13
CA ALA B 380 25.08 36.82 -8.76
C ALA B 380 24.63 37.73 -9.91
N ALA B 381 25.05 37.43 -11.13
CA ALA B 381 24.67 38.27 -12.27
C ALA B 381 23.16 38.28 -12.48
N VAL B 382 22.51 37.12 -12.36
CA VAL B 382 21.07 37.08 -12.50
C VAL B 382 20.40 37.88 -11.41
N SER B 383 20.94 37.80 -10.18
CA SER B 383 20.31 38.48 -9.05
CA SER B 383 20.31 38.48 -9.05
C SER B 383 20.32 40.00 -9.23
N HIS B 384 21.40 40.53 -9.78
CA HIS B 384 21.52 41.96 -9.99
C HIS B 384 20.71 42.45 -11.20
N ALA B 385 20.26 41.54 -12.06
CA ALA B 385 19.50 41.88 -13.26
C ALA B 385 17.99 41.88 -13.07
N LEU B 386 17.48 41.35 -11.94
CA LEU B 386 16.05 41.26 -11.72
C LEU B 386 15.45 42.63 -11.38
N ARG B 387 14.19 42.82 -11.75
CA ARG B 387 13.44 44.04 -11.47
C ARG B 387 12.16 43.66 -10.75
N PRO B 388 11.57 44.60 -10.01
CA PRO B 388 10.27 44.33 -9.38
C PRO B 388 9.24 43.86 -10.39
N GLY B 389 8.49 42.83 -10.00
CA GLY B 389 7.50 42.22 -10.87
C GLY B 389 7.98 40.99 -11.59
N ASP B 390 9.28 40.73 -11.62
CA ASP B 390 9.80 39.55 -12.29
C ASP B 390 9.39 38.27 -11.57
N GLN B 391 9.26 37.20 -12.32
CA GLN B 391 9.16 35.85 -11.77
C GLN B 391 10.51 35.16 -11.96
N LEU B 392 10.99 34.53 -10.89
CA LEU B 392 12.25 33.81 -10.91
C LEU B 392 11.99 32.34 -10.61
N VAL B 393 12.47 31.46 -11.48
CA VAL B 393 12.36 30.01 -11.29
C VAL B 393 13.77 29.47 -11.06
N LEU B 394 13.94 28.70 -9.99
CA LEU B 394 15.25 28.23 -9.58
C LEU B 394 15.30 26.71 -9.59
N GLY B 395 16.23 26.15 -10.34
CA GLY B 395 16.45 24.73 -10.29
C GLY B 395 17.02 24.31 -8.96
N ALA B 396 17.03 23.00 -8.75
CA ALA B 396 17.64 22.44 -7.56
C ALA B 396 19.16 22.50 -7.70
N SER B 397 19.86 21.81 -6.79
CA SER B 397 21.32 21.81 -6.70
C SER B 397 21.84 23.20 -6.36
N ASN B 398 22.99 23.58 -6.92
CA ASN B 398 23.65 24.84 -6.53
C ASN B 398 22.86 26.11 -6.86
N PRO B 399 22.16 26.21 -8.00
CA PRO B 399 21.44 27.46 -8.31
C PRO B 399 20.57 28.00 -7.17
N VAL B 400 19.75 27.16 -6.54
CA VAL B 400 18.87 27.67 -5.50
C VAL B 400 19.66 28.03 -4.24
N ARG B 401 20.79 27.36 -4.00
CA ARG B 401 21.67 27.77 -2.91
C ARG B 401 22.46 29.01 -3.28
N ASP B 402 23.02 29.04 -4.50
CA ASP B 402 23.90 30.13 -4.89
C ASP B 402 23.17 31.48 -4.90
N VAL B 403 21.89 31.49 -5.25
CA VAL B 403 21.13 32.74 -5.25
C VAL B 403 21.02 33.31 -3.85
N ALA B 404 20.86 32.44 -2.85
CA ALA B 404 20.81 32.91 -1.46
C ALA B 404 22.19 33.32 -0.96
N LEU B 405 23.27 32.73 -1.50
CA LEU B 405 24.61 33.17 -1.15
C LEU B 405 24.94 34.53 -1.76
N ALA B 406 24.33 34.85 -2.91
CA ALA B 406 24.56 36.14 -3.55
C ALA B 406 23.75 37.26 -2.91
N GLY B 407 22.81 36.93 -2.02
CA GLY B 407 22.03 37.95 -1.34
C GLY B 407 20.86 38.51 -2.13
N LEU B 408 20.10 37.64 -2.79
CA LEU B 408 18.97 38.07 -3.60
C LEU B 408 17.91 38.77 -2.77
N ASP B 409 17.57 40.00 -3.14
CA ASP B 409 16.45 40.71 -2.56
C ASP B 409 15.16 40.25 -3.26
N THR B 410 14.27 39.62 -2.50
CA THR B 410 13.12 38.93 -3.08
C THR B 410 11.82 39.74 -3.03
N ARG B 411 11.80 40.89 -2.37
CA ARG B 411 10.57 41.66 -2.24
C ARG B 411 10.25 42.36 -3.56
N GLY B 412 8.99 42.26 -3.99
CA GLY B 412 8.59 42.64 -5.32
C GLY B 412 8.79 41.55 -6.37
N ILE B 413 9.34 40.41 -5.98
CA ILE B 413 9.72 39.31 -6.88
C ILE B 413 8.88 38.10 -6.52
N ARG B 414 8.62 37.25 -7.52
CA ARG B 414 7.96 35.97 -7.31
C ARG B 414 8.96 34.86 -7.63
N VAL B 415 9.29 34.04 -6.62
CA VAL B 415 10.33 33.03 -6.74
C VAL B 415 9.69 31.65 -6.66
N ARG B 416 9.94 30.84 -7.68
CA ARG B 416 9.43 29.46 -7.74
C ARG B 416 10.59 28.48 -7.74
N SER B 417 10.36 27.33 -7.10
CA SER B 417 11.32 26.24 -7.11
C SER B 417 10.63 24.99 -6.57
N ASN B 418 10.98 23.83 -7.13
CA ASN B 418 10.34 22.57 -6.75
C ASN B 418 11.05 21.98 -5.52
N ARG B 419 10.85 22.67 -4.39
CA ARG B 419 11.47 22.28 -3.13
C ARG B 419 10.75 21.14 -2.43
N GLY B 420 9.62 20.68 -2.97
CA GLY B 420 8.90 19.56 -2.40
C GLY B 420 9.76 18.34 -2.16
N VAL B 421 10.38 17.82 -3.21
CA VAL B 421 11.30 16.70 -3.13
C VAL B 421 12.67 17.03 -3.71
N ALA B 422 12.88 18.28 -4.15
CA ALA B 422 14.18 18.78 -4.58
C ALA B 422 14.71 17.97 -5.77
N GLY B 423 13.80 17.56 -6.65
CA GLY B 423 14.22 16.86 -7.85
C GLY B 423 14.82 17.81 -8.87
N ILE B 424 15.72 17.27 -9.69
CA ILE B 424 16.23 17.98 -10.85
C ILE B 424 15.46 17.63 -12.12
N ASP B 425 14.38 16.87 -12.01
CA ASP B 425 13.56 16.51 -13.17
C ASP B 425 12.44 17.52 -13.36
N GLY B 426 12.05 17.74 -14.62
CA GLY B 426 10.89 18.56 -14.92
C GLY B 426 11.00 20.04 -14.62
N THR B 427 12.21 20.58 -14.47
CA THR B 427 12.32 21.99 -14.11
C THR B 427 12.13 22.90 -15.32
N VAL B 428 12.43 22.43 -16.53
CA VAL B 428 12.20 23.24 -17.72
C VAL B 428 10.69 23.43 -17.96
N SER B 429 9.92 22.33 -17.91
CA SER B 429 8.48 22.45 -18.10
C SER B 429 7.82 23.22 -16.96
N THR B 430 8.40 23.15 -15.75
CA THR B 430 7.85 23.93 -14.64
C THR B 430 8.03 25.42 -14.90
N ALA B 431 9.19 25.83 -15.41
CA ALA B 431 9.41 27.23 -15.76
C ALA B 431 8.45 27.68 -16.85
N ILE B 432 8.28 26.86 -17.90
CA ILE B 432 7.37 27.20 -18.99
C ILE B 432 5.95 27.38 -18.46
N GLY B 433 5.46 26.41 -17.68
CA GLY B 433 4.13 26.54 -17.13
C GLY B 433 3.97 27.72 -16.20
N ALA B 434 5.01 27.99 -15.39
CA ALA B 434 4.97 29.13 -14.49
C ALA B 434 4.89 30.44 -15.27
N ALA B 435 5.63 30.53 -16.38
CA ALA B 435 5.57 31.72 -17.21
C ALA B 435 4.21 31.88 -17.87
N LEU B 436 3.65 30.79 -18.38
CA LEU B 436 2.35 30.85 -19.06
C LEU B 436 1.26 31.32 -18.10
N ALA B 437 1.21 30.75 -16.90
CA ALA B 437 0.18 31.15 -15.93
C ALA B 437 0.41 32.57 -15.45
N TYR B 438 1.67 32.94 -15.22
CA TYR B 438 1.99 34.29 -14.76
C TYR B 438 1.64 35.34 -15.81
N GLU B 439 1.96 35.08 -17.08
CA GLU B 439 1.58 36.00 -18.15
C GLU B 439 0.07 36.07 -18.31
N GLY B 440 -0.62 34.94 -18.16
CA GLY B 440 -2.07 34.96 -18.28
C GLY B 440 -2.76 35.80 -17.23
N ALA B 441 -2.21 35.84 -16.01
CA ALA B 441 -2.80 36.68 -14.97
C ALA B 441 -2.61 38.15 -15.29
N HIS B 442 -1.44 38.52 -15.83
CA HIS B 442 -1.21 39.92 -16.22
C HIS B 442 -2.06 40.31 -17.41
N GLU B 443 -2.21 39.41 -18.38
CA GLU B 443 -3.04 39.70 -19.55
C GLU B 443 -4.49 39.94 -19.14
N ARG B 444 -4.98 39.21 -18.15
CA ARG B 444 -6.37 39.31 -17.73
C ARG B 444 -6.63 40.48 -16.78
N THR B 445 -5.65 41.34 -16.54
CA THR B 445 -5.89 42.62 -15.89
C THR B 445 -6.08 43.75 -16.89
N GLY B 446 -5.79 43.52 -18.17
CA GLY B 446 -5.99 44.52 -19.20
C GLY B 446 -4.95 45.62 -19.25
N SER B 447 -3.81 45.43 -18.60
CA SER B 447 -2.76 46.43 -18.66
C SER B 447 -2.12 46.42 -20.05
N PRO B 448 -1.97 47.59 -20.69
CA PRO B 448 -1.35 47.60 -22.03
C PRO B 448 0.15 47.31 -22.02
N ASP B 449 0.78 47.27 -20.85
CA ASP B 449 2.20 47.00 -20.77
C ASP B 449 2.51 45.56 -21.16
N SER B 450 3.75 45.34 -21.61
CA SER B 450 4.19 44.03 -22.05
C SER B 450 4.17 43.05 -20.88
N PRO B 451 3.99 41.76 -21.15
CA PRO B 451 3.94 40.76 -20.06
C PRO B 451 5.22 40.77 -19.24
N PRO B 452 5.11 40.60 -17.92
CA PRO B 452 6.31 40.61 -17.09
C PRO B 452 7.19 39.40 -17.35
N ARG B 453 8.47 39.56 -17.05
CA ARG B 453 9.48 38.54 -17.35
C ARG B 453 9.42 37.37 -16.38
N THR B 454 9.72 36.19 -16.89
CA THR B 454 10.02 35.02 -16.08
C THR B 454 11.41 34.56 -16.44
N ILE B 455 12.29 34.49 -15.44
CA ILE B 455 13.69 34.14 -15.62
C ILE B 455 13.97 32.88 -14.82
N ALA B 456 14.43 31.83 -15.49
CA ALA B 456 14.80 30.58 -14.85
C ALA B 456 16.32 30.46 -14.79
N LEU B 457 16.82 29.94 -13.67
CA LEU B 457 18.25 29.67 -13.48
C LEU B 457 18.41 28.21 -13.08
N ILE B 458 19.00 27.41 -13.97
CA ILE B 458 19.10 25.97 -13.78
C ILE B 458 20.51 25.53 -14.17
N GLY B 459 20.95 24.41 -13.58
CA GLY B 459 22.20 23.80 -13.95
C GLY B 459 22.11 23.06 -15.27
N ASP B 460 23.24 22.49 -15.69
CA ASP B 460 23.28 21.81 -16.98
C ASP B 460 22.64 20.42 -16.90
N LEU B 461 22.87 19.68 -15.82
CA LEU B 461 22.20 18.39 -15.66
C LEU B 461 20.70 18.57 -15.54
N THR B 462 20.27 19.62 -14.84
CA THR B 462 18.84 19.93 -14.77
C THR B 462 18.27 20.18 -16.16
N PHE B 463 19.01 20.92 -17.00
CA PHE B 463 18.56 21.18 -18.36
C PHE B 463 18.56 19.91 -19.19
N VAL B 464 19.58 19.07 -19.04
CA VAL B 464 19.64 17.82 -19.78
C VAL B 464 18.50 16.89 -19.38
N HIS B 465 18.14 16.89 -18.09
CA HIS B 465 17.11 15.98 -17.61
C HIS B 465 15.77 16.23 -18.27
N ASP B 466 15.40 17.49 -18.48
CA ASP B 466 14.08 17.84 -18.99
C ASP B 466 14.17 18.71 -20.24
N SER B 467 15.20 18.51 -21.07
CA SER B 467 15.33 19.31 -22.29
C SER B 467 14.15 19.11 -23.22
N SER B 468 13.56 17.91 -23.23
CA SER B 468 12.41 17.63 -24.07
C SER B 468 11.21 18.53 -23.75
N GLY B 469 11.18 19.12 -22.56
CA GLY B 469 10.15 20.09 -22.23
C GLY B 469 10.13 21.29 -23.14
N LEU B 470 11.16 21.47 -23.97
CA LEU B 470 11.23 22.60 -24.89
C LEU B 470 10.40 22.38 -26.16
N LEU B 471 10.02 21.14 -26.46
CA LEU B 471 9.28 20.81 -27.67
C LEU B 471 7.81 21.19 -27.49
N ILE B 472 7.43 22.35 -28.00
CA ILE B 472 6.05 22.81 -27.95
C ILE B 472 5.58 23.04 -29.37
N GLY B 473 4.52 22.32 -29.77
CA GLY B 473 3.96 22.45 -31.09
C GLY B 473 3.49 23.86 -31.38
N PRO B 474 3.40 24.22 -32.66
CA PRO B 474 2.94 25.57 -33.02
C PRO B 474 1.50 25.84 -32.61
N THR B 475 0.70 24.80 -32.39
CA THR B 475 -0.69 24.97 -31.98
C THR B 475 -0.83 25.28 -30.49
N GLU B 476 0.20 24.92 -29.64
CA GLU B 476 0.09 24.99 -28.18
C GLU B 476 0.57 26.34 -27.66
N PRO B 477 0.08 26.76 -26.50
CA PRO B 477 0.51 28.05 -25.94
C PRO B 477 2.01 28.06 -25.65
N ILE B 478 2.66 29.15 -26.04
CA ILE B 478 4.10 29.32 -25.86
C ILE B 478 4.32 30.59 -25.05
N PRO B 479 5.22 30.58 -24.06
CA PRO B 479 5.48 31.80 -23.28
C PRO B 479 5.92 32.95 -24.17
N ARG B 480 5.64 34.16 -23.72
CA ARG B 480 6.03 35.36 -24.44
C ARG B 480 7.24 36.06 -23.82
N SER B 481 7.67 35.66 -22.61
CA SER B 481 8.74 36.38 -21.93
C SER B 481 9.50 35.44 -20.99
N LEU B 482 9.75 34.21 -21.43
CA LEU B 482 10.50 33.23 -20.66
C LEU B 482 11.95 33.18 -21.12
N THR B 483 12.87 33.37 -20.18
CA THR B 483 14.30 33.23 -20.43
C THR B 483 14.87 32.20 -19.47
N ILE B 484 15.45 31.14 -20.02
CA ILE B 484 16.07 30.07 -19.24
C ILE B 484 17.58 30.32 -19.26
N VAL B 485 18.15 30.65 -18.12
CA VAL B 485 19.60 30.79 -17.97
C VAL B 485 20.15 29.46 -17.49
N VAL B 486 21.10 28.91 -18.25
CA VAL B 486 21.69 27.61 -17.97
C VAL B 486 23.13 27.82 -17.56
N SER B 487 23.43 27.68 -16.27
CA SER B 487 24.80 27.74 -15.76
C SER B 487 25.44 26.39 -16.03
N ASN B 488 26.29 26.32 -17.06
CA ASN B 488 26.79 25.05 -17.59
C ASN B 488 28.23 24.84 -17.13
N ASP B 489 28.40 23.99 -16.11
CA ASP B 489 29.72 23.56 -15.67
C ASP B 489 29.96 22.08 -16.00
N ASN B 490 29.23 21.55 -16.97
CA ASN B 490 29.45 20.21 -17.51
C ASN B 490 29.50 19.16 -16.39
N GLY B 491 28.42 19.10 -15.62
CA GLY B 491 28.31 18.12 -14.57
C GLY B 491 27.69 18.72 -13.32
N GLY B 492 27.68 17.93 -12.26
CA GLY B 492 27.07 18.36 -11.02
C GLY B 492 28.05 19.02 -10.06
N GLY B 493 28.05 20.35 -10.03
CA GLY B 493 29.00 21.10 -9.23
C GLY B 493 28.79 20.97 -7.73
N ILE B 494 27.56 20.69 -7.28
CA ILE B 494 27.30 20.63 -5.84
C ILE B 494 28.12 19.51 -5.19
N PHE B 495 28.39 18.43 -5.92
CA PHE B 495 29.14 17.33 -5.34
C PHE B 495 30.58 17.71 -5.02
N GLU B 496 31.10 18.76 -5.67
CA GLU B 496 32.41 19.28 -5.32
C GLU B 496 32.43 19.89 -3.91
N LEU B 497 31.27 20.19 -3.35
CA LEU B 497 31.18 20.87 -2.05
C LEU B 497 30.79 19.92 -0.93
N LEU B 498 30.54 18.65 -1.23
CA LEU B 498 30.14 17.68 -0.22
C LEU B 498 31.34 16.81 0.14
N GLU B 499 31.10 15.85 1.04
CA GLU B 499 32.18 14.97 1.50
C GLU B 499 32.80 14.18 0.35
N GLN B 500 32.01 13.80 -0.64
CA GLN B 500 32.56 13.09 -1.79
C GLN B 500 33.39 13.99 -2.71
N GLY B 501 33.46 15.30 -2.43
CA GLY B 501 34.32 16.22 -3.16
C GLY B 501 35.68 16.45 -2.54
N ASP B 502 35.97 15.77 -1.43
CA ASP B 502 37.29 15.86 -0.82
C ASP B 502 38.36 15.37 -1.80
N PRO B 503 39.53 16.01 -1.82
CA PRO B 503 40.55 15.63 -2.82
C PRO B 503 40.95 14.16 -2.79
N ARG B 504 40.81 13.48 -1.66
CA ARG B 504 41.19 12.07 -1.61
C ARG B 504 40.31 11.18 -2.48
N PHE B 505 39.16 11.68 -2.94
CA PHE B 505 38.30 10.95 -3.88
C PHE B 505 38.44 11.43 -5.31
N SER B 506 39.46 12.24 -5.61
CA SER B 506 39.55 12.90 -6.92
C SER B 506 39.68 11.91 -8.07
N ASP B 507 40.19 10.70 -7.82
CA ASP B 507 40.34 9.74 -8.91
C ASP B 507 39.04 8.99 -9.22
N VAL B 508 38.15 8.85 -8.24
CA VAL B 508 36.94 8.05 -8.41
C VAL B 508 35.67 8.87 -8.58
N SER B 509 35.68 10.15 -8.19
CA SER B 509 34.45 10.94 -8.09
C SER B 509 34.02 11.56 -9.41
N SER B 510 34.82 11.44 -10.47
CA SER B 510 34.47 12.08 -11.73
C SER B 510 33.33 11.34 -12.42
N ARG B 511 33.42 10.01 -12.52
CA ARG B 511 32.39 9.24 -13.20
C ARG B 511 31.10 9.19 -12.39
N ILE B 512 31.20 8.98 -11.08
CA ILE B 512 30.01 8.65 -10.30
C ILE B 512 29.34 9.86 -9.65
N PHE B 513 29.98 11.03 -9.67
CA PHE B 513 29.36 12.23 -9.10
C PHE B 513 29.42 13.40 -10.07
N GLY B 514 30.60 13.67 -10.62
CA GLY B 514 30.73 14.76 -11.58
C GLY B 514 29.85 14.57 -12.79
N THR B 515 29.87 13.37 -13.37
CA THR B 515 29.10 12.96 -14.54
C THR B 515 29.15 13.99 -15.66
N PRO B 516 30.31 14.24 -16.26
CA PRO B 516 30.35 15.11 -17.45
C PRO B 516 29.58 14.48 -18.60
N HIS B 517 29.03 15.33 -19.46
CA HIS B 517 28.19 14.85 -20.55
C HIS B 517 28.54 15.40 -21.92
N ASP B 518 29.21 16.56 -22.00
CA ASP B 518 29.66 17.14 -23.28
C ASP B 518 28.50 17.44 -24.23
N VAL B 519 27.32 17.72 -23.70
CA VAL B 519 26.19 18.05 -24.56
C VAL B 519 26.39 19.43 -25.17
N ASP B 520 26.06 19.56 -26.45
CA ASP B 520 26.05 20.86 -27.13
C ASP B 520 24.68 21.48 -26.90
N VAL B 521 24.60 22.41 -25.95
CA VAL B 521 23.32 22.99 -25.54
C VAL B 521 22.72 23.80 -26.67
N GLY B 522 23.55 24.59 -27.38
CA GLY B 522 23.06 25.35 -28.50
C GLY B 522 22.48 24.47 -29.60
N ALA B 523 23.13 23.35 -29.88
CA ALA B 523 22.62 22.41 -30.87
C ALA B 523 21.31 21.79 -30.42
N LEU B 524 21.17 21.54 -29.11
CA LEU B 524 19.95 20.97 -28.59
C LEU B 524 18.77 21.92 -28.80
N CYS B 525 18.95 23.20 -28.44
CA CYS B 525 17.87 24.17 -28.59
C CYS B 525 17.53 24.41 -30.06
N ARG B 526 18.50 24.25 -30.96
CA ARG B 526 18.23 24.41 -32.39
C ARG B 526 17.25 23.35 -32.88
N ALA B 527 17.50 22.09 -32.52
CA ALA B 527 16.61 21.01 -32.93
C ALA B 527 15.16 21.27 -32.49
N TYR B 528 14.99 21.79 -31.28
CA TYR B 528 13.66 22.13 -30.79
C TYR B 528 13.20 23.51 -31.24
N HIS B 529 13.97 24.19 -32.08
CA HIS B 529 13.57 25.48 -32.66
C HIS B 529 13.34 26.53 -31.57
N VAL B 530 14.31 26.62 -30.65
CA VAL B 530 14.28 27.59 -29.57
C VAL B 530 15.50 28.48 -29.70
N GLU B 531 15.30 29.80 -29.62
CA GLU B 531 16.42 30.73 -29.66
C GLU B 531 17.39 30.43 -28.52
N SER B 532 18.67 30.39 -28.84
CA SER B 532 19.69 30.06 -27.86
C SER B 532 20.95 30.86 -28.16
N ARG B 533 21.64 31.29 -27.10
CA ARG B 533 22.83 32.11 -27.25
C ARG B 533 23.79 31.81 -26.10
N GLN B 534 25.04 31.49 -26.43
CA GLN B 534 26.07 31.34 -25.43
C GLN B 534 26.75 32.68 -25.18
N ILE B 535 26.80 33.10 -23.91
CA ILE B 535 27.32 34.40 -23.53
C ILE B 535 28.21 34.25 -22.30
N GLU B 536 28.92 35.33 -21.98
CA GLU B 536 29.79 35.38 -20.83
C GLU B 536 29.09 36.13 -19.69
N VAL B 537 29.54 35.85 -18.46
CA VAL B 537 28.79 36.26 -17.27
C VAL B 537 28.60 37.78 -17.24
N ASP B 538 29.57 38.54 -17.74
CA ASP B 538 29.45 39.99 -17.76
C ASP B 538 28.45 40.48 -18.80
N GLU B 539 28.16 39.68 -19.83
CA GLU B 539 27.12 40.01 -20.80
C GLU B 539 25.75 39.52 -20.37
N LEU B 540 25.66 38.79 -19.25
CA LEU B 540 24.38 38.21 -18.84
C LEU B 540 23.36 39.29 -18.49
N GLY B 541 23.80 40.32 -17.76
CA GLY B 541 22.94 41.41 -17.38
C GLY B 541 22.29 42.12 -18.55
N PRO B 542 23.09 42.69 -19.46
CA PRO B 542 22.50 43.40 -20.60
C PRO B 542 21.70 42.52 -21.53
N THR B 543 22.08 41.25 -21.71
CA THR B 543 21.32 40.36 -22.57
C THR B 543 19.92 40.10 -22.01
N LEU B 544 19.80 40.01 -20.68
CA LEU B 544 18.49 39.84 -20.08
C LEU B 544 17.66 41.11 -20.14
N ASP B 545 18.31 42.28 -20.13
CA ASP B 545 17.59 43.55 -20.06
C ASP B 545 16.81 43.82 -21.34
N GLN B 546 17.31 43.36 -22.47
CA GLN B 546 16.55 43.52 -23.70
C GLN B 546 15.67 42.28 -23.97
N PRO B 547 14.53 42.43 -24.65
CA PRO B 547 13.66 41.28 -24.96
C PRO B 547 14.05 40.60 -26.26
N GLY B 548 13.64 39.34 -26.37
CA GLY B 548 13.90 38.55 -27.59
C GLY B 548 12.68 37.82 -28.05
N ALA B 549 12.88 36.58 -28.46
CA ALA B 549 11.77 35.71 -28.73
C ALA B 549 10.99 35.47 -27.44
N GLY B 550 9.78 34.94 -27.60
CA GLY B 550 8.97 34.60 -26.45
C GLY B 550 9.61 33.56 -25.54
N MET B 551 10.61 32.84 -26.04
CA MET B 551 11.26 31.79 -25.28
C MET B 551 12.70 31.67 -25.78
N ARG B 552 13.67 31.90 -24.90
CA ARG B 552 15.07 31.78 -25.27
C ARG B 552 15.86 31.18 -24.13
N VAL B 553 17.00 30.57 -24.48
CA VAL B 553 17.89 29.91 -23.53
C VAL B 553 19.25 30.60 -23.62
N LEU B 554 19.72 31.14 -22.50
CA LEU B 554 21.05 31.75 -22.40
C LEU B 554 21.96 30.80 -21.63
N GLU B 555 22.99 30.30 -22.30
CA GLU B 555 23.93 29.36 -21.70
C GLU B 555 25.23 30.08 -21.35
N VAL B 556 25.68 29.93 -20.11
CA VAL B 556 26.92 30.53 -19.63
C VAL B 556 27.85 29.40 -19.22
N LYS B 557 28.99 29.29 -19.90
CA LYS B 557 29.99 28.29 -19.51
C LYS B 557 30.57 28.63 -18.15
N ALA B 558 30.70 27.61 -17.30
CA ALA B 558 31.18 27.79 -15.95
C ALA B 558 32.12 26.65 -15.58
N ASP B 559 32.89 26.86 -14.52
CA ASP B 559 33.87 25.91 -14.04
C ASP B 559 33.46 25.37 -12.68
N ARG B 560 33.62 24.07 -12.48
CA ARG B 560 33.36 23.45 -11.18
C ARG B 560 34.61 22.83 -10.55
N SER B 561 35.77 22.92 -11.19
CA SER B 561 36.99 22.38 -10.60
C SER B 561 37.58 23.30 -9.53
N SER B 562 37.25 24.59 -9.58
CA SER B 562 37.65 25.54 -8.55
C SER B 562 36.54 25.82 -7.54
N LEU B 563 35.41 25.12 -7.65
CA LEU B 563 34.25 25.43 -6.83
C LEU B 563 34.55 25.22 -5.34
N ARG B 564 35.16 24.10 -5.00
CA ARG B 564 35.45 23.81 -3.59
C ARG B 564 36.45 24.80 -3.01
N GLN B 565 37.44 25.22 -3.82
CA GLN B 565 38.41 26.20 -3.36
C GLN B 565 37.77 27.57 -3.15
N LEU B 566 36.82 27.94 -4.02
CA LEU B 566 36.14 29.23 -3.88
C LEU B 566 35.32 29.28 -2.60
N HIS B 567 34.64 28.19 -2.26
CA HIS B 567 33.80 28.18 -1.07
C HIS B 567 34.63 28.17 0.21
N ALA B 568 35.78 27.47 0.19
CA ALA B 568 36.67 27.50 1.35
C ALA B 568 37.28 28.88 1.56
N ALA B 569 37.61 29.58 0.46
CA ALA B 569 38.11 30.94 0.58
C ALA B 569 37.05 31.90 1.09
N ILE B 570 35.78 31.70 0.71
CA ILE B 570 34.70 32.52 1.24
C ILE B 570 34.59 32.33 2.75
N LYS B 571 34.67 31.07 3.21
CA LYS B 571 34.55 30.78 4.63
C LYS B 571 35.73 31.34 5.40
N ALA B 572 36.93 31.31 4.80
CA ALA B 572 38.12 31.82 5.48
C ALA B 572 38.11 33.33 5.58
N ALA B 573 37.40 34.01 4.69
CA ALA B 573 37.33 35.47 4.71
C ALA B 573 36.21 36.01 5.60
N LEU B 574 35.39 35.15 6.17
CA LEU B 574 34.26 35.58 6.99
C LEU B 574 34.72 36.42 8.18
N MET C 21 21.68 -0.78 30.13
CA MET C 21 20.25 -1.05 30.07
C MET C 21 19.79 -1.41 28.66
N ASN C 22 19.11 -2.54 28.52
CA ASN C 22 18.80 -3.03 27.18
C ASN C 22 17.89 -2.05 26.46
N PRO C 23 18.09 -1.86 25.13
CA PRO C 23 17.43 -0.72 24.46
C PRO C 23 15.91 -0.85 24.37
N SER C 24 15.38 -2.06 24.24
CA SER C 24 13.93 -2.23 24.16
C SER C 24 13.23 -1.66 25.39
N THR C 25 13.78 -1.92 26.58
CA THR C 25 13.18 -1.43 27.82
C THR C 25 13.24 0.09 27.90
N THR C 26 14.38 0.68 27.56
CA THR C 26 14.50 2.13 27.58
C THR C 26 13.57 2.77 26.56
N GLN C 27 13.46 2.16 25.37
CA GLN C 27 12.57 2.69 24.35
C GLN C 27 11.11 2.64 24.79
N ALA C 28 10.70 1.49 25.33
CA ALA C 28 9.32 1.33 25.77
C ALA C 28 8.98 2.27 26.91
N ARG C 29 9.94 2.56 27.78
CA ARG C 29 9.66 3.44 28.91
C ARG C 29 9.56 4.91 28.48
N VAL C 30 10.26 5.29 27.42
CA VAL C 30 10.15 6.66 26.93
C VAL C 30 8.82 6.87 26.23
N VAL C 31 8.39 5.90 25.42
CA VAL C 31 7.13 6.03 24.68
C VAL C 31 5.96 6.10 25.65
N VAL C 32 5.92 5.18 26.62
CA VAL C 32 4.84 5.17 27.62
C VAL C 32 4.81 6.49 28.37
N ASP C 33 5.97 6.97 28.81
CA ASP C 33 6.00 8.23 29.55
C ASP C 33 5.46 9.38 28.70
N GLU C 34 5.83 9.42 27.41
CA GLU C 34 5.39 10.52 26.57
C GLU C 34 3.92 10.40 26.21
N LEU C 35 3.41 9.17 26.08
CA LEU C 35 1.98 8.97 25.90
C LEU C 35 1.21 9.53 27.09
N ILE C 36 1.73 9.34 28.30
CA ILE C 36 1.05 9.81 29.50
C ILE C 36 1.03 11.33 29.54
N ARG C 37 2.16 11.96 29.20
CA ARG C 37 2.19 13.43 29.13
C ARG C 37 1.23 13.97 28.08
N GLY C 38 0.87 13.17 27.08
CA GLY C 38 -0.07 13.57 26.06
C GLY C 38 -1.53 13.39 26.39
N GLY C 39 -1.83 12.94 27.60
CA GLY C 39 -3.21 12.79 28.04
C GLY C 39 -3.77 11.39 28.01
N VAL C 40 -2.96 10.39 27.72
CA VAL C 40 -3.46 9.02 27.73
C VAL C 40 -3.60 8.58 29.19
N ARG C 41 -4.83 8.25 29.60
CA ARG C 41 -5.11 7.82 30.95
C ARG C 41 -5.45 6.34 31.05
N ASP C 42 -5.79 5.70 29.94
CA ASP C 42 -6.17 4.30 29.92
C ASP C 42 -5.46 3.61 28.78
N VAL C 43 -4.98 2.40 29.03
CA VAL C 43 -4.30 1.59 28.03
C VAL C 43 -4.85 0.18 28.11
N VAL C 44 -5.25 -0.36 26.96
CA VAL C 44 -5.70 -1.75 26.86
C VAL C 44 -4.53 -2.58 26.39
N LEU C 45 -4.26 -3.69 27.06
CA LEU C 45 -3.14 -4.54 26.74
C LEU C 45 -3.63 -5.95 26.46
N CYS C 46 -3.03 -6.58 25.46
CA CYS C 46 -3.31 -7.96 25.13
C CYS C 46 -2.04 -8.78 25.34
N PRO C 47 -2.15 -9.99 25.85
CA PRO C 47 -0.95 -10.73 26.24
C PRO C 47 -0.19 -11.26 25.03
N GLY C 48 1.13 -11.19 25.12
CA GLY C 48 1.97 -11.73 24.07
C GLY C 48 3.41 -11.71 24.52
N SER C 49 4.26 -12.38 23.74
CA SER C 49 5.68 -12.39 24.03
C SER C 49 6.38 -11.17 23.42
N ARG C 50 6.00 -10.79 22.20
CA ARG C 50 6.71 -9.73 21.51
C ARG C 50 6.47 -8.35 22.13
N ASN C 51 5.28 -8.11 22.68
CA ASN C 51 5.00 -6.84 23.35
C ASN C 51 5.32 -6.87 24.84
N ALA C 52 6.29 -7.70 25.26
CA ALA C 52 6.71 -7.70 26.65
C ALA C 52 7.29 -6.37 27.11
N PRO C 53 8.19 -5.70 26.37
CA PRO C 53 8.74 -4.44 26.89
C PRO C 53 7.68 -3.39 27.17
N LEU C 54 6.68 -3.27 26.29
CA LEU C 54 5.59 -2.34 26.54
C LEU C 54 4.74 -2.79 27.73
N ALA C 55 4.52 -4.10 27.86
CA ALA C 55 3.71 -4.61 28.96
C ALA C 55 4.37 -4.29 30.30
N PHE C 56 5.67 -4.49 30.41
CA PHE C 56 6.37 -4.17 31.66
C PHE C 56 6.32 -2.68 31.94
N ALA C 57 6.64 -1.85 30.93
CA ALA C 57 6.63 -0.40 31.14
C ALA C 57 5.25 0.13 31.44
N LEU C 58 4.20 -0.53 30.93
CA LEU C 58 2.83 -0.11 31.22
C LEU C 58 2.41 -0.55 32.63
N GLN C 59 2.73 -1.78 33.00
CA GLN C 59 2.46 -2.23 34.36
C GLN C 59 3.12 -1.32 35.38
N ASP C 60 4.37 -0.88 35.10
CA ASP C 60 5.06 0.03 36.00
C ASP C 60 4.32 1.36 36.13
N ALA C 61 3.69 1.81 35.05
CA ALA C 61 2.93 3.06 35.10
C ALA C 61 1.56 2.89 35.75
N ASP C 62 1.01 1.68 35.73
CA ASP C 62 -0.25 1.45 36.43
C ASP C 62 -0.03 1.37 37.94
N ARG C 63 1.05 0.73 38.36
CA ARG C 63 1.36 0.63 39.79
C ARG C 63 1.55 2.01 40.41
N SER C 64 2.15 2.94 39.66
CA SER C 64 2.41 4.28 40.16
C SER C 64 1.20 5.20 40.04
N GLY C 65 0.11 4.75 39.42
CA GLY C 65 -1.09 5.56 39.29
C GLY C 65 -1.08 6.55 38.15
N ARG C 66 -0.13 6.45 37.21
CA ARG C 66 -0.10 7.39 36.10
C ARG C 66 -1.17 7.06 35.06
N ILE C 67 -1.43 5.78 34.81
CA ILE C 67 -2.49 5.35 33.92
C ILE C 67 -3.23 4.18 34.57
N ARG C 68 -4.36 3.83 33.99
CA ARG C 68 -5.16 2.68 34.40
C ARG C 68 -5.06 1.62 33.31
N LEU C 69 -4.44 0.50 33.62
CA LEU C 69 -4.26 -0.58 32.66
C LEU C 69 -5.49 -1.48 32.61
N HIS C 70 -5.77 -2.02 31.43
CA HIS C 70 -6.88 -2.96 31.22
C HIS C 70 -6.38 -4.10 30.35
N VAL C 71 -6.39 -5.31 30.90
CA VAL C 71 -5.94 -6.50 30.17
C VAL C 71 -7.16 -7.21 29.61
N ARG C 72 -7.05 -7.66 28.35
CA ARG C 72 -8.08 -8.46 27.73
C ARG C 72 -7.41 -9.55 26.90
N ILE C 73 -8.16 -10.62 26.65
CA ILE C 73 -7.63 -11.76 25.92
C ILE C 73 -7.90 -11.64 24.42
N ASP C 74 -9.10 -11.19 24.05
CA ASP C 74 -9.48 -11.07 22.64
C ASP C 74 -9.13 -9.67 22.16
N GLU C 75 -8.31 -9.59 21.10
CA GLU C 75 -7.91 -8.29 20.56
C GLU C 75 -9.06 -7.56 19.90
N ARG C 76 -10.01 -8.28 19.29
CA ARG C 76 -11.13 -7.58 18.64
C ARG C 76 -12.00 -6.88 19.68
N THR C 77 -12.33 -7.56 20.77
CA THR C 77 -13.11 -6.93 21.82
C THR C 77 -12.29 -5.87 22.56
N ALA C 78 -10.97 -6.05 22.63
CA ALA C 78 -10.12 -5.06 23.29
C ALA C 78 -10.15 -3.73 22.54
N GLY C 79 -10.27 -3.76 21.21
CA GLY C 79 -10.32 -2.53 20.45
C GLY C 79 -11.60 -1.75 20.70
N TYR C 80 -12.72 -2.45 20.84
CA TYR C 80 -13.97 -1.77 21.17
C TYR C 80 -13.98 -1.31 22.62
N LEU C 81 -13.22 -1.98 23.48
CA LEU C 81 -13.03 -1.46 24.84
C LEU C 81 -12.29 -0.14 24.82
N ALA C 82 -11.25 -0.02 23.99
CA ALA C 82 -10.52 1.23 23.89
C ALA C 82 -11.38 2.34 23.28
N ILE C 83 -12.24 2.00 22.32
CA ILE C 83 -13.16 3.00 21.78
C ILE C 83 -14.08 3.51 22.88
N GLY C 84 -14.61 2.62 23.70
CA GLY C 84 -15.45 3.04 24.81
C GLY C 84 -14.71 3.94 25.79
N LEU C 85 -13.46 3.56 26.11
CA LEU C 85 -12.65 4.38 27.01
C LEU C 85 -12.38 5.77 26.43
N ALA C 86 -12.33 5.87 25.10
CA ALA C 86 -12.10 7.17 24.48
C ALA C 86 -13.35 8.03 24.45
N ILE C 87 -14.49 7.48 23.99
CA ILE C 87 -15.71 8.28 23.93
C ILE C 87 -16.33 8.52 25.29
N GLY C 88 -15.90 7.79 26.32
CA GLY C 88 -16.44 8.03 27.65
C GLY C 88 -16.09 9.39 28.21
N ALA C 89 -14.86 9.85 27.95
CA ALA C 89 -14.40 11.13 28.46
C ALA C 89 -13.71 12.01 27.43
N GLY C 90 -13.45 11.52 26.22
CA GLY C 90 -12.86 12.33 25.18
C GLY C 90 -11.35 12.37 25.15
N ALA C 91 -10.67 11.39 25.76
CA ALA C 91 -9.21 11.34 25.80
C ALA C 91 -8.67 10.31 24.82
N PRO C 92 -7.46 10.51 24.31
CA PRO C 92 -6.82 9.46 23.50
C PRO C 92 -6.60 8.19 24.34
N VAL C 93 -6.79 7.04 23.71
CA VAL C 93 -6.66 5.75 24.36
C VAL C 93 -5.76 4.85 23.51
N CYS C 94 -4.90 4.08 24.17
CA CYS C 94 -4.00 3.16 23.51
C CYS C 94 -4.49 1.73 23.65
N VAL C 95 -4.20 0.93 22.64
CA VAL C 95 -4.36 -0.53 22.72
C VAL C 95 -3.07 -1.16 22.22
N ALA C 96 -2.40 -1.91 23.10
CA ALA C 96 -1.12 -2.53 22.80
C ALA C 96 -1.27 -4.03 22.69
N MET C 97 -0.72 -4.63 21.64
CA MET C 97 -0.81 -6.07 21.45
C MET C 97 0.44 -6.56 20.73
N THR C 98 0.50 -7.88 20.56
CA THR C 98 1.67 -8.54 20.00
C THR C 98 1.57 -8.57 18.47
N SER C 99 2.51 -9.25 17.82
CA SER C 99 2.57 -9.31 16.37
C SER C 99 1.63 -10.38 15.84
N GLY C 100 1.29 -10.27 14.54
CA GLY C 100 0.44 -11.25 13.90
C GLY C 100 -1.02 -10.87 13.89
N THR C 101 -1.91 -11.88 13.88
CA THR C 101 -3.35 -11.61 13.79
C THR C 101 -3.86 -10.72 14.91
N ALA C 102 -3.09 -10.55 15.98
CA ALA C 102 -3.47 -9.62 17.04
C ALA C 102 -3.69 -8.22 16.47
N VAL C 103 -2.89 -7.82 15.48
CA VAL C 103 -3.11 -6.54 14.82
C VAL C 103 -4.29 -6.63 13.86
N ALA C 104 -4.37 -7.73 13.08
CA ALA C 104 -5.50 -7.91 12.18
C ALA C 104 -6.84 -7.91 12.92
N ASN C 105 -6.84 -8.31 14.20
CA ASN C 105 -8.07 -8.31 14.97
C ASN C 105 -8.52 -6.90 15.34
N LEU C 106 -7.63 -5.92 15.31
CA LEU C 106 -8.01 -4.53 15.53
C LEU C 106 -8.71 -3.91 14.34
N GLY C 107 -8.83 -4.64 13.23
CA GLY C 107 -9.47 -4.18 12.03
C GLY C 107 -10.84 -3.56 12.24
N PRO C 108 -11.78 -4.32 12.82
CA PRO C 108 -13.14 -3.79 13.01
C PRO C 108 -13.20 -2.54 13.88
N ALA C 109 -12.40 -2.46 14.94
CA ALA C 109 -12.41 -1.28 15.79
C ALA C 109 -11.80 -0.09 15.09
N VAL C 110 -10.75 -0.30 14.30
CA VAL C 110 -10.13 0.81 13.58
C VAL C 110 -11.10 1.39 12.56
N VAL C 111 -11.87 0.55 11.88
CA VAL C 111 -12.85 1.04 10.92
C VAL C 111 -13.88 1.91 11.62
N GLU C 112 -14.39 1.44 12.76
CA GLU C 112 -15.35 2.24 13.52
C GLU C 112 -14.70 3.53 14.03
N ALA C 113 -13.46 3.45 14.52
CA ALA C 113 -12.79 4.65 15.02
C ALA C 113 -12.56 5.67 13.92
N ASN C 114 -12.32 5.19 12.70
CA ASN C 114 -12.13 6.10 11.57
C ASN C 114 -13.40 6.92 11.31
N TYR C 115 -14.53 6.25 11.11
CA TYR C 115 -15.75 6.95 10.72
C TYR C 115 -16.39 7.73 11.86
N ALA C 116 -16.15 7.33 13.11
CA ALA C 116 -16.66 8.08 14.25
C ALA C 116 -15.65 9.08 14.79
N ARG C 117 -14.43 9.11 14.25
CA ARG C 117 -13.38 10.05 14.63
C ARG C 117 -13.01 9.91 16.11
N VAL C 118 -12.70 8.69 16.50
CA VAL C 118 -12.32 8.35 17.87
C VAL C 118 -10.80 8.25 17.95
N PRO C 119 -10.14 8.94 18.89
CA PRO C 119 -8.66 8.90 18.96
C PRO C 119 -8.11 7.59 19.51
N LEU C 120 -8.01 6.57 18.66
CA LEU C 120 -7.61 5.22 19.06
C LEU C 120 -6.19 4.96 18.57
N ILE C 121 -5.24 4.87 19.50
CA ILE C 121 -3.84 4.63 19.14
C ILE C 121 -3.59 3.12 19.21
N VAL C 122 -3.33 2.51 18.05
CA VAL C 122 -3.00 1.09 17.97
C VAL C 122 -1.49 0.95 18.14
N LEU C 123 -1.06 0.42 19.27
CA LEU C 123 0.35 0.32 19.64
C LEU C 123 0.79 -1.14 19.46
N SER C 124 1.42 -1.44 18.34
CA SER C 124 1.70 -2.82 17.97
C SER C 124 3.18 -3.12 18.11
N ALA C 125 3.49 -4.20 18.83
CA ALA C 125 4.82 -4.77 18.77
C ALA C 125 5.00 -5.56 17.49
N ASN C 126 6.25 -5.74 17.08
CA ASN C 126 6.56 -6.40 15.84
C ASN C 126 7.94 -7.02 15.94
N ARG C 127 8.15 -8.09 15.18
CA ARG C 127 9.49 -8.55 14.92
C ARG C 127 10.22 -7.49 14.08
N PRO C 128 11.55 -7.49 14.12
CA PRO C 128 12.30 -6.56 13.25
C PRO C 128 11.89 -6.69 11.79
N TYR C 129 11.91 -5.56 11.08
CA TYR C 129 11.41 -5.53 9.71
C TYR C 129 12.25 -6.36 8.76
N GLU C 130 13.52 -6.62 9.09
CA GLU C 130 14.36 -7.47 8.26
C GLU C 130 13.95 -8.93 8.34
N LEU C 131 13.14 -9.31 9.34
CA LEU C 131 12.60 -10.66 9.42
C LEU C 131 11.38 -10.87 8.53
N LEU C 132 10.79 -9.80 8.02
CA LEU C 132 9.64 -9.93 7.12
C LEU C 132 10.09 -10.56 5.81
N GLY C 133 9.48 -11.69 5.45
CA GLY C 133 9.85 -12.43 4.26
C GLY C 133 10.73 -13.63 4.52
N THR C 134 11.27 -13.78 5.72
CA THR C 134 12.16 -14.90 6.06
C THR C 134 11.41 -16.11 6.60
N GLY C 135 10.09 -16.06 6.69
CA GLY C 135 9.32 -17.17 7.23
C GLY C 135 9.34 -17.27 8.74
N ALA C 136 9.75 -16.21 9.43
CA ALA C 136 9.77 -16.21 10.89
C ALA C 136 8.36 -16.41 11.44
N ASN C 137 8.31 -16.88 12.69
CA ASN C 137 7.03 -17.17 13.32
C ASN C 137 6.29 -15.89 13.67
N GLN C 138 4.98 -15.88 13.42
CA GLN C 138 4.10 -14.79 13.85
C GLN C 138 4.55 -13.44 13.29
N THR C 139 4.99 -13.44 12.03
CA THR C 139 5.43 -12.22 11.36
C THR C 139 4.61 -12.05 10.10
N MET C 140 3.94 -10.90 9.98
CA MET C 140 3.14 -10.55 8.82
C MET C 140 3.46 -9.12 8.39
N GLU C 141 2.88 -8.71 7.27
CA GLU C 141 3.01 -7.34 6.77
C GLU C 141 2.14 -6.44 7.63
N GLN C 142 2.71 -5.99 8.76
CA GLN C 142 1.94 -5.23 9.75
C GLN C 142 1.85 -3.76 9.38
N LEU C 143 2.99 -3.12 9.11
CA LEU C 143 2.99 -1.71 8.73
C LEU C 143 2.24 -1.53 7.41
N GLY C 144 1.15 -0.77 7.46
CA GLY C 144 0.29 -0.56 6.32
C GLY C 144 -0.92 -1.48 6.25
N TYR C 145 -1.12 -2.34 7.24
CA TYR C 145 -2.24 -3.28 7.20
C TYR C 145 -3.58 -2.54 7.18
N PHE C 146 -3.66 -1.42 7.91
CA PHE C 146 -4.91 -0.69 8.04
C PHE C 146 -5.13 0.28 6.88
N GLY C 147 -4.08 0.64 6.15
CA GLY C 147 -4.27 1.32 4.89
C GLY C 147 -4.83 2.71 5.08
N THR C 148 -5.95 2.98 4.41
CA THR C 148 -6.54 4.30 4.40
C THR C 148 -7.42 4.57 5.62
N GLN C 149 -7.64 3.57 6.48
CA GLN C 149 -8.51 3.77 7.63
C GLN C 149 -7.84 4.51 8.78
N VAL C 150 -6.53 4.71 8.74
CA VAL C 150 -5.82 5.38 9.83
C VAL C 150 -5.44 6.78 9.40
N ARG C 151 -5.29 7.66 10.40
CA ARG C 151 -4.80 9.01 10.14
C ARG C 151 -3.30 9.02 9.86
N ALA C 152 -2.58 8.03 10.36
CA ALA C 152 -1.13 7.97 10.18
C ALA C 152 -0.63 6.58 10.53
N SER C 153 0.43 6.17 9.84
CA SER C 153 1.13 4.92 10.11
C SER C 153 2.58 5.30 10.41
N ILE C 154 2.96 5.25 11.67
CA ILE C 154 4.26 5.71 12.11
C ILE C 154 4.97 4.53 12.77
N SER C 155 6.23 4.35 12.41
CA SER C 155 7.08 3.36 13.04
C SER C 155 8.22 4.08 13.75
N LEU C 156 8.60 3.57 14.92
CA LEU C 156 9.86 3.98 15.54
C LEU C 156 10.99 3.15 14.97
N GLY C 157 12.19 3.73 14.99
CA GLY C 157 13.37 2.93 14.69
C GLY C 157 13.51 1.79 15.67
N LEU C 158 14.02 0.67 15.17
CA LEU C 158 14.44 -0.40 16.06
C LEU C 158 15.50 0.14 17.01
N ALA C 159 15.22 0.02 18.31
CA ALA C 159 16.08 0.64 19.33
C ALA C 159 17.51 0.15 19.20
N GLU C 160 18.45 1.07 19.03
CA GLU C 160 19.85 0.75 18.80
C GLU C 160 20.61 0.78 20.12
N ASP C 161 21.54 -0.15 20.27
CA ASP C 161 22.44 -0.16 21.42
C ASP C 161 23.57 0.82 21.13
N ALA C 162 23.44 2.03 21.64
CA ALA C 162 24.43 3.09 21.43
C ALA C 162 24.31 4.15 22.51
N PRO C 163 24.97 3.98 23.65
CA PRO C 163 24.85 4.97 24.73
C PRO C 163 25.32 6.37 24.35
N GLU C 164 26.10 6.51 23.28
CA GLU C 164 26.56 7.84 22.88
C GLU C 164 25.41 8.69 22.32
N ARG C 165 24.37 8.05 21.79
CA ARG C 165 23.27 8.76 21.14
C ARG C 165 21.95 8.64 21.90
N THR C 166 22.02 8.46 23.22
CA THR C 166 20.79 8.29 24.00
C THR C 166 19.96 9.57 23.99
N SER C 167 20.62 10.73 24.04
CA SER C 167 19.88 11.99 24.04
C SER C 167 19.21 12.21 22.68
N ALA C 168 19.87 11.83 21.59
CA ALA C 168 19.25 11.99 20.28
C ALA C 168 18.12 10.99 20.08
N LEU C 169 18.29 9.77 20.59
CA LEU C 169 17.22 8.79 20.48
C LEU C 169 16.01 9.17 21.34
N ASN C 170 16.24 9.86 22.47
CA ASN C 170 15.14 10.34 23.28
C ASN C 170 14.29 11.35 22.52
N ALA C 171 14.93 12.37 21.93
CA ALA C 171 14.19 13.40 21.21
C ALA C 171 13.45 12.80 20.02
N THR C 172 14.09 11.89 19.29
CA THR C 172 13.44 11.24 18.16
C THR C 172 12.24 10.42 18.60
N TRP C 173 12.37 9.69 19.72
CA TRP C 173 11.27 8.83 20.17
C TRP C 173 10.09 9.66 20.68
N ARG C 174 10.38 10.71 21.43
CA ARG C 174 9.29 11.51 21.99
C ARG C 174 8.60 12.36 20.93
N SER C 175 9.35 12.85 19.95
CA SER C 175 8.76 13.61 18.85
C SER C 175 7.83 12.73 18.02
N ALA C 176 8.23 11.48 17.77
CA ALA C 176 7.36 10.56 17.04
C ALA C 176 6.09 10.26 17.83
N THR C 177 6.22 10.09 19.15
CA THR C 177 5.06 9.85 19.99
C THR C 177 4.09 11.03 19.93
N CYS C 178 4.62 12.26 19.89
CA CYS C 178 3.78 13.44 19.78
C CYS C 178 3.05 13.49 18.43
N ARG C 179 3.74 13.10 17.36
N ARG C 179 3.73 13.10 17.35
CA ARG C 179 3.08 13.03 16.05
CA ARG C 179 3.07 13.04 16.05
C ARG C 179 1.94 12.01 16.06
C ARG C 179 1.94 12.01 16.06
N VAL C 180 2.14 10.89 16.77
CA VAL C 180 1.08 9.90 16.90
C VAL C 180 -0.12 10.50 17.65
N LEU C 181 0.15 11.23 18.72
CA LEU C 181 -0.93 11.79 19.54
C LEU C 181 -1.68 12.89 18.80
N ALA C 182 -0.96 13.77 18.11
CA ALA C 182 -1.59 14.88 17.41
C ALA C 182 -2.45 14.39 16.25
N ALA C 183 -1.98 13.35 15.54
CA ALA C 183 -2.79 12.77 14.47
C ALA C 183 -4.00 12.03 15.01
N ALA C 184 -3.89 11.44 16.19
CA ALA C 184 -5.02 10.71 16.74
C ALA C 184 -6.08 11.66 17.30
N THR C 185 -5.64 12.73 17.98
CA THR C 185 -6.55 13.70 18.56
C THR C 185 -6.97 14.80 17.59
N GLY C 186 -6.39 14.86 16.40
CA GLY C 186 -6.69 15.94 15.48
C GLY C 186 -6.23 17.30 15.95
N ALA C 187 -5.13 17.33 16.73
CA ALA C 187 -4.67 18.57 17.34
C ALA C 187 -4.42 19.68 16.33
N ARG C 188 -4.08 19.34 15.08
CA ARG C 188 -3.85 20.36 14.08
C ARG C 188 -4.64 20.12 12.79
N THR C 189 -5.39 19.02 12.70
CA THR C 189 -6.22 18.76 11.54
C THR C 189 -7.72 18.86 11.86
N ALA C 190 -8.10 18.90 13.13
CA ALA C 190 -9.50 18.82 13.57
C ALA C 190 -10.18 17.54 13.11
N ASN C 191 -9.40 16.50 12.84
CA ASN C 191 -9.93 15.23 12.30
C ASN C 191 -9.35 14.08 13.11
N ALA C 192 -9.85 13.91 14.34
CA ALA C 192 -9.41 12.81 15.19
C ALA C 192 -9.72 11.47 14.54
N GLY C 193 -8.97 10.44 14.94
CA GLY C 193 -9.12 9.13 14.36
C GLY C 193 -8.02 8.17 14.80
N PRO C 194 -8.07 6.94 14.29
CA PRO C 194 -7.10 5.93 14.72
C PRO C 194 -5.73 6.17 14.12
N VAL C 195 -4.71 5.69 14.83
CA VAL C 195 -3.32 5.80 14.39
C VAL C 195 -2.62 4.47 14.65
N HIS C 196 -1.88 3.99 13.65
CA HIS C 196 -1.05 2.79 13.80
C HIS C 196 0.35 3.22 14.23
N PHE C 197 0.77 2.75 15.41
CA PHE C 197 2.09 3.07 15.97
C PHE C 197 2.81 1.73 16.16
N ASP C 198 3.63 1.35 15.18
CA ASP C 198 4.31 0.06 15.18
C ASP C 198 5.69 0.20 15.79
N ILE C 199 6.02 -0.70 16.71
CA ILE C 199 7.33 -0.69 17.35
C ILE C 199 8.01 -2.03 17.15
N PRO C 200 9.04 -2.11 16.29
CA PRO C 200 9.77 -3.38 16.14
C PRO C 200 10.71 -3.59 17.33
N LEU C 201 10.63 -4.78 17.92
CA LEU C 201 11.36 -5.10 19.14
C LEU C 201 12.14 -6.40 18.93
N ARG C 202 13.37 -6.43 19.47
CA ARG C 202 14.19 -7.63 19.45
C ARG C 202 14.69 -7.94 20.86
N GLU C 203 15.20 -9.16 21.02
CA GLU C 203 15.62 -9.66 22.31
C GLU C 203 16.86 -8.92 22.81
N PRO C 204 17.02 -8.76 24.14
CA PRO C 204 16.12 -9.22 25.21
C PRO C 204 14.89 -8.33 25.40
N LEU C 205 13.74 -8.93 25.70
CA LEU C 205 12.48 -8.22 25.79
C LEU C 205 12.06 -7.89 27.22
N VAL C 206 12.67 -8.54 28.21
CA VAL C 206 12.31 -8.31 29.62
C VAL C 206 13.33 -7.34 30.23
N PRO C 207 12.96 -6.61 31.28
CA PRO C 207 13.91 -5.66 31.89
C PRO C 207 15.06 -6.38 32.56
N ASP C 208 16.29 -5.94 32.26
CA ASP C 208 17.45 -6.45 32.96
C ASP C 208 17.36 -6.06 34.44
N PRO C 209 17.97 -6.85 35.33
CA PRO C 209 17.85 -6.57 36.77
C PRO C 209 18.39 -5.19 37.13
N GLU C 210 17.52 -4.37 37.71
CA GLU C 210 17.90 -3.03 38.17
C GLU C 210 18.05 -3.07 39.68
N PRO C 211 19.27 -2.90 40.23
CA PRO C 211 19.46 -2.88 41.68
C PRO C 211 19.10 -1.55 42.31
N ALA C 214 18.46 2.59 36.72
CA ALA C 214 17.02 2.79 36.85
C ALA C 214 16.62 4.21 36.44
N VAL C 215 17.25 4.71 35.38
CA VAL C 215 17.05 6.09 34.94
C VAL C 215 16.63 6.06 33.48
N THR C 216 15.40 6.51 33.22
CA THR C 216 14.92 6.71 31.85
C THR C 216 15.23 8.13 31.39
N PRO C 217 15.65 8.30 30.14
CA PRO C 217 15.92 9.65 29.62
C PRO C 217 14.69 10.54 29.76
N PRO C 218 14.85 11.73 30.34
CA PRO C 218 13.68 12.51 30.74
C PRO C 218 13.06 13.32 29.60
N GLY C 219 11.78 13.59 29.74
CA GLY C 219 11.09 14.53 28.87
C GLY C 219 11.33 15.96 29.33
N ARG C 220 10.44 16.85 28.93
CA ARG C 220 10.53 18.25 29.30
C ARG C 220 10.19 18.41 30.78
N PRO C 221 10.68 19.48 31.41
CA PRO C 221 10.27 19.77 32.78
C PRO C 221 8.79 20.10 32.87
N ALA C 222 8.25 19.93 34.09
CA ALA C 222 6.86 20.20 34.43
C ALA C 222 5.88 19.26 33.76
N GLY C 223 6.32 18.06 33.38
CA GLY C 223 5.43 17.07 32.81
C GLY C 223 4.79 17.46 31.50
N LYS C 224 5.34 18.45 30.80
CA LYS C 224 4.78 18.94 29.55
C LYS C 224 5.18 18.05 28.38
N PRO C 225 4.37 17.98 27.33
CA PRO C 225 4.72 17.15 26.17
C PRO C 225 5.96 17.67 25.47
N TRP C 226 6.61 16.76 24.73
CA TRP C 226 7.86 17.12 24.07
C TRP C 226 7.65 18.21 23.01
N THR C 227 6.57 18.10 22.23
CA THR C 227 6.20 19.10 21.24
C THR C 227 4.81 19.64 21.60
N TYR C 228 4.77 20.87 22.10
CA TYR C 228 3.52 21.50 22.52
C TYR C 228 2.72 21.97 21.31
N THR C 229 1.50 21.44 21.15
CA THR C 229 0.58 21.92 20.12
C THR C 229 -0.59 22.65 20.78
N PRO C 230 -0.60 23.98 20.79
CA PRO C 230 -1.71 24.73 21.38
C PRO C 230 -3.01 24.48 20.63
N PRO C 231 -4.16 24.94 21.16
CA PRO C 231 -5.45 24.60 20.53
C PRO C 231 -5.59 25.18 19.14
N VAL C 232 -6.09 24.36 18.22
CA VAL C 232 -6.29 24.76 16.84
C VAL C 232 -7.72 25.27 16.67
N THR C 233 -7.87 26.26 15.80
CA THR C 233 -9.19 26.78 15.44
C THR C 233 -9.37 26.61 13.94
N PHE C 234 -10.50 26.02 13.56
N PHE C 234 -10.39 25.84 13.56
CA PHE C 234 -10.84 25.73 12.16
CA PHE C 234 -10.85 25.76 12.19
C PHE C 234 -12.17 26.45 11.87
C PHE C 234 -12.12 26.59 12.09
N ASP C 235 -12.07 27.66 11.31
CA ASP C 235 -13.18 28.61 11.22
C ASP C 235 -13.60 28.81 9.77
N GLN C 236 -14.88 28.57 9.49
CA GLN C 236 -15.41 28.64 8.13
C GLN C 236 -16.82 29.18 8.21
N PRO C 237 -16.98 30.50 8.31
CA PRO C 237 -18.29 31.07 8.61
C PRO C 237 -19.21 31.11 7.39
N LEU C 238 -20.50 30.91 7.68
CA LEU C 238 -21.53 30.78 6.66
C LEU C 238 -22.68 31.75 6.96
N ASP C 239 -23.12 32.48 5.94
CA ASP C 239 -24.23 33.41 6.08
C ASP C 239 -25.55 32.68 5.85
N ILE C 240 -26.42 32.68 6.86
CA ILE C 240 -27.70 32.00 6.79
C ILE C 240 -28.79 32.95 7.27
N ASP C 241 -29.83 33.12 6.46
CA ASP C 241 -30.99 33.91 6.82
C ASP C 241 -32.00 33.00 7.51
N LEU C 242 -32.28 33.26 8.79
CA LEU C 242 -33.18 32.41 9.57
C LEU C 242 -34.65 32.77 9.39
N SER C 243 -34.98 33.81 8.62
CA SER C 243 -36.39 34.12 8.38
C SER C 243 -37.01 33.14 7.39
N VAL C 244 -36.20 32.63 6.45
CA VAL C 244 -36.64 31.52 5.62
C VAL C 244 -36.89 30.31 6.50
N ASP C 245 -38.00 29.61 6.27
CA ASP C 245 -38.41 28.52 7.14
C ASP C 245 -37.34 27.44 7.19
N THR C 246 -36.76 27.25 8.37
CA THR C 246 -35.56 26.46 8.53
C THR C 246 -35.78 25.33 9.52
N VAL C 247 -35.34 24.14 9.17
CA VAL C 247 -35.22 23.04 10.12
C VAL C 247 -33.74 22.73 10.29
N VAL C 248 -33.33 22.43 11.52
CA VAL C 248 -31.97 22.02 11.81
C VAL C 248 -31.98 20.51 11.96
N ILE C 249 -31.03 19.83 11.31
CA ILE C 249 -30.90 18.38 11.38
C ILE C 249 -29.49 18.08 11.86
N SER C 250 -29.38 17.52 13.06
CA SER C 250 -28.09 17.29 13.70
C SER C 250 -27.87 15.80 13.86
N GLY C 251 -26.70 15.33 13.42
CA GLY C 251 -26.35 13.93 13.51
C GLY C 251 -25.11 13.68 14.35
N HIS C 252 -24.54 12.47 14.23
CA HIS C 252 -23.35 12.12 14.99
C HIS C 252 -22.20 13.08 14.68
N GLY C 253 -21.51 13.53 15.71
CA GLY C 253 -20.42 14.46 15.57
C GLY C 253 -20.81 15.92 15.49
N ALA C 254 -22.08 16.23 15.71
CA ALA C 254 -22.54 17.60 15.59
C ALA C 254 -21.93 18.47 16.69
N GLY C 255 -21.72 19.74 16.36
CA GLY C 255 -21.30 20.73 17.35
C GLY C 255 -22.50 21.41 18.01
N VAL C 256 -22.19 22.36 18.88
CA VAL C 256 -23.19 23.12 19.62
C VAL C 256 -23.19 24.54 19.05
N HIS C 257 -24.36 25.00 18.61
CA HIS C 257 -24.51 26.31 17.98
C HIS C 257 -25.58 27.09 18.70
N PRO C 258 -25.19 27.98 19.62
CA PRO C 258 -26.21 28.76 20.36
C PRO C 258 -27.08 29.65 19.48
N ASN C 259 -26.55 30.17 18.37
CA ASN C 259 -27.35 31.04 17.51
C ASN C 259 -28.41 30.29 16.71
N LEU C 260 -28.49 28.97 16.86
CA LEU C 260 -29.48 28.13 16.18
C LEU C 260 -30.44 27.49 17.16
N ALA C 261 -30.44 27.92 18.42
CA ALA C 261 -31.17 27.23 19.47
C ALA C 261 -32.68 27.35 19.30
N ALA C 262 -33.17 28.43 18.70
CA ALA C 262 -34.61 28.63 18.59
C ALA C 262 -35.25 27.82 17.48
N LEU C 263 -34.45 27.26 16.57
CA LEU C 263 -34.98 26.61 15.39
C LEU C 263 -35.49 25.19 15.70
N PRO C 264 -36.51 24.73 14.98
CA PRO C 264 -36.95 23.33 15.13
C PRO C 264 -35.83 22.39 14.69
N THR C 265 -35.55 21.40 15.54
CA THR C 265 -34.34 20.60 15.40
C THR C 265 -34.67 19.11 15.49
N VAL C 266 -34.32 18.36 14.45
CA VAL C 266 -34.38 16.90 14.47
C VAL C 266 -32.99 16.41 14.84
N ALA C 267 -32.82 15.97 16.08
CA ALA C 267 -31.52 15.60 16.63
C ALA C 267 -31.46 14.09 16.87
N GLU C 268 -30.46 13.44 16.26
CA GLU C 268 -30.18 12.05 16.59
C GLU C 268 -29.83 11.94 18.08
N PRO C 269 -30.06 10.77 18.68
CA PRO C 269 -29.78 10.62 20.13
C PRO C 269 -28.34 10.91 20.52
N THR C 270 -27.38 10.74 19.62
CA THR C 270 -25.97 11.01 19.94
C THR C 270 -25.58 12.45 19.69
N ALA C 271 -26.43 13.26 19.07
CA ALA C 271 -26.09 14.64 18.79
C ALA C 271 -26.35 15.50 20.02
N PRO C 272 -25.39 16.34 20.42
CA PRO C 272 -25.65 17.27 21.53
C PRO C 272 -26.69 18.30 21.11
N ARG C 273 -27.63 18.56 22.02
CA ARG C 273 -28.74 19.45 21.75
C ARG C 273 -28.33 20.89 22.00
N SER C 274 -28.56 21.76 21.01
CA SER C 274 -28.18 23.16 21.10
C SER C 274 -29.29 24.04 21.66
N GLY C 275 -30.51 23.55 21.76
CA GLY C 275 -31.61 24.38 22.22
C GLY C 275 -32.79 23.56 22.70
N ASP C 276 -33.91 24.25 22.85
CA ASP C 276 -35.15 23.66 23.35
C ASP C 276 -36.28 23.93 22.35
N ASN C 277 -36.22 23.23 21.23
CA ASN C 277 -37.30 23.24 20.27
C ASN C 277 -37.25 21.95 19.46
N PRO C 278 -37.47 20.81 20.11
CA PRO C 278 -37.31 19.54 19.41
C PRO C 278 -38.41 19.33 18.37
N LEU C 279 -38.03 18.65 17.28
CA LEU C 279 -38.93 18.23 16.23
C LEU C 279 -38.79 16.72 16.07
N HIS C 280 -39.84 15.99 16.45
CA HIS C 280 -39.82 14.55 16.32
C HIS C 280 -39.58 14.16 14.86
N PRO C 281 -38.72 13.16 14.59
CA PRO C 281 -38.46 12.79 13.19
C PRO C 281 -39.70 12.34 12.43
N LEU C 282 -40.71 11.80 13.10
CA LEU C 282 -41.94 11.42 12.41
C LEU C 282 -42.71 12.64 11.94
N ALA C 283 -42.51 13.79 12.58
CA ALA C 283 -43.19 15.01 12.18
C ALA C 283 -42.56 15.64 10.95
N LEU C 284 -41.35 15.24 10.60
CA LEU C 284 -40.62 15.90 9.50
C LEU C 284 -41.31 15.77 8.15
N PRO C 285 -41.77 14.58 7.72
CA PRO C 285 -42.48 14.51 6.43
C PRO C 285 -43.83 15.23 6.43
N LEU C 286 -44.35 15.61 7.60
CA LEU C 286 -45.53 16.46 7.65
C LEU C 286 -45.21 17.93 7.34
N LEU C 287 -43.94 18.27 7.16
CA LEU C 287 -43.53 19.65 6.97
C LEU C 287 -42.85 19.81 5.62
N ARG C 288 -42.78 21.06 5.17
CA ARG C 288 -42.07 21.41 3.93
C ARG C 288 -41.16 22.59 4.26
N PRO C 289 -39.99 22.33 4.86
CA PRO C 289 -39.06 23.43 5.13
C PRO C 289 -38.54 24.03 3.83
N GLN C 290 -38.20 25.31 3.90
CA GLN C 290 -37.64 26.00 2.74
C GLN C 290 -36.11 25.95 2.71
N GLN C 291 -35.46 25.60 3.82
CA GLN C 291 -34.03 25.35 3.83
C GLN C 291 -33.69 24.52 5.05
N VAL C 292 -32.59 23.79 4.94
CA VAL C 292 -32.16 22.85 5.97
C VAL C 292 -30.74 23.21 6.39
N ILE C 293 -30.50 23.20 7.71
CA ILE C 293 -29.16 23.31 8.27
C ILE C 293 -28.80 21.93 8.82
N MET C 294 -27.76 21.33 8.25
CA MET C 294 -27.26 20.04 8.67
C MET C 294 -26.03 20.22 9.57
N LEU C 295 -26.07 19.60 10.75
CA LEU C 295 -24.93 19.55 11.66
C LEU C 295 -24.45 18.12 11.80
N GLY C 296 -23.13 17.94 11.74
CA GLY C 296 -22.60 16.60 11.94
C GLY C 296 -22.91 15.68 10.77
N ARG C 297 -23.04 14.39 11.07
CA ARG C 297 -23.27 13.35 10.06
C ARG C 297 -24.56 12.60 10.35
N PRO C 298 -25.70 13.10 9.85
CA PRO C 298 -26.97 12.39 10.09
C PRO C 298 -27.14 11.23 9.14
N THR C 299 -27.41 10.04 9.70
CA THR C 299 -27.65 8.83 8.91
C THR C 299 -28.85 8.02 9.39
N LEU C 300 -29.51 8.43 10.46
CA LEU C 300 -30.39 7.53 11.19
C LEU C 300 -31.79 7.46 10.59
N HIS C 301 -32.46 8.60 10.46
CA HIS C 301 -33.88 8.63 10.12
C HIS C 301 -34.11 8.62 8.61
N ARG C 302 -35.08 7.81 8.19
CA ARG C 302 -35.46 7.73 6.77
C ARG C 302 -36.11 9.03 6.28
N PRO C 303 -37.02 9.67 7.03
CA PRO C 303 -37.50 10.99 6.58
C PRO C 303 -36.39 12.01 6.44
N VAL C 304 -35.34 11.92 7.25
CA VAL C 304 -34.21 12.81 7.12
C VAL C 304 -33.49 12.56 5.79
N SER C 305 -33.38 11.29 5.39
CA SER C 305 -32.71 10.95 4.14
C SER C 305 -33.51 11.42 2.93
N VAL C 306 -34.85 11.35 3.00
CA VAL C 306 -35.67 11.78 1.88
C VAL C 306 -35.60 13.28 1.70
N LEU C 307 -35.63 14.04 2.81
CA LEU C 307 -35.56 15.49 2.73
C LEU C 307 -34.19 15.96 2.25
N LEU C 308 -33.12 15.33 2.75
CA LEU C 308 -31.79 15.71 2.30
C LEU C 308 -31.56 15.34 0.84
N ALA C 309 -32.15 14.24 0.37
CA ALA C 309 -32.03 13.84 -1.02
C ALA C 309 -32.99 14.58 -1.94
N ASP C 310 -33.75 15.54 -1.43
CA ASP C 310 -34.64 16.35 -2.25
C ASP C 310 -33.84 17.55 -2.77
N ALA C 311 -33.64 17.60 -4.09
CA ALA C 311 -32.82 18.64 -4.70
C ALA C 311 -33.55 19.98 -4.79
N GLU C 312 -34.74 20.09 -4.23
CA GLU C 312 -35.49 21.34 -4.25
C GLU C 312 -35.24 22.21 -3.02
N VAL C 313 -34.71 21.65 -1.95
CA VAL C 313 -34.55 22.36 -0.68
C VAL C 313 -33.06 22.60 -0.44
N PRO C 314 -32.64 23.86 -0.29
CA PRO C 314 -31.22 24.14 -0.04
C PRO C 314 -30.74 23.61 1.31
N VAL C 315 -29.51 23.09 1.32
CA VAL C 315 -28.90 22.50 2.50
C VAL C 315 -27.62 23.26 2.84
N PHE C 316 -27.50 23.68 4.09
CA PHE C 316 -26.28 24.26 4.63
C PHE C 316 -25.68 23.29 5.63
N ALA C 317 -24.42 22.91 5.42
CA ALA C 317 -23.77 21.88 6.22
C ALA C 317 -22.75 22.52 7.15
N LEU C 318 -22.91 22.31 8.45
CA LEU C 318 -21.96 22.78 9.45
C LEU C 318 -21.33 21.59 10.14
N THR C 319 -20.01 21.47 10.01
CA THR C 319 -19.26 20.36 10.59
C THR C 319 -18.15 20.88 11.48
N THR C 320 -17.77 20.08 12.48
CA THR C 320 -16.69 20.45 13.38
C THR C 320 -15.32 20.27 12.72
N GLY C 321 -15.19 19.33 11.79
CA GLY C 321 -13.92 19.06 11.17
C GLY C 321 -13.94 19.25 9.67
N PRO C 322 -12.90 18.76 8.98
CA PRO C 322 -12.82 18.97 7.54
C PRO C 322 -13.66 18.01 6.73
N ARG C 323 -14.05 16.87 7.28
CA ARG C 323 -14.98 15.99 6.60
C ARG C 323 -16.36 16.62 6.57
N TRP C 324 -17.06 16.52 5.44
CA TRP C 324 -18.42 17.03 5.35
C TRP C 324 -19.30 16.03 4.62
N PRO C 325 -20.45 15.65 5.20
CA PRO C 325 -21.28 14.58 4.64
C PRO C 325 -21.68 14.85 3.21
N ASN C 326 -21.55 13.82 2.38
CA ASN C 326 -22.04 13.82 1.01
C ASN C 326 -23.47 13.31 0.91
N VAL C 327 -24.17 13.21 2.04
CA VAL C 327 -25.52 12.67 2.07
C VAL C 327 -26.52 13.50 1.27
N SER C 328 -26.10 14.65 0.75
CA SER C 328 -26.97 15.49 -0.06
C SER C 328 -26.20 15.97 -1.29
N GLY C 329 -26.93 16.25 -2.35
CA GLY C 329 -26.36 16.78 -3.57
C GLY C 329 -26.69 18.25 -3.78
N ASN C 330 -27.75 18.73 -3.13
CA ASN C 330 -28.09 20.14 -3.15
C ASN C 330 -27.53 20.84 -1.91
N SER C 331 -26.26 20.58 -1.62
CA SER C 331 -25.57 21.32 -0.57
C SER C 331 -25.13 22.66 -1.16
N GLN C 332 -25.75 23.74 -0.69
CA GLN C 332 -25.40 25.07 -1.18
C GLN C 332 -24.04 25.52 -0.64
N ALA C 333 -23.76 25.19 0.61
CA ALA C 333 -22.55 25.69 1.26
C ALA C 333 -22.24 24.82 2.46
N THR C 334 -20.94 24.69 2.76
CA THR C 334 -20.50 23.98 3.95
C THR C 334 -19.53 24.86 4.74
N GLY C 335 -19.65 24.82 6.05
CA GLY C 335 -18.78 25.59 6.91
C GLY C 335 -18.73 24.98 8.30
N THR C 336 -18.37 25.83 9.27
CA THR C 336 -18.28 25.40 10.65
C THR C 336 -19.21 26.13 11.59
N ARG C 337 -19.64 27.34 11.24
CA ARG C 337 -20.56 28.08 12.09
C ARG C 337 -21.39 29.00 11.21
N ALA C 338 -22.54 29.40 11.74
CA ALA C 338 -23.46 30.25 11.00
C ALA C 338 -23.38 31.68 11.52
N VAL C 339 -23.39 32.62 10.58
CA VAL C 339 -23.61 34.02 10.87
C VAL C 339 -25.03 34.34 10.41
N THR C 340 -25.95 34.50 11.37
CA THR C 340 -27.38 34.54 11.09
C THR C 340 -27.92 35.96 11.08
N THR C 341 -28.84 36.21 10.15
CA THR C 341 -29.70 37.38 10.17
C THR C 341 -31.15 36.91 10.26
N GLY C 342 -32.00 37.79 10.75
CA GLY C 342 -33.42 37.46 10.84
C GLY C 342 -33.73 36.51 11.98
N ALA C 343 -34.99 36.06 11.98
CA ALA C 343 -35.50 35.16 13.00
C ALA C 343 -36.61 34.34 12.39
N PRO C 344 -36.85 33.12 12.89
CA PRO C 344 -37.88 32.27 12.29
C PRO C 344 -39.28 32.85 12.46
N ARG C 345 -40.10 32.70 11.42
CA ARG C 345 -41.48 33.19 11.45
C ARG C 345 -42.25 32.54 12.60
N PRO C 346 -43.10 33.28 13.30
CA PRO C 346 -43.97 32.64 14.29
C PRO C 346 -44.89 31.59 13.70
N ALA C 347 -45.34 31.76 12.46
CA ALA C 347 -46.19 30.75 11.84
C ALA C 347 -45.43 29.45 11.61
N TRP C 348 -44.17 29.56 11.16
CA TRP C 348 -43.34 28.37 11.00
C TRP C 348 -43.15 27.64 12.33
N LEU C 349 -42.86 28.40 13.39
CA LEU C 349 -42.63 27.77 14.69
C LEU C 349 -43.90 27.07 15.21
N ASP C 350 -45.06 27.71 15.04
CA ASP C 350 -46.29 27.11 15.54
C ASP C 350 -46.60 25.82 14.81
N ARG C 351 -46.45 25.82 13.49
CA ARG C 351 -46.70 24.62 12.70
C ARG C 351 -45.76 23.49 13.11
N CYS C 352 -44.46 23.80 13.22
CA CYS C 352 -43.51 22.78 13.66
C CYS C 352 -43.86 22.26 15.05
N ALA C 353 -44.20 23.15 15.98
CA ALA C 353 -44.58 22.72 17.32
C ALA C 353 -45.84 21.87 17.30
N ALA C 354 -46.77 22.18 16.40
CA ALA C 354 -47.99 21.38 16.31
C ALA C 354 -47.69 19.99 15.78
N MET C 355 -46.91 19.89 14.70
CA MET C 355 -46.59 18.58 14.16
C MET C 355 -45.78 17.75 15.14
N ASN C 356 -44.96 18.39 15.96
CA ASN C 356 -44.16 17.64 16.93
C ASN C 356 -45.05 17.01 17.99
N ARG C 357 -46.05 17.75 18.50
CA ARG C 357 -46.98 17.19 19.47
C ARG C 357 -47.77 16.04 18.87
N HIS C 358 -48.19 16.18 17.60
CA HIS C 358 -48.89 15.09 16.92
C HIS C 358 -48.05 13.82 16.91
N ALA C 359 -46.77 13.93 16.57
CA ALA C 359 -45.91 12.76 16.52
C ALA C 359 -45.71 12.16 17.91
N ILE C 360 -45.50 12.99 18.92
CA ILE C 360 -45.28 12.47 20.26
C ILE C 360 -46.53 11.80 20.79
N ALA C 361 -47.70 12.40 20.53
CA ALA C 361 -48.95 11.79 20.97
C ALA C 361 -49.20 10.48 20.24
N ALA C 362 -48.92 10.43 18.94
CA ALA C 362 -49.14 9.20 18.20
C ALA C 362 -48.30 8.05 18.76
N VAL C 363 -47.04 8.32 19.09
CA VAL C 363 -46.19 7.28 19.66
C VAL C 363 -46.69 6.87 21.04
N ARG C 364 -47.07 7.85 21.87
CA ARG C 364 -47.49 7.55 23.23
C ARG C 364 -48.78 6.74 23.26
N GLU C 365 -49.81 7.21 22.56
CA GLU C 365 -51.12 6.55 22.61
C GLU C 365 -51.08 5.15 21.99
N GLN C 366 -50.34 4.99 20.89
CA GLN C 366 -50.27 3.69 20.25
C GLN C 366 -49.42 2.70 21.05
N LEU C 367 -48.40 3.19 21.75
CA LEU C 367 -47.68 2.32 22.67
C LEU C 367 -48.58 1.86 23.82
N ALA C 368 -49.42 2.77 24.34
CA ALA C 368 -50.30 2.43 25.45
C ALA C 368 -51.43 1.50 25.03
N ALA C 369 -51.74 1.40 23.74
CA ALA C 369 -52.80 0.53 23.24
C ALA C 369 -52.30 -0.83 22.80
N HIS C 370 -51.03 -0.95 22.40
CA HIS C 370 -50.51 -2.23 21.93
C HIS C 370 -50.59 -3.27 23.05
N PRO C 371 -51.11 -4.47 22.78
CA PRO C 371 -51.34 -5.44 23.87
C PRO C 371 -50.08 -6.13 24.35
N LEU C 372 -49.01 -6.16 23.56
CA LEU C 372 -47.79 -6.85 23.90
C LEU C 372 -46.67 -5.85 24.16
N THR C 373 -45.56 -6.37 24.67
CA THR C 373 -44.38 -5.56 24.96
C THR C 373 -43.36 -5.76 23.84
N THR C 374 -42.97 -4.68 23.19
CA THR C 374 -42.00 -4.70 22.10
C THR C 374 -40.72 -3.99 22.53
N GLY C 375 -39.71 -4.08 21.65
CA GLY C 375 -38.49 -3.33 21.89
C GLY C 375 -38.73 -1.83 21.99
N LEU C 376 -39.74 -1.33 21.29
CA LEU C 376 -40.09 0.08 21.41
C LEU C 376 -40.56 0.41 22.82
N HIS C 377 -41.19 -0.54 23.50
CA HIS C 377 -41.60 -0.33 24.89
C HIS C 377 -40.39 -0.31 25.81
N VAL C 378 -39.46 -1.26 25.64
CA VAL C 378 -38.26 -1.30 26.46
C VAL C 378 -37.48 0.01 26.34
N ALA C 379 -37.38 0.55 25.13
CA ALA C 379 -36.66 1.80 24.92
C ALA C 379 -37.37 2.97 25.60
N ALA C 380 -38.70 3.00 25.54
CA ALA C 380 -39.44 4.07 26.21
C ALA C 380 -39.26 4.00 27.72
N ALA C 381 -39.25 2.78 28.27
CA ALA C 381 -39.05 2.63 29.71
C ALA C 381 -37.65 3.06 30.13
N VAL C 382 -36.63 2.81 29.30
CA VAL C 382 -35.28 3.23 29.64
C VAL C 382 -35.17 4.76 29.61
N SER C 383 -35.79 5.40 28.62
CA SER C 383 -35.72 6.86 28.50
C SER C 383 -36.34 7.55 29.71
N HIS C 384 -37.43 6.98 30.24
CA HIS C 384 -38.10 7.57 31.39
C HIS C 384 -37.33 7.38 32.69
N ALA C 385 -36.50 6.34 32.78
CA ALA C 385 -35.67 6.09 33.96
C ALA C 385 -34.38 6.91 33.99
N LEU C 386 -34.11 7.71 32.96
CA LEU C 386 -32.88 8.48 32.88
C LEU C 386 -33.01 9.78 33.66
N ARG C 387 -31.97 10.09 34.44
CA ARG C 387 -31.87 11.33 35.20
C ARG C 387 -30.61 12.08 34.78
N PRO C 388 -30.59 13.41 34.91
CA PRO C 388 -29.43 14.18 34.44
C PRO C 388 -28.14 13.70 35.08
N GLY C 389 -27.09 13.64 34.27
CA GLY C 389 -25.81 13.11 34.68
C GLY C 389 -25.59 11.65 34.31
N ASP C 390 -26.62 10.97 33.83
CA ASP C 390 -26.48 9.59 33.38
C ASP C 390 -25.72 9.54 32.06
N GLN C 391 -25.12 8.38 31.81
CA GLN C 391 -24.57 8.06 30.50
C GLN C 391 -25.37 6.91 29.91
N LEU C 392 -25.89 7.12 28.70
CA LEU C 392 -26.66 6.11 28.00
C LEU C 392 -25.87 5.62 26.79
N VAL C 393 -25.67 4.31 26.71
CA VAL C 393 -24.97 3.67 25.60
C VAL C 393 -25.97 2.83 24.83
N LEU C 394 -25.99 2.98 23.51
CA LEU C 394 -26.98 2.34 22.66
C LEU C 394 -26.29 1.49 21.60
N GLY C 395 -26.86 0.30 21.35
CA GLY C 395 -26.52 -0.42 20.14
C GLY C 395 -26.98 0.34 18.92
N ALA C 396 -26.14 0.34 17.89
CA ALA C 396 -26.39 1.19 16.73
C ALA C 396 -27.41 0.62 15.76
N SER C 397 -28.01 -0.53 16.06
CA SER C 397 -29.07 -1.06 15.21
C SER C 397 -30.42 -0.48 15.65
N ASN C 398 -31.29 -1.33 16.17
CA ASN C 398 -32.62 -0.92 16.60
C ASN C 398 -32.65 -0.04 17.84
N PRO C 399 -31.85 -0.29 18.89
CA PRO C 399 -31.98 0.51 20.12
C PRO C 399 -31.88 2.01 19.90
N VAL C 400 -31.07 2.46 18.95
CA VAL C 400 -30.92 3.90 18.76
C VAL C 400 -32.09 4.45 17.94
N ARG C 401 -32.67 3.65 17.06
CA ARG C 401 -33.87 4.07 16.35
C ARG C 401 -35.08 4.07 17.29
N ASP C 402 -35.21 3.01 18.11
CA ASP C 402 -36.36 2.91 19.00
C ASP C 402 -36.35 4.00 20.05
N VAL C 403 -35.17 4.41 20.51
CA VAL C 403 -35.09 5.48 21.50
C VAL C 403 -35.43 6.83 20.86
N ALA C 404 -34.94 7.06 19.64
CA ALA C 404 -35.29 8.29 18.93
C ALA C 404 -36.79 8.38 18.68
N LEU C 405 -37.43 7.24 18.40
CA LEU C 405 -38.86 7.23 18.18
C LEU C 405 -39.63 7.48 19.47
N ALA C 406 -39.12 6.96 20.59
CA ALA C 406 -39.81 7.12 21.87
C ALA C 406 -39.68 8.52 22.44
N GLY C 407 -38.89 9.39 21.81
CA GLY C 407 -38.84 10.78 22.19
C GLY C 407 -37.91 11.15 23.32
N LEU C 408 -36.77 10.48 23.45
CA LEU C 408 -35.85 10.74 24.55
C LEU C 408 -35.34 12.18 24.50
N ASP C 409 -35.41 12.86 25.65
CA ASP C 409 -34.80 14.17 25.83
C ASP C 409 -33.39 13.96 26.36
N THR C 410 -32.39 14.33 25.54
CA THR C 410 -31.00 13.99 25.80
C THR C 410 -30.24 15.07 26.56
N ARG C 411 -30.92 16.11 27.04
CA ARG C 411 -30.23 17.19 27.71
C ARG C 411 -29.85 16.80 29.14
N GLY C 412 -28.60 17.07 29.51
CA GLY C 412 -28.08 16.71 30.80
C GLY C 412 -27.51 15.31 30.89
N ILE C 413 -27.67 14.50 29.85
CA ILE C 413 -27.17 13.13 29.82
C ILE C 413 -26.24 12.96 28.62
N ARG C 414 -25.32 12.02 28.75
CA ARG C 414 -24.34 11.74 27.72
C ARG C 414 -24.76 10.46 26.99
N VAL C 415 -24.92 10.55 25.68
CA VAL C 415 -25.35 9.41 24.87
C VAL C 415 -24.20 9.01 23.97
N ARG C 416 -23.90 7.71 23.95
CA ARG C 416 -22.83 7.15 23.15
C ARG C 416 -23.39 6.04 22.27
N SER C 417 -22.90 5.97 21.04
CA SER C 417 -23.26 4.88 20.15
C SER C 417 -22.20 4.77 19.07
N ASN C 418 -21.82 3.55 18.72
CA ASN C 418 -20.88 3.34 17.64
C ASN C 418 -21.56 3.59 16.30
N ARG C 419 -21.80 4.87 15.98
CA ARG C 419 -22.51 5.28 14.78
C ARG C 419 -21.62 5.37 13.55
N GLY C 420 -20.32 5.10 13.68
CA GLY C 420 -19.42 5.15 12.54
C GLY C 420 -19.82 4.22 11.41
N VAL C 421 -19.83 2.92 11.69
CA VAL C 421 -20.32 1.91 10.74
C VAL C 421 -21.57 1.22 11.24
N ALA C 422 -22.03 1.54 12.45
CA ALA C 422 -23.25 0.97 13.03
C ALA C 422 -23.20 -0.55 13.02
N GLY C 423 -22.04 -1.10 13.37
CA GLY C 423 -21.88 -2.54 13.39
C GLY C 423 -22.42 -3.18 14.65
N ILE C 424 -22.63 -4.49 14.57
CA ILE C 424 -23.05 -5.28 15.71
C ILE C 424 -21.90 -5.52 16.68
N ASP C 425 -20.66 -5.43 16.20
CA ASP C 425 -19.50 -5.90 16.97
C ASP C 425 -19.20 -4.98 18.16
N GLY C 426 -18.75 -5.59 19.25
CA GLY C 426 -18.09 -4.89 20.33
C GLY C 426 -18.94 -3.93 21.13
N THR C 427 -20.26 -4.05 21.10
CA THR C 427 -21.10 -3.09 21.81
C THR C 427 -20.97 -3.26 23.33
N VAL C 428 -20.81 -4.50 23.80
CA VAL C 428 -20.69 -4.74 25.23
C VAL C 428 -19.40 -4.13 25.77
N SER C 429 -18.27 -4.41 25.12
CA SER C 429 -17.00 -3.83 25.56
C SER C 429 -17.00 -2.31 25.44
N THR C 430 -17.68 -1.76 24.42
CA THR C 430 -17.79 -0.31 24.32
C THR C 430 -18.52 0.26 25.54
N ALA C 431 -19.64 -0.35 25.92
CA ALA C 431 -20.37 0.09 27.10
C ALA C 431 -19.51 -0.04 28.35
N ILE C 432 -18.82 -1.17 28.50
CA ILE C 432 -17.94 -1.37 29.64
C ILE C 432 -16.86 -0.31 29.68
N GLY C 433 -16.24 -0.03 28.52
CA GLY C 433 -15.18 0.97 28.49
C GLY C 433 -15.69 2.38 28.70
N ALA C 434 -16.90 2.67 28.22
CA ALA C 434 -17.47 4.01 28.40
C ALA C 434 -17.81 4.27 29.86
N ALA C 435 -18.28 3.24 30.56
CA ALA C 435 -18.56 3.37 32.00
C ALA C 435 -17.28 3.63 32.78
N LEU C 436 -16.25 2.81 32.57
CA LEU C 436 -14.98 3.00 33.27
C LEU C 436 -14.40 4.39 33.02
N ALA C 437 -14.48 4.86 31.77
CA ALA C 437 -13.96 6.20 31.47
C ALA C 437 -14.82 7.29 32.11
N TYR C 438 -16.14 7.11 32.10
CA TYR C 438 -17.01 8.13 32.67
C TYR C 438 -16.89 8.17 34.19
N GLU C 439 -16.73 7.02 34.83
CA GLU C 439 -16.60 6.98 36.28
C GLU C 439 -15.27 7.55 36.74
N GLY C 440 -14.19 7.22 36.04
CA GLY C 440 -12.88 7.75 36.40
C GLY C 440 -12.81 9.26 36.30
N ALA C 441 -13.60 9.86 35.40
CA ALA C 441 -13.63 11.32 35.31
C ALA C 441 -14.29 11.92 36.53
N HIS C 442 -15.38 11.31 37.02
CA HIS C 442 -16.05 11.82 38.21
C HIS C 442 -15.23 11.54 39.47
N GLU C 443 -14.41 10.49 39.46
CA GLU C 443 -13.49 10.21 40.54
C GLU C 443 -12.27 11.13 40.53
N ARG C 444 -12.27 12.16 39.67
CA ARG C 444 -11.21 13.15 39.63
C ARG C 444 -11.74 14.57 39.84
N THR C 445 -13.03 14.74 40.12
CA THR C 445 -13.58 16.02 40.51
C THR C 445 -13.63 16.20 42.02
N GLY C 446 -13.15 15.22 42.79
CA GLY C 446 -13.12 15.32 44.23
C GLY C 446 -14.47 15.23 44.92
N SER C 447 -15.53 14.90 44.18
CA SER C 447 -16.86 14.85 44.76
C SER C 447 -17.04 13.59 45.59
N PRO C 448 -17.78 13.67 46.71
CA PRO C 448 -18.07 12.48 47.50
C PRO C 448 -19.24 11.66 47.00
N ASP C 449 -19.91 12.09 45.93
CA ASP C 449 -21.06 11.39 45.41
C ASP C 449 -20.66 10.02 44.87
N SER C 450 -21.64 9.11 44.84
CA SER C 450 -21.46 7.84 44.17
C SER C 450 -21.28 8.09 42.67
N PRO C 451 -20.63 7.17 41.97
CA PRO C 451 -20.36 7.40 40.55
C PRO C 451 -21.67 7.47 39.77
N PRO C 452 -21.70 8.26 38.69
CA PRO C 452 -22.92 8.32 37.88
C PRO C 452 -23.18 7.01 37.17
N ARG C 453 -24.46 6.76 36.88
CA ARG C 453 -24.84 5.51 36.25
C ARG C 453 -24.53 5.51 34.76
N THR C 454 -24.17 4.34 34.25
CA THR C 454 -24.11 4.07 32.82
C THR C 454 -25.14 2.99 32.52
N ILE C 455 -26.08 3.30 31.65
CA ILE C 455 -27.11 2.36 31.23
C ILE C 455 -26.89 2.07 29.75
N ALA C 456 -26.78 0.80 29.40
CA ALA C 456 -26.63 0.36 28.03
C ALA C 456 -27.86 -0.42 27.61
N LEU C 457 -28.42 -0.08 26.45
CA LEU C 457 -29.59 -0.75 25.91
C LEU C 457 -29.18 -1.41 24.60
N ILE C 458 -29.16 -2.75 24.58
CA ILE C 458 -28.75 -3.51 23.41
C ILE C 458 -29.72 -4.67 23.22
N GLY C 459 -29.71 -5.22 22.00
CA GLY C 459 -30.54 -6.35 21.66
C GLY C 459 -29.90 -7.69 21.98
N ASP C 460 -30.69 -8.74 21.87
CA ASP C 460 -30.23 -10.07 22.26
C ASP C 460 -29.10 -10.54 21.36
N LEU C 461 -29.27 -10.39 20.04
CA LEU C 461 -28.24 -10.81 19.10
C LEU C 461 -26.90 -10.14 19.38
N THR C 462 -26.90 -8.81 19.49
CA THR C 462 -25.68 -8.08 19.81
C THR C 462 -25.04 -8.57 21.10
N PHE C 463 -25.85 -8.83 22.12
CA PHE C 463 -25.31 -9.31 23.39
C PHE C 463 -24.65 -10.67 23.23
N VAL C 464 -25.34 -11.61 22.57
CA VAL C 464 -24.77 -12.94 22.33
C VAL C 464 -23.49 -12.82 21.51
N HIS C 465 -23.51 -11.97 20.48
CA HIS C 465 -22.36 -11.83 19.60
C HIS C 465 -21.13 -11.31 20.34
N ASP C 466 -21.32 -10.33 21.23
CA ASP C 466 -20.23 -9.76 22.02
C ASP C 466 -20.32 -10.14 23.49
N SER C 467 -20.86 -11.33 23.77
CA SER C 467 -20.92 -11.80 25.16
C SER C 467 -19.53 -11.94 25.75
N SER C 468 -18.54 -12.32 24.92
CA SER C 468 -17.16 -12.45 25.37
C SER C 468 -16.55 -11.13 25.81
N GLY C 469 -17.19 -10.00 25.52
CA GLY C 469 -16.76 -8.75 26.11
C GLY C 469 -16.99 -8.66 27.60
N LEU C 470 -17.78 -9.59 28.17
CA LEU C 470 -18.01 -9.63 29.60
C LEU C 470 -16.84 -10.25 30.36
N LEU C 471 -15.94 -10.93 29.67
CA LEU C 471 -14.77 -11.50 30.33
C LEU C 471 -13.90 -10.39 30.86
N ILE C 472 -13.87 -10.22 32.18
CA ILE C 472 -12.96 -9.30 32.85
C ILE C 472 -12.30 -10.06 33.99
N GLY C 473 -11.00 -10.24 33.90
CA GLY C 473 -10.25 -10.93 34.92
C GLY C 473 -10.41 -10.32 36.29
N PRO C 474 -10.11 -11.09 37.34
CA PRO C 474 -10.30 -10.60 38.70
C PRO C 474 -9.41 -9.42 39.06
N THR C 475 -8.27 -9.26 38.40
CA THR C 475 -7.36 -8.16 38.68
C THR C 475 -7.64 -6.90 37.87
N GLU C 476 -8.55 -6.97 36.88
CA GLU C 476 -8.74 -5.85 35.97
C GLU C 476 -9.88 -4.96 36.44
N PRO C 477 -9.83 -3.66 36.08
CA PRO C 477 -10.86 -2.72 36.54
C PRO C 477 -12.26 -3.13 36.10
N ILE C 478 -13.20 -2.98 37.02
CA ILE C 478 -14.59 -3.36 36.77
C ILE C 478 -15.46 -2.12 36.99
N PRO C 479 -16.43 -1.84 36.12
CA PRO C 479 -17.27 -0.66 36.28
C PRO C 479 -18.00 -0.68 37.61
N ARG C 480 -18.20 0.52 38.18
CA ARG C 480 -18.89 0.64 39.45
C ARG C 480 -20.40 0.68 39.29
N SER C 481 -20.91 1.28 38.21
CA SER C 481 -22.36 1.44 38.02
C SER C 481 -22.71 1.33 36.55
N LEU C 482 -22.54 0.13 36.00
CA LEU C 482 -22.96 -0.18 34.63
C LEU C 482 -24.10 -1.17 34.68
N THR C 483 -25.18 -0.87 33.96
CA THR C 483 -26.32 -1.76 33.83
C THR C 483 -26.59 -1.98 32.35
N ILE C 484 -26.50 -3.23 31.91
CA ILE C 484 -26.76 -3.60 30.53
C ILE C 484 -28.20 -4.10 30.44
N VAL C 485 -29.04 -3.37 29.72
CA VAL C 485 -30.42 -3.76 29.48
C VAL C 485 -30.48 -4.46 28.13
N VAL C 486 -30.80 -5.75 28.14
CA VAL C 486 -30.88 -6.56 26.92
C VAL C 486 -32.36 -6.76 26.60
N SER C 487 -32.75 -6.27 25.42
CA SER C 487 -34.10 -6.48 24.89
C SER C 487 -34.05 -7.70 23.98
N ASN C 488 -34.70 -8.78 24.42
CA ASN C 488 -34.65 -10.06 23.73
C ASN C 488 -35.93 -10.22 22.94
N ASP C 489 -35.82 -10.11 21.61
CA ASP C 489 -36.88 -10.53 20.71
C ASP C 489 -36.47 -11.73 19.84
N ASN C 490 -35.38 -12.44 20.16
CA ASN C 490 -34.93 -13.63 19.42
C ASN C 490 -34.72 -13.32 17.94
N GLY C 491 -33.92 -12.30 17.68
CA GLY C 491 -33.66 -11.86 16.32
C GLY C 491 -33.73 -10.36 16.14
N GLY C 492 -32.86 -9.84 15.29
CA GLY C 492 -32.83 -8.40 15.04
C GLY C 492 -31.73 -7.97 14.09
N SER C 509 -30.01 -17.86 1.53
CA SER C 509 -29.65 -16.53 1.99
C SER C 509 -29.45 -16.53 3.50
N SER C 510 -30.25 -15.73 4.21
CA SER C 510 -30.25 -15.76 5.67
C SER C 510 -30.70 -17.10 6.22
N ARG C 511 -31.33 -17.94 5.40
CA ARG C 511 -31.79 -19.27 5.80
C ARG C 511 -32.66 -19.22 7.05
N PRO C 516 -32.69 -17.54 14.51
CA PRO C 516 -33.05 -17.53 15.93
C PRO C 516 -31.96 -18.12 16.80
N HIS C 517 -31.52 -17.39 17.83
CA HIS C 517 -30.35 -17.86 18.56
C HIS C 517 -30.70 -18.93 19.58
N ASP C 518 -31.75 -18.73 20.38
CA ASP C 518 -32.16 -19.62 21.46
C ASP C 518 -31.07 -19.74 22.54
N VAL C 519 -30.07 -18.87 22.51
CA VAL C 519 -29.06 -18.85 23.57
C VAL C 519 -29.67 -18.27 24.84
N ASP C 520 -29.48 -18.95 25.96
CA ASP C 520 -29.98 -18.48 27.25
C ASP C 520 -29.12 -17.31 27.71
N VAL C 521 -29.72 -16.12 27.78
CA VAL C 521 -28.99 -14.92 28.19
C VAL C 521 -28.48 -15.07 29.61
N GLY C 522 -29.28 -15.68 30.49
CA GLY C 522 -28.85 -15.87 31.87
C GLY C 522 -27.69 -16.85 31.99
N ALA C 523 -27.65 -17.86 31.14
CA ALA C 523 -26.55 -18.82 31.18
C ALA C 523 -25.24 -18.17 30.73
N LEU C 524 -25.31 -17.26 29.74
CA LEU C 524 -24.10 -16.57 29.30
C LEU C 524 -23.49 -15.75 30.43
N CYS C 525 -24.34 -15.12 31.25
CA CYS C 525 -23.82 -14.32 32.35
C CYS C 525 -23.25 -15.17 33.46
N ARG C 526 -23.81 -16.37 33.68
CA ARG C 526 -23.25 -17.29 34.66
C ARG C 526 -21.85 -17.73 34.23
N ALA C 527 -21.68 -18.06 32.95
CA ALA C 527 -20.37 -18.49 32.46
C ALA C 527 -19.31 -17.42 32.69
N TYR C 528 -19.66 -16.16 32.49
CA TYR C 528 -18.73 -15.05 32.70
C TYR C 528 -18.86 -14.44 34.09
N HIS C 529 -19.63 -15.07 34.98
CA HIS C 529 -19.76 -14.65 36.38
C HIS C 529 -20.18 -13.18 36.48
N VAL C 530 -21.31 -12.88 35.84
CA VAL C 530 -21.90 -11.55 35.86
C VAL C 530 -23.32 -11.67 36.38
N GLU C 531 -23.69 -10.78 37.30
CA GLU C 531 -25.06 -10.72 37.80
C GLU C 531 -26.03 -10.45 36.67
N SER C 532 -27.13 -11.21 36.64
CA SER C 532 -28.17 -10.99 35.63
C SER C 532 -29.52 -11.42 36.18
N ARG C 533 -30.56 -10.66 35.82
CA ARG C 533 -31.93 -10.98 36.18
C ARG C 533 -32.82 -10.82 34.96
N GLN C 534 -33.91 -11.59 34.94
CA GLN C 534 -34.92 -11.50 33.90
C GLN C 534 -36.15 -10.83 34.50
N ILE C 535 -36.51 -9.67 33.96
CA ILE C 535 -37.58 -8.85 34.52
C ILE C 535 -38.56 -8.44 33.43
N GLU C 536 -39.52 -7.60 33.79
CA GLU C 536 -40.58 -7.15 32.90
C GLU C 536 -40.49 -5.65 32.79
N VAL C 537 -41.10 -5.10 31.75
CA VAL C 537 -40.92 -3.68 31.47
C VAL C 537 -41.41 -2.84 32.63
N ASP C 538 -42.48 -3.29 33.32
CA ASP C 538 -43.02 -2.52 34.44
C ASP C 538 -42.02 -2.42 35.59
N GLU C 539 -41.13 -3.40 35.75
CA GLU C 539 -40.15 -3.39 36.82
C GLU C 539 -38.88 -2.65 36.46
N LEU C 540 -38.73 -2.21 35.20
CA LEU C 540 -37.44 -1.73 34.72
C LEU C 540 -37.04 -0.42 35.41
N GLY C 541 -37.95 0.54 35.47
CA GLY C 541 -37.71 1.80 36.13
C GLY C 541 -37.18 1.66 37.55
N PRO C 542 -37.95 1.01 38.43
CA PRO C 542 -37.49 0.86 39.82
C PRO C 542 -36.25 0.01 39.96
N THR C 543 -36.00 -0.95 39.06
CA THR C 543 -34.79 -1.76 39.15
C THR C 543 -33.55 -0.96 38.78
N LEU C 544 -33.67 -0.02 37.86
CA LEU C 544 -32.52 0.81 37.49
C LEU C 544 -32.15 1.78 38.60
N ASP C 545 -33.11 2.16 39.45
CA ASP C 545 -32.83 3.10 40.53
C ASP C 545 -32.17 2.45 41.73
N GLN C 546 -32.30 1.14 41.89
CA GLN C 546 -31.53 0.43 42.89
C GLN C 546 -30.04 0.65 42.62
N PRO C 547 -29.26 1.08 43.62
CA PRO C 547 -27.85 1.36 43.38
C PRO C 547 -27.14 0.21 42.68
N GLY C 548 -26.22 0.57 41.79
CA GLY C 548 -25.59 -0.43 40.94
C GLY C 548 -24.69 -1.34 41.75
N ALA C 549 -24.93 -2.65 41.67
CA ALA C 549 -24.09 -3.65 42.32
C ALA C 549 -22.94 -4.09 41.41
N GLY C 550 -22.22 -3.11 40.88
CA GLY C 550 -21.08 -3.37 40.00
C GLY C 550 -21.47 -3.35 38.53
N MET C 551 -21.58 -4.54 37.94
CA MET C 551 -21.98 -4.72 36.54
C MET C 551 -23.07 -5.77 36.51
N ARG C 552 -24.24 -5.43 36.00
CA ARG C 552 -25.36 -6.35 35.95
C ARG C 552 -26.02 -6.28 34.58
N VAL C 553 -26.75 -7.35 34.26
CA VAL C 553 -27.44 -7.50 32.99
C VAL C 553 -28.93 -7.71 33.27
N LEU C 554 -29.76 -6.78 32.83
CA LEU C 554 -31.22 -6.88 32.98
C LEU C 554 -31.82 -7.34 31.65
N GLU C 555 -32.32 -8.57 31.63
CA GLU C 555 -32.94 -9.12 30.44
C GLU C 555 -34.45 -8.88 30.49
N VAL C 556 -35.00 -8.36 29.40
CA VAL C 556 -36.43 -8.04 29.31
C VAL C 556 -36.98 -8.71 28.07
N LYS C 557 -37.85 -9.69 28.25
CA LYS C 557 -38.46 -10.38 27.12
C LYS C 557 -39.40 -9.43 26.39
N ALA C 558 -39.32 -9.43 25.05
CA ALA C 558 -40.16 -8.61 24.21
C ALA C 558 -40.52 -9.38 22.95
N ASP C 559 -41.63 -8.98 22.33
CA ASP C 559 -42.15 -9.65 21.15
C ASP C 559 -41.90 -8.80 19.90
N ARG C 560 -41.61 -9.47 18.79
CA ARG C 560 -41.37 -8.80 17.51
C ARG C 560 -42.41 -9.14 16.45
N SER C 561 -43.29 -10.11 16.71
CA SER C 561 -44.23 -10.54 15.68
C SER C 561 -45.36 -9.53 15.47
N SER C 562 -45.59 -8.63 16.41
CA SER C 562 -46.60 -7.59 16.29
C SER C 562 -46.00 -6.21 16.02
N LEU C 563 -44.75 -6.16 15.54
CA LEU C 563 -44.09 -4.87 15.33
C LEU C 563 -44.70 -4.15 14.13
N ARG C 564 -44.90 -4.85 13.02
CA ARG C 564 -45.51 -4.24 11.86
C ARG C 564 -46.86 -3.63 12.19
N GLN C 565 -47.62 -4.32 13.06
CA GLN C 565 -48.89 -3.77 13.52
C GLN C 565 -48.69 -2.48 14.30
N LEU C 566 -47.67 -2.45 15.16
CA LEU C 566 -47.43 -1.27 15.99
C LEU C 566 -47.02 -0.08 15.14
N HIS C 567 -46.03 -0.26 14.26
CA HIS C 567 -45.55 0.85 13.45
C HIS C 567 -46.64 1.35 12.51
N ALA C 568 -47.48 0.45 12.01
CA ALA C 568 -48.58 0.87 11.13
C ALA C 568 -49.59 1.73 11.89
N ALA C 569 -49.87 1.37 13.14
CA ALA C 569 -50.77 2.19 13.95
C ALA C 569 -50.18 3.57 14.22
N ILE C 570 -48.86 3.65 14.39
CA ILE C 570 -48.22 4.94 14.61
C ILE C 570 -48.30 5.80 13.35
N LYS C 571 -47.95 5.21 12.20
CA LYS C 571 -47.96 5.97 10.95
C LYS C 571 -49.37 6.44 10.59
N ALA C 572 -50.37 5.57 10.79
CA ALA C 572 -51.73 5.93 10.43
C ALA C 572 -52.32 6.98 11.36
N ALA C 573 -51.70 7.21 12.52
CA ALA C 573 -52.19 8.20 13.48
C ALA C 573 -51.62 9.59 13.23
N LEU C 574 -50.92 9.79 12.13
CA LEU C 574 -50.38 11.12 11.80
C LEU C 574 -51.17 11.75 10.66
N PRO D 23 -30.20 -9.62 -15.27
CA PRO D 23 -28.84 -9.62 -15.84
C PRO D 23 -27.80 -10.06 -14.82
N SER D 24 -27.82 -9.46 -13.63
CA SER D 24 -26.92 -9.88 -12.56
C SER D 24 -27.32 -11.23 -11.98
N THR D 25 -28.56 -11.67 -12.21
CA THR D 25 -29.01 -12.94 -11.66
C THR D 25 -28.37 -14.11 -12.39
N THR D 26 -28.23 -14.01 -13.72
CA THR D 26 -27.59 -15.10 -14.46
C THR D 26 -26.08 -15.06 -14.32
N GLN D 27 -25.49 -13.88 -14.11
CA GLN D 27 -24.06 -13.80 -13.85
C GLN D 27 -23.69 -14.50 -12.55
N ALA D 28 -24.56 -14.40 -11.54
CA ALA D 28 -24.31 -15.12 -10.30
C ALA D 28 -24.43 -16.62 -10.49
N ARG D 29 -25.40 -17.06 -11.30
CA ARG D 29 -25.63 -18.48 -11.47
C ARG D 29 -24.50 -19.16 -12.24
N VAL D 30 -23.95 -18.49 -13.25
CA VAL D 30 -22.85 -19.08 -14.00
C VAL D 30 -21.59 -19.17 -13.13
N VAL D 31 -21.32 -18.12 -12.35
CA VAL D 31 -20.14 -18.14 -11.48
C VAL D 31 -20.25 -19.26 -10.46
N VAL D 32 -21.43 -19.41 -9.84
CA VAL D 32 -21.62 -20.48 -8.87
C VAL D 32 -21.41 -21.84 -9.54
N ASP D 33 -21.90 -22.01 -10.76
CA ASP D 33 -21.78 -23.29 -11.44
C ASP D 33 -20.32 -23.62 -11.74
N GLU D 34 -19.53 -22.62 -12.13
CA GLU D 34 -18.13 -22.87 -12.43
C GLU D 34 -17.31 -23.14 -11.18
N LEU D 35 -17.66 -22.51 -10.05
CA LEU D 35 -16.97 -22.79 -8.80
C LEU D 35 -17.22 -24.23 -8.35
N ILE D 36 -18.45 -24.73 -8.54
CA ILE D 36 -18.74 -26.11 -8.20
C ILE D 36 -17.99 -27.06 -9.12
N ARG D 37 -17.91 -26.73 -10.41
CA ARG D 37 -17.11 -27.52 -11.33
C ARG D 37 -15.63 -27.47 -10.99
N GLY D 38 -15.18 -26.43 -10.27
CA GLY D 38 -13.81 -26.29 -9.85
C GLY D 38 -13.46 -26.96 -8.54
N GLY D 39 -14.41 -27.62 -7.89
CA GLY D 39 -14.14 -28.38 -6.69
C GLY D 39 -14.66 -27.78 -5.40
N VAL D 40 -15.32 -26.63 -5.45
CA VAL D 40 -15.86 -26.02 -4.24
C VAL D 40 -17.05 -26.84 -3.78
N ARG D 41 -16.97 -27.35 -2.54
CA ARG D 41 -18.05 -28.14 -1.95
C ARG D 41 -18.73 -27.46 -0.78
N ASP D 42 -18.11 -26.43 -0.21
CA ASP D 42 -18.65 -25.74 0.96
C ASP D 42 -18.50 -24.24 0.79
N VAL D 43 -19.52 -23.49 1.20
CA VAL D 43 -19.49 -22.04 1.18
C VAL D 43 -19.99 -21.53 2.52
N VAL D 44 -19.31 -20.50 3.04
CA VAL D 44 -19.66 -19.87 4.31
C VAL D 44 -20.21 -18.50 4.00
N LEU D 45 -21.39 -18.19 4.56
CA LEU D 45 -22.07 -16.93 4.30
C LEU D 45 -22.44 -16.28 5.61
N CYS D 46 -22.26 -14.96 5.69
CA CYS D 46 -22.73 -14.18 6.82
C CYS D 46 -23.85 -13.26 6.39
N PRO D 47 -24.99 -13.28 7.09
CA PRO D 47 -26.13 -12.48 6.66
C PRO D 47 -25.81 -10.98 6.65
N GLY D 48 -26.38 -10.29 5.67
CA GLY D 48 -26.16 -8.86 5.54
C GLY D 48 -26.95 -8.34 4.36
N SER D 49 -26.92 -7.02 4.20
CA SER D 49 -27.68 -6.34 3.15
C SER D 49 -26.83 -6.14 1.90
N ARG D 50 -26.33 -7.25 1.36
CA ARG D 50 -25.47 -7.23 0.19
C ARG D 50 -25.36 -8.63 -0.37
N ASN D 51 -24.71 -8.73 -1.53
CA ASN D 51 -24.48 -10.00 -2.23
C ASN D 51 -25.77 -10.81 -2.34
N ALA D 52 -26.89 -10.12 -2.54
CA ALA D 52 -28.18 -10.79 -2.63
C ALA D 52 -28.27 -11.77 -3.79
N PRO D 53 -27.90 -11.42 -5.04
CA PRO D 53 -28.05 -12.40 -6.12
C PRO D 53 -27.20 -13.65 -5.92
N LEU D 54 -25.93 -13.47 -5.55
CA LEU D 54 -25.05 -14.62 -5.34
C LEU D 54 -25.57 -15.50 -4.21
N ALA D 55 -26.12 -14.89 -3.16
CA ALA D 55 -26.70 -15.67 -2.07
C ALA D 55 -27.86 -16.51 -2.57
N PHE D 56 -28.66 -15.97 -3.50
CA PHE D 56 -29.73 -16.75 -4.09
C PHE D 56 -29.17 -17.95 -4.85
N ALA D 57 -28.27 -17.69 -5.82
CA ALA D 57 -27.68 -18.76 -6.59
C ALA D 57 -27.04 -19.82 -5.69
N LEU D 58 -26.38 -19.39 -4.61
CA LEU D 58 -25.82 -20.34 -3.65
C LEU D 58 -26.92 -21.12 -2.94
N GLN D 59 -28.01 -20.44 -2.60
CA GLN D 59 -29.13 -21.11 -1.94
C GLN D 59 -29.72 -22.19 -2.85
N ASP D 60 -29.90 -21.88 -4.13
CA ASP D 60 -30.45 -22.86 -5.07
C ASP D 60 -29.57 -24.09 -5.15
N ALA D 61 -28.25 -23.88 -5.24
CA ALA D 61 -27.33 -25.01 -5.33
C ALA D 61 -27.27 -25.79 -4.03
N ASP D 62 -27.49 -25.13 -2.90
CA ASP D 62 -27.55 -25.84 -1.62
C ASP D 62 -28.78 -26.75 -1.56
N ARG D 63 -29.92 -26.25 -2.05
CA ARG D 63 -31.11 -27.08 -2.08
C ARG D 63 -31.00 -28.19 -3.12
N SER D 64 -30.17 -27.98 -4.15
CA SER D 64 -29.97 -28.98 -5.19
C SER D 64 -28.97 -30.06 -4.80
N GLY D 65 -28.21 -29.87 -3.73
CA GLY D 65 -27.21 -30.84 -3.32
C GLY D 65 -25.85 -30.65 -3.98
N ARG D 66 -25.67 -29.58 -4.75
CA ARG D 66 -24.40 -29.37 -5.45
C ARG D 66 -23.36 -28.74 -4.54
N ILE D 67 -23.80 -27.98 -3.54
CA ILE D 67 -22.91 -27.31 -2.60
C ILE D 67 -23.56 -27.32 -1.23
N ARG D 68 -22.74 -27.26 -0.19
CA ARG D 68 -23.21 -27.20 1.18
C ARG D 68 -22.99 -25.80 1.73
N LEU D 69 -24.06 -25.20 2.26
CA LEU D 69 -24.02 -23.83 2.76
C LEU D 69 -23.83 -23.83 4.28
N HIS D 70 -23.01 -22.91 4.76
CA HIS D 70 -22.77 -22.73 6.18
C HIS D 70 -22.98 -21.27 6.51
N VAL D 71 -23.99 -20.98 7.34
CA VAL D 71 -24.29 -19.61 7.74
C VAL D 71 -23.78 -19.39 9.15
N ARG D 72 -23.15 -18.23 9.37
CA ARG D 72 -22.68 -17.82 10.69
C ARG D 72 -22.99 -16.34 10.88
N ILE D 73 -23.04 -15.91 12.12
CA ILE D 73 -23.27 -14.48 12.40
C ILE D 73 -21.95 -13.73 12.54
N ASP D 74 -20.97 -14.30 13.26
CA ASP D 74 -19.66 -13.68 13.38
C ASP D 74 -18.89 -13.87 12.09
N GLU D 75 -18.47 -12.75 11.48
CA GLU D 75 -17.72 -12.85 10.23
C GLU D 75 -16.30 -13.32 10.45
N ARG D 76 -15.73 -13.08 11.64
CA ARG D 76 -14.39 -13.59 11.92
C ARG D 76 -14.40 -15.10 12.11
N THR D 77 -15.42 -15.61 12.81
CA THR D 77 -15.56 -17.05 12.95
C THR D 77 -15.88 -17.72 11.61
N ALA D 78 -16.55 -16.98 10.71
CA ALA D 78 -16.88 -17.55 9.41
C ALA D 78 -15.63 -17.78 8.57
N GLY D 79 -14.65 -16.87 8.67
CA GLY D 79 -13.41 -17.07 7.95
C GLY D 79 -12.63 -18.28 8.43
N TYR D 80 -12.59 -18.49 9.74
CA TYR D 80 -11.85 -19.62 10.28
C TYR D 80 -12.59 -20.93 10.07
N LEU D 81 -13.92 -20.88 9.99
CA LEU D 81 -14.67 -22.07 9.58
C LEU D 81 -14.30 -22.48 8.17
N ALA D 82 -14.21 -21.51 7.26
CA ALA D 82 -13.83 -21.81 5.88
C ALA D 82 -12.41 -22.36 5.79
N ILE D 83 -11.50 -21.86 6.63
CA ILE D 83 -10.16 -22.44 6.71
C ILE D 83 -10.24 -23.91 7.06
N GLY D 84 -11.05 -24.26 8.07
CA GLY D 84 -11.21 -25.65 8.45
C GLY D 84 -11.80 -26.50 7.33
N LEU D 85 -12.85 -26.00 6.68
CA LEU D 85 -13.44 -26.71 5.55
C LEU D 85 -12.45 -26.92 4.41
N ALA D 86 -11.40 -26.10 4.35
CA ALA D 86 -10.39 -26.25 3.32
C ALA D 86 -9.26 -27.19 3.72
N ILE D 87 -8.77 -27.09 4.97
CA ILE D 87 -7.71 -27.99 5.43
C ILE D 87 -8.23 -29.38 5.77
N GLY D 88 -9.56 -29.57 5.82
CA GLY D 88 -10.09 -30.87 6.19
C GLY D 88 -9.93 -31.90 5.10
N ALA D 89 -10.10 -31.49 3.84
CA ALA D 89 -9.98 -32.40 2.70
C ALA D 89 -9.22 -31.78 1.52
N GLY D 90 -8.59 -30.63 1.70
CA GLY D 90 -7.78 -30.02 0.65
C GLY D 90 -8.57 -29.47 -0.52
N ALA D 91 -9.74 -28.89 -0.25
CA ALA D 91 -10.60 -28.38 -1.31
C ALA D 91 -10.71 -26.85 -1.23
N PRO D 92 -10.87 -26.18 -2.38
CA PRO D 92 -11.15 -24.75 -2.34
C PRO D 92 -12.47 -24.46 -1.64
N VAL D 93 -12.50 -23.37 -0.87
CA VAL D 93 -13.66 -22.99 -0.07
C VAL D 93 -13.92 -21.50 -0.28
N CYS D 94 -15.19 -21.13 -0.37
CA CYS D 94 -15.61 -19.76 -0.59
C CYS D 94 -16.28 -19.19 0.65
N VAL D 95 -16.11 -17.88 0.85
CA VAL D 95 -16.79 -17.15 1.90
C VAL D 95 -17.37 -15.89 1.27
N ALA D 96 -18.65 -15.63 1.53
CA ALA D 96 -19.39 -14.56 0.87
C ALA D 96 -19.56 -13.39 1.83
N MET D 97 -18.94 -12.26 1.50
CA MET D 97 -19.08 -11.05 2.30
C MET D 97 -20.34 -10.30 1.90
N THR D 98 -21.07 -9.81 2.92
CA THR D 98 -22.34 -9.12 2.69
C THR D 98 -22.47 -7.89 3.60
N SER D 99 -21.36 -7.27 3.98
CA SER D 99 -21.43 -6.20 4.97
C SER D 99 -20.23 -5.27 4.81
N GLY D 100 -20.36 -4.08 5.38
CA GLY D 100 -19.31 -3.09 5.38
C GLY D 100 -18.38 -3.22 6.56
N THR D 101 -18.41 -4.39 7.21
CA THR D 101 -17.46 -4.75 8.24
C THR D 101 -16.81 -6.10 7.98
N ALA D 102 -17.17 -6.77 6.88
CA ALA D 102 -16.70 -8.13 6.63
C ALA D 102 -15.21 -8.16 6.30
N VAL D 103 -14.73 -7.16 5.55
CA VAL D 103 -13.32 -7.13 5.18
C VAL D 103 -12.45 -7.04 6.43
N ALA D 104 -12.84 -6.20 7.39
CA ALA D 104 -12.09 -6.09 8.64
C ALA D 104 -12.18 -7.38 9.44
N ASN D 105 -13.34 -8.02 9.45
CA ASN D 105 -13.53 -9.22 10.27
C ASN D 105 -12.87 -10.44 9.65
N LEU D 106 -12.77 -10.49 8.32
CA LEU D 106 -12.08 -11.61 7.69
C LEU D 106 -10.57 -11.44 7.63
N GLY D 107 -10.04 -10.31 8.10
CA GLY D 107 -8.62 -10.06 8.12
C GLY D 107 -7.79 -11.19 8.71
N PRO D 108 -8.08 -11.60 9.95
CA PRO D 108 -7.28 -12.65 10.58
C PRO D 108 -7.25 -13.95 9.81
N ALA D 109 -8.39 -14.38 9.26
CA ALA D 109 -8.45 -15.63 8.51
C ALA D 109 -7.68 -15.52 7.20
N VAL D 110 -7.70 -14.36 6.57
CA VAL D 110 -6.98 -14.18 5.31
C VAL D 110 -5.48 -14.23 5.54
N VAL D 111 -5.01 -13.64 6.65
CA VAL D 111 -3.59 -13.72 6.97
C VAL D 111 -3.18 -15.16 7.21
N GLU D 112 -4.00 -15.91 7.95
CA GLU D 112 -3.72 -17.33 8.18
C GLU D 112 -3.70 -18.10 6.86
N ALA D 113 -4.66 -17.83 5.98
CA ALA D 113 -4.70 -18.55 4.72
C ALA D 113 -3.48 -18.22 3.86
N ASN D 114 -3.04 -16.97 3.87
CA ASN D 114 -1.83 -16.60 3.16
C ASN D 114 -0.64 -17.41 3.66
N TYR D 115 -0.41 -17.41 4.98
CA TYR D 115 0.83 -17.99 5.49
C TYR D 115 0.80 -19.50 5.54
N ALA D 116 -0.38 -20.11 5.69
CA ALA D 116 -0.52 -21.56 5.68
C ALA D 116 -0.85 -22.11 4.29
N ARG D 117 -0.90 -21.26 3.27
CA ARG D 117 -1.18 -21.65 1.89
C ARG D 117 -2.48 -22.45 1.79
N VAL D 118 -3.57 -21.80 2.14
CA VAL D 118 -4.90 -22.41 2.19
C VAL D 118 -5.75 -21.80 1.09
N PRO D 119 -6.46 -22.61 0.29
CA PRO D 119 -7.26 -22.04 -0.81
C PRO D 119 -8.58 -21.43 -0.33
N LEU D 120 -8.56 -20.14 -0.01
CA LEU D 120 -9.74 -19.43 0.47
C LEU D 120 -10.17 -18.41 -0.59
N ILE D 121 -11.40 -18.52 -1.07
CA ILE D 121 -11.94 -17.57 -2.03
C ILE D 121 -12.89 -16.64 -1.28
N VAL D 122 -12.59 -15.36 -1.29
CA VAL D 122 -13.40 -14.36 -0.61
C VAL D 122 -14.22 -13.61 -1.68
N LEU D 123 -15.54 -13.68 -1.55
CA LEU D 123 -16.45 -13.19 -2.59
C LEU D 123 -17.07 -11.86 -2.16
N SER D 124 -16.82 -10.82 -2.95
CA SER D 124 -17.39 -9.50 -2.71
C SER D 124 -18.37 -9.13 -3.82
N ALA D 125 -19.06 -8.03 -3.60
CA ALA D 125 -19.97 -7.49 -4.60
C ALA D 125 -20.13 -5.99 -4.41
N ASN D 126 -19.13 -5.21 -4.82
CA ASN D 126 -19.17 -3.76 -4.64
C ASN D 126 -20.28 -3.16 -5.51
N ARG D 127 -21.23 -2.48 -4.88
CA ARG D 127 -22.32 -1.86 -5.61
C ARG D 127 -21.86 -0.92 -6.72
N PRO D 128 -20.80 -0.10 -6.55
CA PRO D 128 -20.31 0.67 -7.70
C PRO D 128 -19.87 -0.22 -8.85
N GLN D 142 -11.91 -0.87 3.07
CA GLN D 142 -10.69 -0.64 2.31
C GLN D 142 -9.47 -0.52 3.22
N LEU D 143 -9.07 -1.65 3.81
CA LEU D 143 -7.79 -1.73 4.49
C LEU D 143 -6.71 -2.16 3.48
N GLY D 144 -5.46 -2.07 3.93
CA GLY D 144 -4.35 -2.39 3.04
C GLY D 144 -4.04 -3.86 2.89
N TYR D 145 -4.69 -4.73 3.67
CA TYR D 145 -4.25 -6.13 3.72
C TYR D 145 -4.54 -6.87 2.43
N PHE D 146 -5.60 -6.51 1.70
CA PHE D 146 -5.89 -7.18 0.45
C PHE D 146 -4.70 -7.12 -0.50
N GLY D 147 -3.98 -6.00 -0.50
CA GLY D 147 -2.88 -5.84 -1.42
C GLY D 147 -1.71 -6.76 -1.13
N THR D 148 -1.49 -7.11 0.13
CA THR D 148 -0.33 -7.88 0.53
C THR D 148 -0.62 -9.36 0.77
N GLN D 149 -1.84 -9.71 1.16
CA GLN D 149 -2.14 -11.04 1.66
C GLN D 149 -2.66 -12.01 0.61
N VAL D 150 -3.29 -11.53 -0.45
CA VAL D 150 -4.02 -12.39 -1.37
C VAL D 150 -3.14 -12.74 -2.57
N ARG D 151 -3.50 -13.86 -3.22
CA ARG D 151 -2.81 -14.29 -4.43
C ARG D 151 -3.29 -13.55 -5.66
N ALA D 152 -4.53 -13.04 -5.64
CA ALA D 152 -5.08 -12.33 -6.79
C ALA D 152 -6.27 -11.51 -6.34
N SER D 153 -6.56 -10.46 -7.12
CA SER D 153 -7.73 -9.61 -6.92
C SER D 153 -8.41 -9.44 -8.27
N ILE D 154 -9.50 -10.16 -8.50
CA ILE D 154 -10.18 -10.19 -9.78
C ILE D 154 -11.59 -9.64 -9.59
N SER D 155 -11.96 -8.66 -10.42
CA SER D 155 -13.32 -8.15 -10.48
C SER D 155 -13.92 -8.52 -11.83
N LEU D 156 -15.17 -9.01 -11.81
CA LEU D 156 -15.79 -9.48 -13.04
C LEU D 156 -16.12 -8.34 -13.99
N GLY D 157 -16.56 -7.21 -13.46
CA GLY D 157 -17.13 -6.17 -14.27
C GLY D 157 -18.65 -6.25 -14.31
N LEU D 158 -19.27 -5.11 -14.62
CA LEU D 158 -20.71 -4.99 -14.51
C LEU D 158 -21.43 -5.90 -15.51
N ALA D 159 -22.60 -6.40 -15.09
CA ALA D 159 -23.41 -7.30 -15.90
C ALA D 159 -24.24 -6.47 -16.88
N GLU D 160 -23.67 -6.24 -18.06
CA GLU D 160 -24.33 -5.48 -19.11
C GLU D 160 -25.44 -6.32 -19.74
N ASP D 161 -26.42 -5.65 -20.33
CA ASP D 161 -27.64 -6.28 -20.84
C ASP D 161 -27.63 -6.28 -22.37
N ALA D 162 -27.08 -7.34 -22.95
CA ALA D 162 -27.05 -7.50 -24.40
C ALA D 162 -27.13 -8.98 -24.74
N PRO D 163 -28.35 -9.51 -24.86
CA PRO D 163 -28.50 -10.95 -25.16
C PRO D 163 -28.00 -11.36 -26.52
N GLU D 164 -27.46 -10.44 -27.32
CA GLU D 164 -26.79 -10.76 -28.57
C GLU D 164 -25.32 -11.14 -28.36
N ARG D 165 -24.85 -11.13 -27.11
CA ARG D 165 -23.49 -11.54 -26.77
C ARG D 165 -23.47 -12.37 -25.51
N THR D 166 -24.58 -13.06 -25.20
CA THR D 166 -24.68 -13.80 -23.95
C THR D 166 -23.77 -15.03 -23.92
N SER D 167 -23.34 -15.51 -25.09
CA SER D 167 -22.40 -16.63 -25.13
C SER D 167 -20.96 -16.18 -24.92
N ALA D 168 -20.64 -14.92 -25.20
CA ALA D 168 -19.32 -14.39 -24.93
C ALA D 168 -19.17 -13.94 -23.48
N LEU D 169 -20.25 -13.42 -22.88
CA LEU D 169 -20.21 -13.15 -21.45
C LEU D 169 -20.11 -14.44 -20.64
N ASN D 170 -20.69 -15.53 -21.16
CA ASN D 170 -20.58 -16.82 -20.48
C ASN D 170 -19.12 -17.25 -20.36
N ALA D 171 -18.38 -17.20 -21.49
CA ALA D 171 -16.98 -17.60 -21.47
C ALA D 171 -16.14 -16.65 -20.64
N THR D 172 -16.41 -15.34 -20.73
CA THR D 172 -15.66 -14.38 -19.94
C THR D 172 -15.84 -14.62 -18.45
N TRP D 173 -17.04 -15.00 -18.03
CA TRP D 173 -17.32 -15.23 -16.61
C TRP D 173 -16.72 -16.55 -16.13
N ARG D 174 -16.73 -17.58 -16.98
CA ARG D 174 -16.16 -18.86 -16.59
C ARG D 174 -14.65 -18.90 -16.72
N SER D 175 -14.07 -18.09 -17.62
CA SER D 175 -12.62 -17.95 -17.66
C SER D 175 -12.10 -17.25 -16.41
N ALA D 176 -12.68 -16.09 -16.08
CA ALA D 176 -12.26 -15.36 -14.89
C ALA D 176 -12.41 -16.21 -13.64
N THR D 177 -13.52 -16.93 -13.51
CA THR D 177 -13.72 -17.79 -12.36
C THR D 177 -12.67 -18.90 -12.30
N CYS D 178 -12.25 -19.40 -13.47
CA CYS D 178 -11.18 -20.39 -13.49
C CYS D 178 -9.84 -19.79 -13.10
N ARG D 179 -9.63 -18.51 -13.40
CA ARG D 179 -8.43 -17.83 -12.90
C ARG D 179 -8.45 -17.73 -11.38
N VAL D 180 -9.62 -17.42 -10.81
CA VAL D 180 -9.74 -17.31 -9.36
C VAL D 180 -9.44 -18.65 -8.70
N LEU D 181 -10.04 -19.73 -9.21
CA LEU D 181 -9.81 -21.05 -8.65
C LEU D 181 -8.35 -21.46 -8.79
N ALA D 182 -7.70 -21.09 -9.90
CA ALA D 182 -6.32 -21.51 -10.13
C ALA D 182 -5.36 -20.74 -9.23
N ALA D 183 -5.62 -19.46 -9.01
CA ALA D 183 -4.79 -18.68 -8.10
C ALA D 183 -4.98 -19.13 -6.66
N ALA D 184 -6.18 -19.59 -6.29
CA ALA D 184 -6.42 -20.00 -4.91
C ALA D 184 -5.76 -21.34 -4.60
N THR D 185 -5.86 -22.30 -5.51
CA THR D 185 -5.35 -23.64 -5.27
C THR D 185 -3.89 -23.80 -5.67
N GLY D 186 -3.26 -22.76 -6.19
CA GLY D 186 -1.89 -22.86 -6.66
C GLY D 186 -1.70 -23.77 -7.86
N ALA D 187 -2.71 -23.85 -8.73
CA ALA D 187 -2.69 -24.80 -9.85
C ALA D 187 -1.48 -24.60 -10.75
N ARG D 188 -1.09 -23.34 -10.98
CA ARG D 188 0.07 -23.04 -11.81
C ARG D 188 1.25 -22.47 -11.04
N THR D 189 1.03 -21.96 -9.82
CA THR D 189 2.11 -21.38 -9.04
C THR D 189 2.66 -22.30 -7.97
N ALA D 190 1.93 -23.37 -7.64
CA ALA D 190 2.26 -24.24 -6.52
C ALA D 190 2.29 -23.48 -5.20
N ASN D 191 1.51 -22.38 -5.12
CA ASN D 191 1.44 -21.53 -3.93
C ASN D 191 -0.02 -21.16 -3.68
N ALA D 192 -0.77 -22.10 -3.10
CA ALA D 192 -2.16 -21.84 -2.75
C ALA D 192 -2.25 -20.69 -1.75
N GLY D 193 -3.43 -20.10 -1.67
CA GLY D 193 -3.66 -18.96 -0.82
C GLY D 193 -5.00 -18.29 -1.05
N PRO D 194 -5.27 -17.20 -0.33
CA PRO D 194 -6.56 -16.53 -0.47
C PRO D 194 -6.63 -15.69 -1.74
N VAL D 195 -7.86 -15.54 -2.25
CA VAL D 195 -8.13 -14.78 -3.47
C VAL D 195 -9.35 -13.90 -3.23
N HIS D 196 -9.27 -12.64 -3.67
CA HIS D 196 -10.40 -11.73 -3.62
C HIS D 196 -11.12 -11.74 -4.97
N PHE D 197 -12.38 -12.18 -4.98
CA PHE D 197 -13.19 -12.28 -6.19
C PHE D 197 -14.38 -11.35 -6.05
N ASP D 198 -14.46 -10.35 -6.92
CA ASP D 198 -15.49 -9.32 -6.85
C ASP D 198 -16.45 -9.44 -8.03
N ILE D 199 -17.73 -9.60 -7.71
CA ILE D 199 -18.81 -9.56 -8.71
C ILE D 199 -19.57 -8.26 -8.49
N PRO D 200 -19.21 -7.18 -9.20
CA PRO D 200 -19.83 -5.88 -8.91
C PRO D 200 -21.29 -5.84 -9.35
N LEU D 201 -22.14 -5.30 -8.47
CA LEU D 201 -23.56 -5.14 -8.75
C LEU D 201 -23.84 -3.80 -9.41
N THR D 216 -29.77 -20.58 -17.77
CA THR D 216 -28.36 -20.42 -17.43
C THR D 216 -27.48 -21.10 -18.48
N PRO D 217 -26.65 -20.31 -19.16
CA PRO D 217 -25.84 -20.86 -20.24
C PRO D 217 -24.89 -21.91 -19.73
N PRO D 218 -24.60 -22.93 -20.53
CA PRO D 218 -23.84 -24.09 -20.03
C PRO D 218 -22.33 -23.91 -20.12
N GLY D 219 -21.64 -24.73 -19.33
CA GLY D 219 -20.20 -24.88 -19.42
C GLY D 219 -19.84 -26.05 -20.29
N ARG D 220 -18.58 -26.47 -20.20
CA ARG D 220 -18.08 -27.63 -20.93
C ARG D 220 -18.95 -28.84 -20.64
N PRO D 221 -19.11 -29.76 -21.59
CA PRO D 221 -19.83 -31.01 -21.29
C PRO D 221 -19.11 -31.82 -20.21
N ALA D 222 -19.87 -32.71 -19.58
CA ALA D 222 -19.36 -33.62 -18.55
C ALA D 222 -18.90 -32.87 -17.29
N GLY D 223 -19.50 -31.70 -17.04
CA GLY D 223 -19.20 -30.95 -15.83
C GLY D 223 -17.76 -30.55 -15.65
N LYS D 224 -17.02 -30.40 -16.74
CA LYS D 224 -15.61 -30.06 -16.66
C LYS D 224 -15.42 -28.55 -16.47
N PRO D 225 -14.29 -28.14 -15.87
CA PRO D 225 -14.01 -26.71 -15.78
C PRO D 225 -13.82 -26.09 -17.15
N TRP D 226 -14.16 -24.81 -17.25
CA TRP D 226 -14.11 -24.12 -18.54
C TRP D 226 -12.70 -24.12 -19.11
N THR D 227 -11.72 -23.73 -18.31
CA THR D 227 -10.32 -23.77 -18.68
C THR D 227 -9.63 -24.82 -17.80
N TYR D 228 -9.34 -25.98 -18.38
CA TYR D 228 -8.63 -27.01 -17.66
C TYR D 228 -7.17 -26.61 -17.46
N THR D 229 -6.65 -26.87 -16.27
CA THR D 229 -5.23 -26.68 -15.98
C THR D 229 -4.74 -27.87 -15.15
N PRO D 230 -3.88 -28.72 -15.72
CA PRO D 230 -3.31 -29.81 -14.93
C PRO D 230 -2.54 -29.26 -13.75
N PRO D 231 -2.68 -29.87 -12.56
CA PRO D 231 -1.79 -29.51 -11.45
C PRO D 231 -0.33 -29.59 -11.89
N VAL D 232 0.43 -28.56 -11.53
CA VAL D 232 1.75 -28.37 -12.07
C VAL D 232 2.77 -29.16 -11.26
N THR D 233 3.92 -29.44 -11.86
CA THR D 233 5.04 -30.06 -11.17
C THR D 233 6.15 -29.02 -11.04
N PHE D 234 6.38 -28.56 -9.81
N PHE D 234 6.48 -28.67 -9.80
CA PHE D 234 7.51 -27.70 -9.51
CA PHE D 234 7.49 -27.68 -9.45
C PHE D 234 8.66 -28.57 -9.02
C PHE D 234 8.71 -28.43 -8.90
N ASP D 235 9.81 -28.43 -9.67
CA ASP D 235 10.95 -29.29 -9.36
C ASP D 235 12.24 -28.49 -9.37
N GLN D 236 13.13 -28.84 -8.43
CA GLN D 236 14.37 -28.11 -8.20
C GLN D 236 15.32 -28.97 -7.37
N PRO D 237 16.19 -29.74 -8.01
CA PRO D 237 16.96 -30.76 -7.28
C PRO D 237 18.16 -30.19 -6.55
N LEU D 238 18.40 -30.69 -5.34
CA LEU D 238 19.54 -30.31 -4.52
C LEU D 238 20.46 -31.49 -4.31
N ASP D 239 21.76 -31.29 -4.54
CA ASP D 239 22.77 -32.32 -4.27
C ASP D 239 23.15 -32.25 -2.80
N ILE D 240 22.82 -33.31 -2.05
CA ILE D 240 23.12 -33.40 -0.62
C ILE D 240 23.92 -34.66 -0.38
N ASP D 241 24.99 -34.53 0.41
CA ASP D 241 25.88 -35.64 0.77
C ASP D 241 25.44 -36.17 2.13
N LEU D 242 24.75 -37.32 2.14
CA LEU D 242 24.22 -37.87 3.38
C LEU D 242 25.29 -38.44 4.30
N SER D 243 26.53 -38.61 3.82
CA SER D 243 27.58 -39.14 4.69
C SER D 243 28.03 -38.13 5.72
N VAL D 244 27.73 -36.84 5.52
CA VAL D 244 27.88 -35.86 6.58
C VAL D 244 26.79 -36.11 7.63
N ASP D 245 27.12 -35.86 8.89
CA ASP D 245 26.17 -36.09 9.98
C ASP D 245 24.99 -35.15 9.84
N THR D 246 23.81 -35.70 9.52
CA THR D 246 22.67 -34.91 9.08
C THR D 246 21.46 -35.22 9.94
N VAL D 247 20.74 -34.16 10.34
CA VAL D 247 19.43 -34.29 10.97
C VAL D 247 18.41 -33.59 10.09
N VAL D 248 17.23 -34.19 9.97
CA VAL D 248 16.13 -33.61 9.20
C VAL D 248 15.18 -32.94 10.18
N ILE D 249 14.78 -31.70 9.87
CA ILE D 249 13.82 -30.95 10.67
C ILE D 249 12.69 -30.52 9.74
N SER D 250 11.50 -31.08 9.95
CA SER D 250 10.37 -30.93 9.03
C SER D 250 9.23 -30.21 9.73
N GLY D 251 8.74 -29.13 9.13
CA GLY D 251 7.68 -28.33 9.72
C GLY D 251 6.40 -28.25 8.90
N HIS D 252 5.63 -27.19 9.14
CA HIS D 252 4.37 -27.01 8.42
C HIS D 252 4.62 -26.87 6.93
N GLY D 253 3.86 -27.62 6.14
CA GLY D 253 3.94 -27.54 4.69
C GLY D 253 4.98 -28.44 4.05
N ALA D 254 5.59 -29.33 4.81
CA ALA D 254 6.66 -30.18 4.28
C ALA D 254 6.09 -31.26 3.37
N GLY D 255 6.94 -31.75 2.47
CA GLY D 255 6.62 -32.89 1.64
C GLY D 255 7.21 -34.18 2.18
N VAL D 256 6.99 -35.26 1.45
CA VAL D 256 7.48 -36.58 1.81
C VAL D 256 8.66 -36.92 0.91
N HIS D 257 9.74 -37.41 1.52
CA HIS D 257 11.00 -37.65 0.81
C HIS D 257 11.49 -39.06 1.12
N PRO D 258 11.25 -40.02 0.23
CA PRO D 258 11.65 -41.42 0.53
C PRO D 258 13.15 -41.58 0.68
N ASN D 259 13.96 -40.86 -0.09
CA ASN D 259 15.41 -40.99 0.03
C ASN D 259 15.96 -40.35 1.33
N LEU D 260 15.10 -39.86 2.22
CA LEU D 260 15.52 -39.28 3.50
C LEU D 260 14.91 -40.02 4.68
N ALA D 261 14.21 -41.13 4.44
CA ALA D 261 13.48 -41.82 5.48
C ALA D 261 14.39 -42.39 6.57
N ALA D 262 15.66 -42.60 6.28
CA ALA D 262 16.58 -43.20 7.25
C ALA D 262 17.21 -42.18 8.19
N LEU D 263 17.21 -40.90 7.84
CA LEU D 263 17.88 -39.90 8.66
C LEU D 263 17.08 -39.59 9.91
N PRO D 264 17.76 -39.31 11.02
CA PRO D 264 17.05 -38.89 12.25
C PRO D 264 16.26 -37.62 12.00
N THR D 265 14.98 -37.64 12.37
CA THR D 265 14.01 -36.66 11.91
C THR D 265 13.23 -36.10 13.08
N VAL D 266 13.34 -34.78 13.29
CA VAL D 266 12.50 -34.05 14.24
C VAL D 266 11.35 -33.45 13.45
N ALA D 267 10.14 -33.98 13.63
CA ALA D 267 8.98 -33.59 12.84
C ALA D 267 7.94 -32.91 13.71
N GLU D 268 7.54 -31.70 13.32
CA GLU D 268 6.40 -31.06 13.93
C GLU D 268 5.15 -31.92 13.71
N PRO D 269 4.14 -31.81 14.58
CA PRO D 269 2.96 -32.68 14.45
C PRO D 269 2.22 -32.54 13.13
N THR D 270 2.15 -31.34 12.55
CA THR D 270 1.48 -31.18 11.27
C THR D 270 2.31 -31.67 10.09
N ALA D 271 3.60 -31.94 10.31
CA ALA D 271 4.45 -32.43 9.23
C ALA D 271 4.13 -33.89 8.92
N PRO D 272 3.96 -34.26 7.65
CA PRO D 272 3.77 -35.66 7.29
C PRO D 272 5.11 -36.39 7.37
N ARG D 273 5.15 -37.45 8.17
CA ARG D 273 6.40 -38.16 8.41
C ARG D 273 6.87 -38.87 7.14
N SER D 274 8.16 -38.73 6.83
CA SER D 274 8.73 -39.34 5.64
C SER D 274 9.27 -40.75 5.89
N GLY D 275 9.62 -41.07 7.13
CA GLY D 275 10.22 -42.36 7.44
C GLY D 275 9.84 -42.82 8.83
N ASP D 276 10.73 -43.60 9.45
CA ASP D 276 10.44 -44.23 10.72
C ASP D 276 11.63 -44.17 11.67
N ASN D 277 12.45 -43.13 11.57
CA ASN D 277 13.54 -42.88 12.50
C ASN D 277 13.35 -41.54 13.20
N PRO D 278 12.35 -41.43 14.08
CA PRO D 278 12.12 -40.15 14.75
C PRO D 278 13.26 -39.81 15.71
N LEU D 279 13.44 -38.51 15.91
CA LEU D 279 14.38 -37.99 16.89
C LEU D 279 13.63 -36.98 17.76
N HIS D 280 13.51 -37.28 19.05
CA HIS D 280 12.75 -36.42 19.94
C HIS D 280 13.38 -35.02 19.99
N PRO D 281 12.58 -33.95 20.05
CA PRO D 281 13.15 -32.60 19.98
C PRO D 281 14.14 -32.31 21.11
N LEU D 282 13.88 -32.82 22.31
CA LEU D 282 14.75 -32.50 23.44
C LEU D 282 16.14 -33.14 23.30
N ALA D 283 16.29 -34.12 22.41
CA ALA D 283 17.58 -34.73 22.18
C ALA D 283 18.51 -33.85 21.35
N LEU D 284 17.96 -32.88 20.61
CA LEU D 284 18.78 -32.07 19.71
C LEU D 284 19.93 -31.36 20.40
N PRO D 285 19.75 -30.67 21.54
CA PRO D 285 20.91 -30.05 22.20
C PRO D 285 21.93 -31.04 22.73
N LEU D 286 21.60 -32.33 22.76
CA LEU D 286 22.55 -33.37 23.14
C LEU D 286 23.33 -33.92 21.94
N LEU D 287 23.11 -33.38 20.75
CA LEU D 287 23.75 -33.85 19.54
C LEU D 287 24.44 -32.69 18.84
N ARG D 288 25.46 -33.01 18.03
CA ARG D 288 26.23 -32.03 17.26
C ARG D 288 26.13 -32.36 15.78
N PRO D 289 25.00 -32.06 15.14
CA PRO D 289 24.91 -32.31 13.70
C PRO D 289 25.82 -31.35 12.93
N GLN D 290 26.32 -31.84 11.80
CA GLN D 290 27.14 -31.02 10.92
C GLN D 290 26.35 -30.49 9.73
N GLN D 291 25.07 -30.83 9.63
CA GLN D 291 24.27 -30.56 8.45
C GLN D 291 22.80 -30.70 8.82
N VAL D 292 21.96 -29.81 8.30
CA VAL D 292 20.53 -29.84 8.56
C VAL D 292 19.77 -29.76 7.24
N ILE D 293 18.85 -30.70 7.02
CA ILE D 293 17.88 -30.62 5.95
C ILE D 293 16.57 -30.17 6.56
N MET D 294 16.09 -29.01 6.13
CA MET D 294 14.88 -28.41 6.66
C MET D 294 13.75 -28.56 5.64
N LEU D 295 12.68 -29.24 6.02
CA LEU D 295 11.53 -29.44 5.17
C LEU D 295 10.41 -28.51 5.62
N GLY D 296 9.81 -27.79 4.66
CA GLY D 296 8.68 -26.96 4.98
C GLY D 296 9.11 -25.74 5.80
N ARG D 297 8.26 -25.33 6.72
CA ARG D 297 8.47 -24.12 7.51
C ARG D 297 8.43 -24.47 9.00
N PRO D 298 9.56 -24.81 9.60
CA PRO D 298 9.58 -25.10 11.03
C PRO D 298 9.38 -23.82 11.84
N THR D 299 8.56 -23.93 12.90
CA THR D 299 8.22 -22.80 13.74
C THR D 299 8.28 -23.10 15.23
N LEU D 300 8.51 -24.34 15.65
CA LEU D 300 8.46 -24.73 17.04
C LEU D 300 9.84 -25.13 17.56
N HIS D 301 9.95 -25.13 18.90
CA HIS D 301 11.11 -25.64 19.64
C HIS D 301 12.32 -24.72 19.55
N ARG D 302 12.69 -24.11 20.68
CA ARG D 302 13.89 -23.29 20.74
C ARG D 302 15.17 -24.05 20.39
N PRO D 303 15.37 -25.32 20.78
CA PRO D 303 16.55 -26.05 20.28
C PRO D 303 16.63 -26.08 18.76
N VAL D 304 15.50 -26.30 18.09
CA VAL D 304 15.47 -26.25 16.63
C VAL D 304 15.87 -24.87 16.14
N SER D 305 15.32 -23.82 16.75
CA SER D 305 15.67 -22.45 16.37
C SER D 305 17.15 -22.18 16.57
N VAL D 306 17.69 -22.60 17.73
CA VAL D 306 19.10 -22.40 18.01
C VAL D 306 19.97 -23.11 16.97
N LEU D 307 19.57 -24.33 16.60
CA LEU D 307 20.38 -25.10 15.65
C LEU D 307 20.38 -24.47 14.27
N LEU D 308 19.21 -24.01 13.80
CA LEU D 308 19.14 -23.39 12.48
C LEU D 308 19.91 -22.07 12.43
N ALA D 309 20.03 -21.39 13.57
CA ALA D 309 20.82 -20.18 13.66
C ALA D 309 22.33 -20.45 13.73
N ASP D 310 22.74 -21.68 14.00
CA ASP D 310 24.15 -22.02 14.13
C ASP D 310 24.83 -21.87 12.78
N ALA D 311 25.75 -20.90 12.67
CA ALA D 311 26.43 -20.62 11.41
C ALA D 311 27.44 -21.69 11.01
N GLU D 312 27.83 -22.58 11.93
CA GLU D 312 28.71 -23.68 11.59
C GLU D 312 27.99 -24.81 10.86
N VAL D 313 26.66 -24.88 10.96
CA VAL D 313 25.86 -25.99 10.47
C VAL D 313 25.13 -25.53 9.22
N PRO D 314 25.53 -25.99 8.02
CA PRO D 314 24.79 -25.64 6.81
C PRO D 314 23.35 -26.15 6.86
N VAL D 315 22.44 -25.35 6.30
CA VAL D 315 21.02 -25.68 6.26
C VAL D 315 20.59 -25.77 4.80
N PHE D 316 19.90 -26.86 4.46
CA PHE D 316 19.38 -27.09 3.11
C PHE D 316 17.86 -27.12 3.21
N ALA D 317 17.20 -26.15 2.59
CA ALA D 317 15.74 -26.01 2.68
C ALA D 317 15.07 -26.68 1.49
N LEU D 318 14.21 -27.65 1.76
CA LEU D 318 13.40 -28.30 0.74
C LEU D 318 11.94 -27.95 0.99
N THR D 319 11.33 -27.25 0.03
CA THR D 319 9.96 -26.77 0.15
C THR D 319 9.11 -27.27 -1.00
N THR D 320 7.80 -27.39 -0.75
CA THR D 320 6.84 -27.79 -1.78
C THR D 320 6.41 -26.63 -2.67
N GLY D 321 6.76 -25.40 -2.30
CA GLY D 321 6.35 -24.23 -3.07
C GLY D 321 7.50 -23.28 -3.31
N PRO D 322 7.20 -22.10 -3.87
CA PRO D 322 8.27 -21.17 -4.24
C PRO D 322 8.82 -20.33 -3.11
N ARG D 323 8.22 -20.34 -1.93
CA ARG D 323 8.77 -19.60 -0.79
C ARG D 323 9.70 -20.51 0.01
N TRP D 324 10.64 -19.91 0.72
CA TRP D 324 11.56 -20.67 1.56
C TRP D 324 11.92 -19.88 2.81
N PRO D 325 12.13 -20.56 3.93
CA PRO D 325 12.49 -19.87 5.17
C PRO D 325 13.99 -19.62 5.30
N ASN D 326 14.33 -18.48 5.89
CA ASN D 326 15.71 -18.17 6.24
C ASN D 326 15.75 -17.05 7.28
N VAL D 327 15.30 -17.36 8.50
CA VAL D 327 15.30 -16.37 9.57
C VAL D 327 16.72 -16.05 10.03
N SER D 328 17.64 -17.01 9.93
CA SER D 328 19.00 -16.82 10.39
C SER D 328 19.92 -16.23 9.33
N GLY D 329 19.65 -16.49 8.05
CA GLY D 329 20.60 -16.19 7.00
C GLY D 329 21.58 -17.29 6.71
N ASN D 330 21.40 -18.48 7.29
CA ASN D 330 22.32 -19.59 7.11
CA ASN D 330 22.32 -19.60 7.11
C ASN D 330 21.84 -20.59 6.08
N SER D 331 20.70 -20.34 5.42
CA SER D 331 20.23 -21.25 4.39
C SER D 331 21.25 -21.29 3.25
N GLN D 332 21.90 -22.44 3.07
CA GLN D 332 22.94 -22.56 2.05
C GLN D 332 22.36 -22.86 0.67
N ALA D 333 21.17 -23.47 0.61
CA ALA D 333 20.59 -23.84 -0.66
C ALA D 333 19.12 -24.18 -0.45
N THR D 334 18.33 -23.99 -1.52
CA THR D 334 16.91 -24.32 -1.53
C THR D 334 16.60 -25.32 -2.65
N GLY D 335 15.49 -26.03 -2.50
CA GLY D 335 15.12 -27.04 -3.48
C GLY D 335 13.78 -27.63 -3.13
N THR D 336 13.35 -28.58 -3.98
CA THR D 336 12.12 -29.32 -3.75
C THR D 336 12.35 -30.78 -3.42
N ARG D 337 13.46 -31.36 -3.90
CA ARG D 337 13.82 -32.71 -3.56
C ARG D 337 15.33 -32.82 -3.52
N ALA D 338 15.82 -33.86 -2.85
CA ALA D 338 17.25 -34.06 -2.67
C ALA D 338 17.76 -35.14 -3.61
N VAL D 339 18.90 -34.90 -4.23
CA VAL D 339 19.65 -35.92 -4.96
C VAL D 339 20.80 -36.33 -4.06
N THR D 340 20.72 -37.53 -3.49
CA THR D 340 21.60 -37.93 -2.40
C THR D 340 22.72 -38.84 -2.88
N THR D 341 23.92 -38.58 -2.39
CA THR D 341 25.05 -39.50 -2.46
C THR D 341 25.46 -39.87 -1.04
N GLY D 342 26.24 -40.95 -0.93
CA GLY D 342 26.68 -41.40 0.38
C GLY D 342 25.54 -41.94 1.22
N ALA D 343 25.88 -42.24 2.48
CA ALA D 343 24.94 -42.83 3.43
C ALA D 343 25.35 -42.38 4.82
N PRO D 344 24.40 -42.31 5.77
CA PRO D 344 24.74 -41.81 7.11
C PRO D 344 25.67 -42.77 7.85
N ARG D 345 26.62 -42.17 8.56
CA ARG D 345 27.59 -42.96 9.33
C ARG D 345 26.86 -43.80 10.37
N PRO D 346 27.30 -45.05 10.61
CA PRO D 346 26.63 -45.85 11.64
C PRO D 346 26.82 -45.30 13.04
N ALA D 347 27.98 -44.72 13.34
CA ALA D 347 28.19 -44.08 14.63
C ALA D 347 27.23 -42.92 14.84
N TRP D 348 26.95 -42.17 13.76
CA TRP D 348 26.01 -41.06 13.87
C TRP D 348 24.60 -41.56 14.19
N LEU D 349 24.15 -42.59 13.47
CA LEU D 349 22.82 -43.14 13.72
C LEU D 349 22.72 -43.73 15.11
N ASP D 350 23.78 -44.39 15.58
CA ASP D 350 23.79 -44.95 16.93
C ASP D 350 23.62 -43.85 17.97
N ARG D 351 24.40 -42.77 17.85
CA ARG D 351 24.30 -41.65 18.79
C ARG D 351 22.90 -41.07 18.81
N CYS D 352 22.32 -40.82 17.63
CA CYS D 352 21.00 -40.20 17.56
C CYS D 352 19.94 -41.09 18.21
N ALA D 353 19.97 -42.40 17.92
CA ALA D 353 18.98 -43.30 18.52
C ALA D 353 19.13 -43.39 20.03
N ALA D 354 20.35 -43.19 20.54
CA ALA D 354 20.57 -43.25 21.98
C ALA D 354 20.00 -42.02 22.67
N MET D 355 20.28 -40.83 22.13
CA MET D 355 19.68 -39.61 22.65
C MET D 355 18.16 -39.62 22.53
N ASN D 356 17.65 -40.23 21.46
CA ASN D 356 16.21 -40.29 21.27
C ASN D 356 15.53 -41.05 22.39
N ARG D 357 16.05 -42.25 22.70
CA ARG D 357 15.48 -43.05 23.78
C ARG D 357 15.66 -42.34 25.12
N HIS D 358 16.81 -41.68 25.32
CA HIS D 358 17.04 -40.96 26.56
C HIS D 358 16.01 -39.84 26.74
N ALA D 359 15.74 -39.08 25.68
CA ALA D 359 14.79 -37.99 25.78
C ALA D 359 13.38 -38.51 26.02
N ILE D 360 12.99 -39.57 25.32
CA ILE D 360 11.67 -40.17 25.51
C ILE D 360 11.51 -40.64 26.95
N ALA D 361 12.52 -41.36 27.46
CA ALA D 361 12.43 -41.90 28.81
C ALA D 361 12.39 -40.78 29.85
N ALA D 362 13.21 -39.74 29.68
CA ALA D 362 13.23 -38.64 30.63
C ALA D 362 11.91 -37.89 30.68
N VAL D 363 11.13 -37.93 29.59
CA VAL D 363 9.85 -37.24 29.58
C VAL D 363 8.77 -38.14 30.20
N ARG D 364 8.76 -39.42 29.85
CA ARG D 364 7.71 -40.32 30.32
C ARG D 364 7.82 -40.54 31.83
N GLU D 365 9.02 -40.46 32.40
CA GLU D 365 9.21 -40.69 33.83
C GLU D 365 8.97 -39.42 34.65
N GLN D 366 9.50 -38.28 34.21
CA GLN D 366 9.27 -37.04 34.93
C GLN D 366 7.80 -36.63 34.93
N LEU D 367 7.00 -37.16 34.02
CA LEU D 367 5.56 -36.95 34.07
C LEU D 367 4.91 -37.80 35.16
N ALA D 368 5.50 -38.97 35.47
CA ALA D 368 4.96 -39.83 36.52
C ALA D 368 5.25 -39.26 37.89
N ALA D 369 6.45 -38.74 38.11
CA ALA D 369 6.82 -38.19 39.42
C ALA D 369 5.99 -36.96 39.75
N HIS D 370 5.76 -36.08 38.77
CA HIS D 370 4.96 -34.89 38.99
C HIS D 370 3.52 -35.29 39.36
N PRO D 371 3.03 -34.92 40.55
CA PRO D 371 1.70 -35.36 40.97
C PRO D 371 0.57 -34.55 40.34
N LEU D 372 0.73 -33.23 40.31
CA LEU D 372 -0.30 -32.38 39.75
C LEU D 372 -0.47 -32.63 38.26
N THR D 373 -1.72 -32.58 37.79
CA THR D 373 -2.01 -32.74 36.37
C THR D 373 -1.77 -31.43 35.63
N THR D 374 -0.91 -31.47 34.62
CA THR D 374 -0.56 -30.30 33.83
C THR D 374 -1.01 -30.49 32.39
N GLY D 375 -0.87 -29.41 31.61
CA GLY D 375 -1.22 -29.48 30.20
C GLY D 375 -0.38 -30.50 29.45
N LEU D 376 0.83 -30.77 29.93
CA LEU D 376 1.67 -31.78 29.30
C LEU D 376 1.11 -33.19 29.51
N HIS D 377 0.45 -33.42 30.67
CA HIS D 377 -0.20 -34.71 30.89
C HIS D 377 -1.41 -34.88 29.98
N VAL D 378 -2.20 -33.82 29.80
CA VAL D 378 -3.39 -33.91 28.95
C VAL D 378 -3.00 -34.18 27.51
N ALA D 379 -1.93 -33.54 27.04
CA ALA D 379 -1.43 -33.81 25.69
C ALA D 379 -0.98 -35.26 25.56
N ALA D 380 -0.28 -35.77 26.59
CA ALA D 380 0.13 -37.17 26.57
C ALA D 380 -1.08 -38.09 26.54
N ALA D 381 -2.12 -37.77 27.32
CA ALA D 381 -3.29 -38.63 27.36
C ALA D 381 -4.01 -38.70 26.02
N VAL D 382 -4.16 -37.55 25.35
CA VAL D 382 -4.86 -37.53 24.07
C VAL D 382 -4.06 -38.26 23.02
N SER D 383 -2.72 -38.19 23.13
CA SER D 383 -1.86 -38.81 22.13
CA SER D 383 -1.86 -38.81 22.13
C SER D 383 -1.98 -40.32 22.11
N HIS D 384 -2.13 -40.95 23.28
CA HIS D 384 -2.22 -42.40 23.36
C HIS D 384 -3.65 -42.89 23.16
N ALA D 385 -4.64 -42.00 23.12
CA ALA D 385 -6.04 -42.33 22.85
C ALA D 385 -6.39 -42.29 21.36
N LEU D 386 -5.42 -42.03 20.47
CA LEU D 386 -5.67 -41.95 19.03
C LEU D 386 -5.40 -43.29 18.37
N ARG D 387 -6.14 -43.56 17.30
CA ARG D 387 -6.00 -44.74 16.47
C ARG D 387 -5.94 -44.30 15.01
N PRO D 388 -5.39 -45.14 14.13
CA PRO D 388 -5.31 -44.76 12.71
C PRO D 388 -6.66 -44.34 12.14
N GLY D 389 -6.63 -43.34 11.25
CA GLY D 389 -7.81 -42.82 10.62
C GLY D 389 -8.38 -41.57 11.26
N ASP D 390 -7.88 -41.18 12.42
CA ASP D 390 -8.40 -40.02 13.14
C ASP D 390 -7.81 -38.72 12.59
N GLN D 391 -8.56 -37.64 12.77
CA GLN D 391 -8.09 -36.29 12.48
C GLN D 391 -7.89 -35.55 13.80
N LEU D 392 -6.69 -35.01 13.99
CA LEU D 392 -6.32 -34.32 15.23
C LEU D 392 -6.11 -32.84 14.92
N VAL D 393 -6.84 -31.99 15.62
CA VAL D 393 -6.72 -30.54 15.47
C VAL D 393 -6.08 -29.97 16.73
N LEU D 394 -5.00 -29.22 16.56
CA LEU D 394 -4.24 -28.67 17.67
C LEU D 394 -4.31 -27.15 17.65
N GLY D 395 -4.60 -26.55 18.80
CA GLY D 395 -4.42 -25.13 18.95
C GLY D 395 -2.95 -24.76 19.12
N ALA D 396 -2.66 -23.48 18.93
CA ALA D 396 -1.30 -22.98 19.09
C ALA D 396 -0.93 -22.96 20.57
N SER D 397 0.19 -22.29 20.88
CA SER D 397 0.75 -22.23 22.22
C SER D 397 1.23 -23.61 22.67
N ASN D 398 0.90 -24.00 23.90
CA ASN D 398 1.39 -25.25 24.47
C ASN D 398 0.82 -26.51 23.82
N PRO D 399 -0.50 -26.59 23.52
CA PRO D 399 -1.03 -27.85 22.95
C PRO D 399 -0.24 -28.44 21.80
N VAL D 400 0.18 -27.64 20.83
CA VAL D 400 0.90 -28.20 19.69
C VAL D 400 2.35 -28.51 20.07
N ARG D 401 2.91 -27.78 21.04
CA ARG D 401 4.25 -28.11 21.52
C ARG D 401 4.24 -29.32 22.43
N ASP D 402 3.25 -29.41 23.32
CA ASP D 402 3.22 -30.48 24.30
C ASP D 402 2.96 -31.84 23.65
N VAL D 403 2.13 -31.86 22.60
CA VAL D 403 1.92 -33.09 21.85
C VAL D 403 3.24 -33.58 21.26
N ALA D 404 4.10 -32.64 20.84
CA ALA D 404 5.40 -33.03 20.31
C ALA D 404 6.33 -33.52 21.42
N LEU D 405 6.19 -32.98 22.64
CA LEU D 405 6.99 -33.45 23.75
C LEU D 405 6.55 -34.83 24.22
N ALA D 406 5.26 -35.14 24.08
CA ALA D 406 4.73 -36.45 24.46
C ALA D 406 5.08 -37.56 23.49
N GLY D 407 5.60 -37.23 22.31
CA GLY D 407 6.04 -38.25 21.36
C GLY D 407 4.93 -38.85 20.52
N LEU D 408 3.99 -38.03 20.06
CA LEU D 408 2.92 -38.51 19.20
C LEU D 408 3.47 -39.14 17.93
N ASP D 409 2.94 -40.31 17.58
CA ASP D 409 3.27 -40.98 16.33
C ASP D 409 2.24 -40.57 15.30
N THR D 410 2.62 -39.68 14.38
CA THR D 410 1.67 -39.09 13.43
C THR D 410 1.22 -40.03 12.33
N ARG D 411 1.87 -41.18 12.16
CA ARG D 411 1.55 -42.08 11.07
C ARG D 411 0.12 -42.61 11.20
N GLY D 412 -0.68 -42.41 10.15
CA GLY D 412 -2.07 -42.80 10.15
C GLY D 412 -3.04 -41.71 10.56
N ILE D 413 -2.56 -40.65 11.20
CA ILE D 413 -3.38 -39.55 11.68
C ILE D 413 -3.15 -38.32 10.81
N ARG D 414 -4.22 -37.56 10.62
CA ARG D 414 -4.15 -36.28 9.94
C ARG D 414 -4.18 -35.18 11.00
N VAL D 415 -3.10 -34.39 11.04
CA VAL D 415 -2.91 -33.39 12.08
C VAL D 415 -3.04 -32.00 11.46
N ARG D 416 -3.98 -31.22 11.99
CA ARG D 416 -4.18 -29.83 11.55
C ARG D 416 -3.80 -28.88 12.69
N SER D 417 -3.31 -27.70 12.30
CA SER D 417 -2.97 -26.63 13.23
C SER D 417 -2.69 -25.37 12.43
N ASN D 418 -3.13 -24.22 12.95
CA ASN D 418 -3.00 -22.95 12.24
C ASN D 418 -1.62 -22.35 12.49
N ARG D 419 -0.61 -23.04 11.95
CA ARG D 419 0.79 -22.66 12.14
C ARG D 419 1.23 -21.51 11.24
N GLY D 420 0.38 -21.06 10.32
CA GLY D 420 0.80 -20.02 9.39
C GLY D 420 1.24 -18.74 10.08
N VAL D 421 0.49 -18.33 11.10
CA VAL D 421 0.78 -17.10 11.83
C VAL D 421 0.71 -17.36 13.34
N ALA D 422 0.28 -18.57 13.70
CA ALA D 422 0.32 -19.05 15.09
C ALA D 422 -0.54 -18.18 16.01
N GLY D 423 -1.80 -18.04 15.63
CA GLY D 423 -2.77 -17.28 16.40
C GLY D 423 -3.64 -18.19 17.24
N ILE D 424 -4.00 -17.72 18.44
CA ILE D 424 -4.91 -18.48 19.30
C ILE D 424 -6.37 -18.26 18.93
N ASP D 425 -6.64 -17.48 17.90
CA ASP D 425 -8.01 -17.17 17.51
C ASP D 425 -8.48 -18.12 16.41
N GLY D 426 -9.79 -18.39 16.40
CA GLY D 426 -10.43 -19.16 15.36
C GLY D 426 -10.28 -20.67 15.46
N THR D 427 -9.65 -21.19 16.51
CA THR D 427 -9.36 -22.62 16.55
C THR D 427 -10.62 -23.46 16.71
N VAL D 428 -11.63 -22.95 17.41
CA VAL D 428 -12.87 -23.72 17.57
C VAL D 428 -13.56 -23.90 16.22
N SER D 429 -13.83 -22.78 15.53
CA SER D 429 -14.48 -22.86 14.22
C SER D 429 -13.60 -23.57 13.18
N THR D 430 -12.28 -23.51 13.36
CA THR D 430 -11.40 -24.28 12.48
C THR D 430 -11.60 -25.78 12.68
N ALA D 431 -11.76 -26.21 13.93
CA ALA D 431 -11.96 -27.64 14.20
C ALA D 431 -13.32 -28.11 13.71
N ILE D 432 -14.34 -27.26 13.82
CA ILE D 432 -15.67 -27.61 13.33
C ILE D 432 -15.64 -27.81 11.81
N GLY D 433 -15.06 -26.85 11.09
CA GLY D 433 -14.97 -26.97 9.65
C GLY D 433 -14.10 -28.14 9.22
N ALA D 434 -13.00 -28.38 9.94
CA ALA D 434 -12.15 -29.51 9.63
C ALA D 434 -12.91 -30.83 9.80
N ALA D 435 -13.70 -30.93 10.86
CA ALA D 435 -14.49 -32.13 11.07
C ALA D 435 -15.55 -32.30 9.98
N LEU D 436 -16.28 -31.23 9.66
CA LEU D 436 -17.34 -31.30 8.66
C LEU D 436 -16.79 -31.73 7.30
N ALA D 437 -15.71 -31.08 6.86
CA ALA D 437 -15.10 -31.45 5.58
C ALA D 437 -14.60 -32.88 5.60
N TYR D 438 -13.98 -33.29 6.70
CA TYR D 438 -13.42 -34.63 6.78
C TYR D 438 -14.52 -35.69 6.79
N GLU D 439 -15.60 -35.43 7.53
CA GLU D 439 -16.72 -36.36 7.54
C GLU D 439 -17.44 -36.37 6.19
N GLY D 440 -17.50 -35.23 5.50
CA GLY D 440 -18.11 -35.20 4.20
C GLY D 440 -17.37 -36.06 3.18
N ALA D 441 -16.05 -36.14 3.30
CA ALA D 441 -15.28 -36.98 2.40
C ALA D 441 -15.53 -38.46 2.65
N HIS D 442 -15.60 -38.86 3.92
CA HIS D 442 -15.89 -40.26 4.24
C HIS D 442 -17.30 -40.64 3.81
N GLU D 443 -18.24 -39.70 3.85
CA GLU D 443 -19.61 -39.99 3.43
C GLU D 443 -19.69 -40.22 1.92
N ARG D 444 -18.89 -39.49 1.14
CA ARG D 444 -18.94 -39.63 -0.31
C ARG D 444 -18.31 -40.93 -0.78
N THR D 445 -17.42 -41.54 0.02
CA THR D 445 -16.93 -42.87 -0.31
C THR D 445 -18.00 -43.92 -0.09
N GLY D 446 -18.75 -43.80 1.01
CA GLY D 446 -19.83 -44.73 1.30
C GLY D 446 -19.45 -45.92 2.14
N SER D 447 -18.50 -45.76 3.07
CA SER D 447 -18.06 -46.87 3.88
C SER D 447 -19.17 -47.30 4.85
N PRO D 448 -19.19 -48.58 5.26
CA PRO D 448 -20.20 -49.04 6.21
C PRO D 448 -19.79 -48.78 7.65
N ASP D 449 -19.14 -47.64 7.89
CA ASP D 449 -18.57 -47.30 9.18
C ASP D 449 -19.02 -45.92 9.60
N SER D 450 -19.05 -45.68 10.91
CA SER D 450 -19.36 -44.38 11.44
C SER D 450 -18.32 -43.36 10.99
N PRO D 451 -18.67 -42.07 10.97
CA PRO D 451 -17.71 -41.04 10.53
C PRO D 451 -16.46 -41.07 11.39
N PRO D 452 -15.29 -40.92 10.77
CA PRO D 452 -14.04 -40.94 11.54
C PRO D 452 -13.97 -39.78 12.53
N ARG D 453 -13.20 -39.99 13.59
CA ARG D 453 -13.18 -39.06 14.71
C ARG D 453 -12.32 -37.84 14.43
N THR D 454 -12.77 -36.70 14.91
CA THR D 454 -12.01 -35.46 14.89
C THR D 454 -11.86 -34.99 16.33
N ILE D 455 -10.64 -35.03 16.86
CA ILE D 455 -10.35 -34.65 18.24
C ILE D 455 -9.55 -33.35 18.21
N ALA D 456 -10.04 -32.36 18.96
CA ALA D 456 -9.38 -31.06 19.07
C ALA D 456 -8.80 -30.92 20.48
N LEU D 457 -7.54 -30.51 20.56
CA LEU D 457 -6.89 -30.23 21.84
C LEU D 457 -6.45 -28.78 21.85
N ILE D 458 -7.17 -27.97 22.65
CA ILE D 458 -6.93 -26.54 22.73
C ILE D 458 -6.79 -26.12 24.18
N GLY D 459 -6.18 -24.95 24.39
CA GLY D 459 -6.07 -24.34 25.70
C GLY D 459 -7.36 -23.64 26.11
N ASP D 460 -7.29 -23.00 27.28
CA ASP D 460 -8.48 -22.35 27.80
C ASP D 460 -8.71 -21.01 27.11
N LEU D 461 -7.69 -20.15 27.06
CA LEU D 461 -7.84 -18.84 26.44
C LEU D 461 -8.33 -18.96 25.00
N THR D 462 -7.78 -19.93 24.27
CA THR D 462 -8.23 -20.21 22.91
C THR D 462 -9.72 -20.56 22.88
N PHE D 463 -10.22 -21.32 23.86
CA PHE D 463 -11.63 -21.71 23.84
C PHE D 463 -12.54 -20.50 24.06
N VAL D 464 -12.13 -19.54 24.90
CA VAL D 464 -12.97 -18.37 25.11
C VAL D 464 -12.74 -17.33 24.03
N HIS D 465 -11.56 -17.34 23.38
CA HIS D 465 -11.31 -16.44 22.27
C HIS D 465 -12.24 -16.73 21.09
N ASP D 466 -12.65 -17.98 20.92
CA ASP D 466 -13.49 -18.41 19.81
C ASP D 466 -14.68 -19.22 20.33
N SER D 467 -15.23 -18.80 21.47
CA SER D 467 -16.38 -19.50 22.04
C SER D 467 -17.61 -19.36 21.15
N SER D 468 -17.75 -18.23 20.46
CA SER D 468 -18.90 -17.99 19.59
C SER D 468 -18.89 -18.86 18.34
N GLY D 469 -17.85 -19.64 18.12
CA GLY D 469 -17.88 -20.63 17.06
C GLY D 469 -18.79 -21.81 17.35
N LEU D 470 -19.24 -21.97 18.59
CA LEU D 470 -20.18 -23.01 18.96
C LEU D 470 -21.62 -22.63 18.66
N LEU D 471 -21.88 -21.36 18.31
CA LEU D 471 -23.23 -20.89 17.97
C LEU D 471 -23.53 -21.30 16.53
N ILE D 472 -24.13 -22.48 16.37
CA ILE D 472 -24.49 -23.03 15.07
C ILE D 472 -25.99 -23.24 15.05
N GLY D 473 -26.67 -22.53 14.14
CA GLY D 473 -28.11 -22.61 14.03
C GLY D 473 -28.59 -24.02 13.78
N PRO D 474 -29.85 -24.29 14.14
CA PRO D 474 -30.39 -25.65 13.98
C PRO D 474 -30.39 -26.15 12.55
N THR D 475 -30.57 -25.25 11.58
CA THR D 475 -30.49 -25.63 10.17
C THR D 475 -29.06 -25.81 9.68
N GLU D 476 -28.05 -25.57 10.52
CA GLU D 476 -26.69 -25.52 10.00
C GLU D 476 -25.98 -26.86 10.20
N PRO D 477 -25.16 -27.25 9.22
CA PRO D 477 -24.43 -28.52 9.32
C PRO D 477 -23.58 -28.55 10.59
N ILE D 478 -23.72 -29.62 11.35
CA ILE D 478 -23.03 -29.79 12.61
C ILE D 478 -22.16 -31.04 12.50
N PRO D 479 -20.93 -31.02 13.02
CA PRO D 479 -20.11 -32.23 12.98
C PRO D 479 -20.81 -33.40 13.67
N ARG D 480 -20.44 -34.61 13.25
CA ARG D 480 -21.02 -35.82 13.82
C ARG D 480 -20.03 -36.63 14.66
N SER D 481 -18.75 -36.27 14.65
CA SER D 481 -17.75 -37.01 15.42
C SER D 481 -16.63 -36.06 15.86
N LEU D 482 -17.00 -34.89 16.38
CA LEU D 482 -16.05 -33.89 16.83
C LEU D 482 -16.05 -33.82 18.34
N THR D 483 -14.87 -33.96 18.94
CA THR D 483 -14.69 -33.86 20.39
C THR D 483 -13.61 -32.83 20.67
N ILE D 484 -13.98 -31.74 21.34
CA ILE D 484 -13.05 -30.69 21.70
C ILE D 484 -12.60 -30.94 23.13
N VAL D 485 -11.33 -31.31 23.31
CA VAL D 485 -10.73 -31.41 24.63
C VAL D 485 -10.11 -30.07 24.99
N VAL D 486 -10.48 -29.54 26.16
CA VAL D 486 -9.96 -28.28 26.65
C VAL D 486 -9.05 -28.55 27.84
N SER D 487 -7.76 -28.24 27.67
CA SER D 487 -6.82 -28.23 28.78
C SER D 487 -6.88 -26.86 29.42
N ASN D 488 -7.35 -26.79 30.67
CA ASN D 488 -7.72 -25.53 31.32
C ASN D 488 -6.84 -25.31 32.54
N ASP D 489 -5.78 -24.53 32.39
CA ASP D 489 -4.97 -24.09 33.51
C ASP D 489 -5.18 -22.60 33.81
N ASN D 490 -6.36 -22.09 33.45
CA ASN D 490 -6.82 -20.74 33.81
C ASN D 490 -5.74 -19.68 33.56
N GLY D 491 -5.32 -19.60 32.31
CA GLY D 491 -4.36 -18.59 31.90
C GLY D 491 -3.43 -19.13 30.82
N GLY D 492 -2.41 -18.32 30.52
CA GLY D 492 -1.43 -18.70 29.51
C GLY D 492 -0.20 -19.37 30.10
N GLY D 493 -0.18 -20.70 30.06
CA GLY D 493 0.89 -21.46 30.68
C GLY D 493 2.21 -21.41 29.94
N ILE D 494 2.21 -21.01 28.67
CA ILE D 494 3.46 -20.95 27.92
C ILE D 494 4.34 -19.82 28.46
N PHE D 495 3.74 -18.76 29.02
CA PHE D 495 4.51 -17.64 29.55
C PHE D 495 5.28 -18.00 30.81
N GLU D 496 4.89 -19.08 31.50
CA GLU D 496 5.67 -19.57 32.63
C GLU D 496 6.99 -20.19 32.18
N LEU D 497 7.08 -20.62 30.93
CA LEU D 497 8.29 -21.22 30.37
C LEU D 497 9.18 -20.21 29.66
N LEU D 498 8.80 -18.94 29.64
CA LEU D 498 9.57 -17.91 28.96
C LEU D 498 10.34 -17.07 29.98
N GLU D 499 10.97 -15.98 29.51
CA GLU D 499 11.76 -15.14 30.40
C GLU D 499 10.90 -14.40 31.40
N GLN D 500 9.69 -14.00 31.01
CA GLN D 500 8.78 -13.34 31.95
C GLN D 500 8.27 -14.29 33.03
N GLY D 501 8.37 -15.61 32.79
CA GLY D 501 8.06 -16.61 33.78
C GLY D 501 9.16 -16.90 34.77
N ASP D 502 10.25 -16.15 34.71
CA ASP D 502 11.33 -16.29 35.68
C ASP D 502 10.83 -15.82 37.06
N PRO D 503 11.21 -16.51 38.13
CA PRO D 503 10.66 -16.18 39.46
C PRO D 503 10.93 -14.74 39.92
N ARG D 504 11.83 -14.00 39.28
CA ARG D 504 12.06 -12.61 39.67
C ARG D 504 11.01 -11.66 39.12
N PHE D 505 10.17 -12.11 38.18
CA PHE D 505 9.01 -11.36 37.72
C PHE D 505 7.72 -11.92 38.31
N SER D 506 7.79 -12.57 39.48
CA SER D 506 6.64 -13.30 39.99
C SER D 506 5.49 -12.39 40.37
N ASP D 507 5.77 -11.16 40.81
CA ASP D 507 4.73 -10.25 41.28
C ASP D 507 4.32 -9.24 40.23
N VAL D 508 4.96 -9.21 39.07
CA VAL D 508 4.57 -8.32 37.98
C VAL D 508 3.96 -9.07 36.80
N SER D 509 4.17 -10.38 36.69
CA SER D 509 3.76 -11.15 35.54
C SER D 509 2.39 -11.79 35.68
N SER D 510 1.70 -11.60 36.81
CA SER D 510 0.37 -12.17 36.96
C SER D 510 -0.62 -11.47 36.04
N ARG D 511 -0.66 -10.13 36.10
CA ARG D 511 -1.61 -9.38 35.30
C ARG D 511 -1.35 -9.55 33.81
N ILE D 512 -0.11 -9.27 33.38
CA ILE D 512 0.17 -8.99 31.98
C ILE D 512 0.55 -10.20 31.16
N PHE D 513 0.75 -11.37 31.79
CA PHE D 513 1.09 -12.57 31.03
C PHE D 513 0.17 -13.73 31.39
N GLY D 514 -0.04 -13.97 32.69
CA GLY D 514 -0.88 -15.05 33.15
C GLY D 514 -2.34 -14.86 32.77
N THR D 515 -2.91 -13.73 33.19
CA THR D 515 -4.29 -13.33 32.93
C THR D 515 -5.28 -14.45 33.26
N PRO D 516 -5.56 -14.71 34.54
CA PRO D 516 -6.67 -15.61 34.87
C PRO D 516 -7.99 -14.99 34.46
N HIS D 517 -8.96 -15.85 34.13
CA HIS D 517 -10.26 -15.41 33.67
C HIS D 517 -11.43 -15.95 34.50
N ASP D 518 -11.26 -17.08 35.17
CA ASP D 518 -12.27 -17.66 36.05
C ASP D 518 -13.55 -18.04 35.31
N VAL D 519 -13.47 -18.23 34.00
CA VAL D 519 -14.65 -18.50 33.19
C VAL D 519 -15.12 -19.93 33.42
N ASP D 520 -16.40 -20.10 33.68
CA ASP D 520 -17.01 -21.42 33.83
C ASP D 520 -17.22 -22.00 32.44
N VAL D 521 -16.30 -22.88 32.02
CA VAL D 521 -16.38 -23.46 30.68
C VAL D 521 -17.65 -24.29 30.52
N GLY D 522 -18.00 -25.07 31.55
CA GLY D 522 -19.17 -25.94 31.44
C GLY D 522 -20.45 -25.17 31.20
N ALA D 523 -20.62 -24.03 31.88
CA ALA D 523 -21.82 -23.22 31.68
C ALA D 523 -21.82 -22.60 30.29
N LEU D 524 -20.66 -22.12 29.83
CA LEU D 524 -20.57 -21.50 28.51
C LEU D 524 -21.01 -22.48 27.42
N CYS D 525 -20.66 -23.76 27.56
CA CYS D 525 -21.07 -24.75 26.57
C CYS D 525 -22.57 -24.99 26.61
N ARG D 526 -23.13 -25.12 27.82
CA ARG D 526 -24.56 -25.36 27.94
C ARG D 526 -25.37 -24.18 27.41
N ALA D 527 -24.88 -22.96 27.63
CA ALA D 527 -25.54 -21.78 27.06
C ALA D 527 -25.64 -21.87 25.55
N TYR D 528 -24.65 -22.49 24.91
CA TYR D 528 -24.62 -22.65 23.46
C TYR D 528 -25.23 -23.98 23.02
N HIS D 529 -25.87 -24.71 23.92
CA HIS D 529 -26.52 -25.99 23.60
C HIS D 529 -25.51 -27.00 23.06
N VAL D 530 -24.42 -27.17 23.78
CA VAL D 530 -23.36 -28.09 23.41
C VAL D 530 -23.01 -28.93 24.64
N GLU D 531 -22.92 -30.25 24.45
CA GLU D 531 -22.59 -31.15 25.55
C GLU D 531 -21.21 -30.83 26.10
N SER D 532 -21.11 -30.82 27.43
CA SER D 532 -19.85 -30.58 28.12
C SER D 532 -19.73 -31.53 29.31
N ARG D 533 -18.50 -31.88 29.64
CA ARG D 533 -18.23 -32.77 30.76
C ARG D 533 -16.85 -32.48 31.32
N GLN D 534 -16.77 -32.31 32.64
CA GLN D 534 -15.50 -32.14 33.32
C GLN D 534 -14.99 -33.51 33.74
N ILE D 535 -13.90 -33.95 33.11
CA ILE D 535 -13.30 -35.24 33.39
C ILE D 535 -11.85 -35.05 33.81
N GLU D 536 -11.30 -36.09 34.42
CA GLU D 536 -9.89 -36.08 34.81
C GLU D 536 -9.03 -36.68 33.71
N VAL D 537 -7.71 -36.58 33.90
CA VAL D 537 -6.78 -37.01 32.85
C VAL D 537 -6.89 -38.51 32.60
N ASP D 538 -7.23 -39.29 33.64
CA ASP D 538 -7.28 -40.74 33.48
C ASP D 538 -8.49 -41.22 32.71
N GLU D 539 -9.63 -40.53 32.83
CA GLU D 539 -10.82 -40.90 32.08
C GLU D 539 -10.84 -40.34 30.67
N LEU D 540 -9.80 -39.60 30.27
CA LEU D 540 -9.76 -38.99 28.95
C LEU D 540 -9.90 -40.04 27.85
N GLY D 541 -9.03 -41.03 27.86
CA GLY D 541 -9.04 -42.10 26.88
C GLY D 541 -10.39 -42.78 26.76
N PRO D 542 -10.82 -43.47 27.84
CA PRO D 542 -12.11 -44.18 27.79
C PRO D 542 -13.28 -43.31 27.35
N THR D 543 -13.38 -42.08 27.87
CA THR D 543 -14.43 -41.17 27.43
C THR D 543 -14.32 -40.89 25.93
N LEU D 544 -13.09 -40.69 25.44
CA LEU D 544 -12.89 -40.42 24.02
C LEU D 544 -13.29 -41.63 23.18
N ASP D 545 -12.95 -42.84 23.64
CA ASP D 545 -13.35 -44.04 22.90
C ASP D 545 -14.86 -44.17 22.83
N GLN D 546 -15.57 -43.66 23.82
CA GLN D 546 -17.02 -43.74 23.84
C GLN D 546 -17.62 -42.88 22.75
N PRO D 547 -18.36 -43.45 21.79
CA PRO D 547 -19.04 -42.61 20.80
C PRO D 547 -20.11 -41.77 21.48
N GLY D 548 -20.13 -40.48 21.15
CA GLY D 548 -21.07 -39.56 21.76
C GLY D 548 -21.77 -38.65 20.78
N ALA D 549 -22.29 -37.53 21.28
CA ALA D 549 -22.98 -36.56 20.43
C ALA D 549 -22.03 -36.01 19.37
N GLY D 550 -22.61 -35.39 18.35
CA GLY D 550 -21.79 -34.84 17.27
C GLY D 550 -20.75 -33.86 17.76
N MET D 551 -21.10 -33.06 18.76
CA MET D 551 -20.18 -32.09 19.35
C MET D 551 -20.15 -32.30 20.86
N ARG D 552 -18.98 -32.61 21.40
CA ARG D 552 -18.77 -32.72 22.83
C ARG D 552 -17.53 -31.91 23.20
N VAL D 553 -17.62 -31.18 24.30
CA VAL D 553 -16.49 -30.46 24.87
C VAL D 553 -16.10 -31.14 26.18
N LEU D 554 -14.88 -31.65 26.24
CA LEU D 554 -14.33 -32.30 27.43
C LEU D 554 -13.36 -31.35 28.09
N GLU D 555 -13.66 -30.96 29.32
CA GLU D 555 -12.81 -30.04 30.08
C GLU D 555 -12.00 -30.84 31.09
N VAL D 556 -10.69 -30.62 31.10
CA VAL D 556 -9.79 -31.25 32.06
C VAL D 556 -9.05 -30.14 32.79
N LYS D 557 -9.20 -30.08 34.11
CA LYS D 557 -8.48 -29.10 34.91
C LYS D 557 -6.98 -29.39 34.85
N ALA D 558 -6.18 -28.33 34.78
CA ALA D 558 -4.74 -28.45 34.67
C ALA D 558 -4.07 -27.36 35.49
N ASP D 559 -2.84 -27.61 35.90
CA ASP D 559 -2.06 -26.69 36.70
C ASP D 559 -0.95 -26.05 35.85
N ARG D 560 -0.73 -24.75 36.06
CA ARG D 560 0.37 -24.06 35.41
C ARG D 560 1.35 -23.43 36.38
N SER D 561 1.08 -23.48 37.69
CA SER D 561 2.02 -22.96 38.67
C SER D 561 3.25 -23.83 38.82
N SER D 562 3.16 -25.11 38.46
CA SER D 562 4.27 -26.04 38.54
C SER D 562 4.86 -26.37 37.18
N LEU D 563 4.44 -25.66 36.12
CA LEU D 563 4.90 -25.99 34.77
C LEU D 563 6.39 -25.71 34.61
N ARG D 564 6.88 -24.61 35.19
CA ARG D 564 8.30 -24.30 35.06
C ARG D 564 9.17 -25.30 35.84
N GLN D 565 8.63 -25.89 36.91
CA GLN D 565 9.38 -26.91 37.64
C GLN D 565 9.41 -28.23 36.86
N LEU D 566 8.30 -28.57 36.19
CA LEU D 566 8.23 -29.84 35.49
C LEU D 566 9.14 -29.83 34.27
N HIS D 567 9.22 -28.71 33.55
CA HIS D 567 10.10 -28.62 32.40
C HIS D 567 11.57 -28.53 32.80
N ALA D 568 11.85 -28.02 34.00
CA ALA D 568 13.22 -28.01 34.51
C ALA D 568 13.65 -29.38 35.00
N ALA D 569 12.70 -30.17 35.52
CA ALA D 569 13.03 -31.52 35.95
C ALA D 569 13.28 -32.43 34.75
N ILE D 570 12.54 -32.23 33.67
CA ILE D 570 12.80 -32.97 32.43
C ILE D 570 14.16 -32.59 31.85
N LYS D 571 14.52 -31.31 31.94
CA LYS D 571 15.80 -30.85 31.40
C LYS D 571 16.96 -31.46 32.16
N ALA D 572 16.87 -31.50 33.50
CA ALA D 572 17.96 -32.03 34.31
C ALA D 572 18.09 -33.55 34.18
N ALA D 573 17.03 -34.23 33.77
CA ALA D 573 17.05 -35.68 33.60
C ALA D 573 17.57 -36.11 32.25
N LEU D 574 18.09 -35.18 31.44
CA LEU D 574 18.61 -35.52 30.12
C LEU D 574 20.14 -35.67 30.15
C1 EDO E . 3.54 -15.72 -21.57
O1 EDO E . 4.35 -14.65 -21.08
C2 EDO E . 2.35 -15.74 -20.65
O2 EDO E . 2.06 -14.36 -20.46
C1 EDO F . 22.94 17.57 -1.03
O1 EDO F . 22.77 17.23 0.35
C2 EDO F . 22.46 16.41 -1.89
O2 EDO F . 22.97 16.56 -3.23
CL CL G . 8.81 3.38 -32.99
CL CL H . 29.57 11.45 4.70
N1' TPP I . 17.81 12.84 -9.74
C2' TPP I . 16.78 13.63 -9.40
CM2 TPP I . 15.50 13.44 -10.14
N3' TPP I . 16.81 14.56 -8.44
C4' TPP I . 17.95 14.73 -7.76
N4' TPP I . 17.96 15.67 -6.81
C5' TPP I . 19.11 13.95 -8.05
C6' TPP I . 18.94 13.02 -9.06
C7' TPP I . 20.42 14.09 -7.33
N3 TPP I . 21.08 15.39 -7.55
C2 TPP I . 20.99 16.41 -6.73
S1 TPP I . 21.86 17.74 -7.26
C5 TPP I . 22.38 16.89 -8.67
C4 TPP I . 21.87 15.64 -8.67
CM4 TPP I . 22.09 14.59 -9.71
C6 TPP I . 23.27 17.55 -9.68
C7 TPP I . 22.54 18.53 -10.56
O7 TPP I . 23.49 19.18 -11.43
PA TPP I . 23.22 20.53 -12.20
O1A TPP I . 21.79 20.63 -12.56
O2A TPP I . 24.20 20.62 -13.35
O3A TPP I . 23.66 21.63 -11.13
PB TPP I . 24.98 22.18 -10.44
O1B TPP I . 26.19 21.69 -11.16
O2B TPP I . 24.82 23.69 -10.45
O3B TPP I . 24.88 21.68 -8.99
O1A DNA J . 5.00 23.72 5.96
O1B DNA J . 4.76 23.68 3.77
O1C DNA J . 5.17 18.82 2.53
O1D DNA J . 5.82 21.75 7.28
C1E DNA J . 6.37 16.78 6.06
C1F DNA J . 6.53 17.49 7.26
C1G DNA J . 5.97 17.42 4.89
C1H DNA J . 6.32 18.87 7.31
C1I DNA J . 5.11 20.89 3.71
C1J DNA J . 4.99 23.11 4.86
C1K DNA J . 5.33 19.51 3.68
C1L DNA J . 5.26 21.64 4.88
C1M DNA J . 5.67 21.00 6.16
C1N DNA J . 5.75 18.79 4.90
C1O DNA J . 5.93 19.54 6.17
C1 EDO K . 1.33 33.63 -6.37
O1 EDO K . 1.34 34.64 -7.38
C2 EDO K . 2.25 34.05 -5.24
O2 EDO K . 2.47 32.95 -4.35
MG MG L . 26.19 21.53 -13.41
CL CL M . 18.63 20.73 -3.83
C1 EDO N . -18.58 14.20 9.57
O1 EDO N . -18.31 13.61 10.86
C2 EDO N . -19.47 15.43 9.73
O2 EDO N . -18.98 16.18 10.84
CL CL O . -44.83 23.33 6.09
CL CL P . -28.11 -3.94 19.46
N1' TPP Q . -3.19 -13.14 20.15
C2' TPP Q . -3.35 -13.98 19.13
CM2 TPP Q . -4.53 -13.77 18.23
N3' TPP Q . -2.53 -15.01 18.83
C4' TPP Q . -1.48 -15.22 19.63
N4' TPP Q . -0.67 -16.24 19.33
C5' TPP Q . -1.22 -14.37 20.75
C6' TPP Q . -2.13 -13.36 20.94
C7' TPP Q . -0.03 -14.52 21.66
N3 TPP Q . -0.06 -15.77 22.46
C2 TPP Q . 0.69 -16.83 22.18
S1 TPP Q . 0.41 -18.09 23.25
C5 TPP Q . -0.75 -17.15 24.12
C4 TPP Q . -0.89 -15.93 23.57
CM4 TPP Q . -1.79 -14.83 24.03
C6 TPP Q . -1.48 -17.72 25.28
C7 TPP Q . -2.49 -18.75 24.87
O7 TPP Q . -2.98 -19.42 26.05
PA TPP Q . -3.80 -20.78 26.03
O1A TPP Q . -4.61 -20.90 24.80
O2A TPP Q . -4.58 -20.89 27.32
O3A TPP Q . -2.65 -21.86 26.13
PB TPP Q . -1.61 -22.46 27.17
O1B TPP Q . -1.86 -22.06 28.60
O2B TPP Q . -1.69 -23.99 26.93
O3B TPP Q . -0.25 -21.97 26.66
O1A DNA R . 7.16 -24.02 2.86
O1B DNA R . 5.08 -24.00 3.53
O1C DNA R . 3.91 -19.19 4.18
O1D DNA R . 8.71 -22.01 3.30
C1E DNA R . 7.63 -17.05 4.18
C1F DNA R . 8.82 -17.74 3.96
C1G DNA R . 6.40 -17.71 4.19
C1H DNA R . 8.84 -19.12 3.74
C1I DNA R . 5.07 -21.22 3.75
C1J DNA R . 6.16 -23.42 3.29
C1K DNA R . 5.09 -19.84 3.98
C1L DNA R . 6.25 -21.95 3.53
C1M DNA R . 7.58 -21.28 3.51
C1N DNA R . 6.37 -19.09 3.97
C1O DNA R . 7.64 -19.82 3.74
MG MG S . -3.87 -22.22 29.51
#